data_7C89
#
_entry.id   7C89
#
_cell.length_a   76.035
_cell.length_b   102.986
_cell.length_c   105.169
_cell.angle_alpha   106.002
_cell.angle_beta   104.756
_cell.angle_gamma   92.548
#
_symmetry.space_group_name_H-M   'P 1'
#
loop_
_entity.id
_entity.type
_entity.pdbx_description
1 polymer Peroxiredoxin
2 non-polymer 'CITRATE ANION'
3 non-polymer 2-bromanyl-1-phenyl-ethanone
4 water water
#
_entity_poly.entity_id   1
_entity_poly.type   'polypeptide(L)'
_entity_poly.pdbx_seq_one_letter_code
;MPGSIPLIGERFPEMEVTTDHGVIKLPDHYVSQGKWFVLFSHPADFTPVSTTEFVSFARRYEDFQRLGVDLIGLSVDSVC
SHIKWKEWIERHIGVRIPFPIIADPQGTVARRLGLLHAESATHTVRGVFIVDARGVIRTMLYYPMELGRLVDEILRIVKA
LKLGDSLKRAVPADWPNNEIIGEGLIVPPPTTEDQARARMESGQYRSLDWWFSWDTPASRDDVEEARRYLRRAAEKPAKL
LYEEARTHLH
;
_entity_poly.pdbx_strand_id   A,B,C,D,E,F,G,H,I,J
#
loop_
_chem_comp.id
_chem_comp.type
_chem_comp.name
_chem_comp.formula
FL0 non-polymer 2-bromanyl-1-phenyl-ethanone 'C8 H7 Br O'
FLC non-polymer 'CITRATE ANION' 'C6 H5 O7 -3'
#
# COMPACT_ATOMS: atom_id res chain seq x y z
N PRO A 2 4.28 -3.45 26.59
CA PRO A 2 3.08 -3.16 25.77
C PRO A 2 2.19 -1.99 26.24
N GLY A 3 2.80 -0.82 26.52
CA GLY A 3 2.10 0.46 26.72
C GLY A 3 3.01 1.66 26.47
N SER A 4 2.45 2.83 26.20
CA SER A 4 3.18 4.08 25.84
C SER A 4 3.00 5.14 26.96
N ILE A 5 4.05 5.90 27.27
CA ILE A 5 4.00 6.98 28.30
C ILE A 5 4.59 8.28 27.73
N PRO A 6 4.22 9.44 28.32
CA PRO A 6 4.94 10.69 28.05
C PRO A 6 6.21 10.57 28.90
N LEU A 7 7.22 11.41 28.68
CA LEU A 7 8.56 11.17 29.29
C LEU A 7 9.04 12.37 30.12
N ILE A 8 9.90 12.09 31.09
CA ILE A 8 10.60 13.12 31.89
C ILE A 8 11.30 14.04 30.91
N GLY A 9 11.18 15.34 31.11
CA GLY A 9 11.75 16.37 30.22
C GLY A 9 10.79 16.73 29.11
N GLU A 10 9.73 15.96 28.87
CA GLU A 10 8.72 16.38 27.87
C GLU A 10 7.76 17.36 28.57
N ARG A 11 7.16 18.23 27.79
CA ARG A 11 6.04 19.07 28.24
C ARG A 11 4.88 18.11 28.52
N PHE A 12 4.15 18.29 29.62
CA PHE A 12 2.94 17.50 29.88
C PHE A 12 2.00 17.72 28.69
N PRO A 13 1.39 16.68 28.12
CA PRO A 13 0.61 16.87 26.91
C PRO A 13 -0.60 17.81 27.13
N GLU A 14 -0.73 18.80 26.24
CA GLU A 14 -1.93 19.66 26.10
C GLU A 14 -3.20 18.80 26.13
N MET A 15 -4.09 19.09 27.06
CA MET A 15 -5.39 18.39 27.11
C MET A 15 -6.33 19.25 27.93
N GLU A 16 -7.60 19.24 27.55
CA GLU A 16 -8.71 19.79 28.35
C GLU A 16 -9.29 18.62 29.15
N VAL A 17 -9.45 18.78 30.45
CA VAL A 17 -9.98 17.70 31.32
C VAL A 17 -11.15 18.28 32.09
N THR A 18 -12.10 17.43 32.40
CA THR A 18 -13.25 17.70 33.29
C THR A 18 -12.88 17.23 34.69
N THR A 19 -12.94 18.12 35.67
CA THR A 19 -12.73 17.80 37.10
C THR A 19 -14.03 18.12 37.83
N ASP A 20 -14.12 17.70 39.08
CA ASP A 20 -15.28 18.04 39.95
C ASP A 20 -15.22 19.53 40.37
N HIS A 21 -14.22 20.31 39.93
CA HIS A 21 -14.13 21.79 40.10
C HIS A 21 -14.39 22.52 38.78
N GLY A 22 -14.44 21.82 37.65
CA GLY A 22 -14.71 22.47 36.35
C GLY A 22 -13.76 21.93 35.29
N VAL A 23 -13.75 22.60 34.16
CA VAL A 23 -12.96 22.19 32.97
C VAL A 23 -11.69 23.01 33.01
N ILE A 24 -10.55 22.35 32.92
CA ILE A 24 -9.26 23.07 32.87
C ILE A 24 -8.41 22.48 31.75
N LYS A 25 -7.47 23.29 31.28
CA LYS A 25 -6.44 22.92 30.29
C LYS A 25 -5.17 22.62 31.10
N LEU A 26 -4.60 21.43 30.93
CA LEU A 26 -3.28 21.08 31.50
C LEU A 26 -2.24 21.19 30.39
N PRO A 27 -0.99 21.59 30.68
CA PRO A 27 -0.59 22.08 32.00
C PRO A 27 -0.87 23.57 32.25
N ASP A 28 -1.49 24.22 31.27
CA ASP A 28 -1.68 25.70 31.19
C ASP A 28 -2.28 26.25 32.48
N HIS A 29 -3.32 25.61 33.00
CA HIS A 29 -4.04 26.06 34.19
C HIS A 29 -3.05 26.30 35.34
N TYR A 30 -2.00 25.49 35.45
CA TYR A 30 -1.02 25.58 36.57
C TYR A 30 0.15 26.48 36.18
N VAL A 31 0.64 26.38 34.94
CA VAL A 31 1.73 27.22 34.40
C VAL A 31 1.38 28.71 34.56
N SER A 32 0.14 29.09 34.27
CA SER A 32 -0.30 30.51 34.22
C SER A 32 -0.29 31.08 35.65
N GLN A 33 -0.25 30.19 36.66
CA GLN A 33 -0.21 30.53 38.09
C GLN A 33 1.19 30.39 38.68
N GLY A 34 2.17 29.90 37.90
CA GLY A 34 3.52 29.63 38.39
C GLY A 34 3.53 28.43 39.32
N LYS A 35 2.50 27.59 39.25
CA LYS A 35 2.37 26.43 40.17
C LYS A 35 2.95 25.16 39.52
N TRP A 36 3.63 24.36 40.32
CA TRP A 36 3.86 22.92 40.04
C TRP A 36 2.54 22.18 40.26
N PHE A 37 2.39 21.01 39.68
CA PHE A 37 1.26 20.13 40.02
C PHE A 37 1.70 18.69 40.05
N VAL A 38 1.10 17.98 40.97
CA VAL A 38 1.21 16.50 41.08
C VAL A 38 -0.11 15.96 40.58
N LEU A 39 -0.08 15.29 39.44
CA LEU A 39 -1.23 14.56 38.91
C LEU A 39 -1.02 13.13 39.33
N PHE A 40 -2.00 12.59 40.03
CA PHE A 40 -1.96 11.20 40.51
C PHE A 40 -3.32 10.59 40.18
N SER A 41 -3.29 9.29 39.94
CA SER A 41 -4.47 8.50 39.54
C SER A 41 -4.75 7.44 40.59
N HIS A 42 -5.97 6.96 40.60
CA HIS A 42 -6.42 5.86 41.47
C HIS A 42 -7.46 5.07 40.68
N PRO A 43 -7.53 3.74 40.91
CA PRO A 43 -8.42 2.85 40.15
C PRO A 43 -9.88 3.31 40.12
N ALA A 44 -10.50 3.60 41.26
CA ALA A 44 -11.93 3.94 41.33
C ALA A 44 -12.26 4.59 42.65
N ASP A 45 -13.31 5.40 42.63
CA ASP A 45 -13.92 6.04 43.81
C ASP A 45 -14.52 4.93 44.68
N PHE A 46 -14.64 5.18 45.98
CA PHE A 46 -15.17 4.18 46.93
C PHE A 46 -14.36 2.89 46.84
N THR A 47 -13.03 3.05 46.75
CA THR A 47 -12.07 1.98 47.04
C THR A 47 -11.19 2.39 48.23
N PRO A 48 -10.83 1.39 49.06
CA PRO A 48 -10.17 1.64 50.33
C PRO A 48 -8.72 2.16 50.22
N VAL A 49 -7.83 1.55 49.46
CA VAL A 49 -6.44 2.11 49.36
C VAL A 49 -6.54 3.54 48.84
N SER A 50 -7.35 3.75 47.81
CA SER A 50 -7.52 5.08 47.19
C SER A 50 -7.99 6.08 48.25
N THR A 51 -8.98 5.71 49.06
CA THR A 51 -9.46 6.58 50.15
C THR A 51 -8.28 6.96 51.07
N THR A 52 -7.46 6.00 51.49
CA THR A 52 -6.32 6.26 52.41
C THR A 52 -5.41 7.28 51.74
N GLU A 53 -5.22 7.17 50.42
CA GLU A 53 -4.29 8.04 49.69
C GLU A 53 -4.87 9.43 49.63
N PHE A 54 -6.16 9.59 49.31
CA PHE A 54 -6.78 10.93 49.30
C PHE A 54 -6.68 11.58 50.68
N VAL A 55 -6.86 10.82 51.75
CA VAL A 55 -6.76 11.42 53.12
C VAL A 55 -5.30 11.85 53.38
N SER A 56 -4.31 11.04 53.00
CA SER A 56 -2.86 11.35 53.14
C SER A 56 -2.49 12.63 52.37
N PHE A 57 -2.90 12.75 51.10
CA PHE A 57 -2.75 13.98 50.28
C PHE A 57 -3.44 15.18 50.97
N ALA A 58 -4.66 15.01 51.45
CA ALA A 58 -5.46 16.12 52.04
C ALA A 58 -4.77 16.64 53.32
N ARG A 59 -4.30 15.72 54.16
CA ARG A 59 -3.49 16.01 55.37
C ARG A 59 -2.20 16.76 55.02
N ARG A 60 -1.58 16.51 53.85
CA ARG A 60 -0.34 17.22 53.41
C ARG A 60 -0.64 18.38 52.46
N TYR A 61 -1.91 18.74 52.25
CA TYR A 61 -2.33 19.77 51.26
C TYR A 61 -1.58 21.09 51.50
N GLU A 62 -1.52 21.54 52.75
CA GLU A 62 -0.85 22.82 53.10
C GLU A 62 0.67 22.69 52.89
N ASP A 63 1.29 21.55 53.17
CA ASP A 63 2.73 21.33 52.83
C ASP A 63 2.97 21.49 51.30
N PHE A 64 2.07 20.95 50.47
CA PHE A 64 2.13 21.12 49.00
C PHE A 64 1.92 22.60 48.68
N GLN A 65 0.89 23.21 49.27
CA GLN A 65 0.53 24.64 49.01
C GLN A 65 1.75 25.50 49.38
N ARG A 66 2.42 25.21 50.49
CA ARG A 66 3.61 25.96 50.96
C ARG A 66 4.71 25.91 49.90
N LEU A 67 4.89 24.79 49.17
CA LEU A 67 5.91 24.64 48.10
C LEU A 67 5.45 25.23 46.77
N GLY A 68 4.21 25.69 46.66
CA GLY A 68 3.65 26.17 45.37
C GLY A 68 3.32 24.99 44.47
N VAL A 69 2.73 23.94 45.04
CA VAL A 69 2.37 22.72 44.29
C VAL A 69 0.87 22.49 44.50
N ASP A 70 0.12 22.37 43.42
CA ASP A 70 -1.31 22.00 43.45
C ASP A 70 -1.41 20.47 43.27
N LEU A 71 -2.52 19.91 43.71
CA LEU A 71 -2.79 18.46 43.59
C LEU A 71 -3.98 18.31 42.65
N ILE A 72 -3.94 17.29 41.81
CA ILE A 72 -5.09 16.92 40.95
C ILE A 72 -5.13 15.39 40.83
N GLY A 73 -6.24 14.81 41.24
CA GLY A 73 -6.48 13.35 41.11
C GLY A 73 -7.03 12.98 39.74
N LEU A 74 -7.20 11.68 39.51
CA LEU A 74 -7.69 11.11 38.22
C LEU A 74 -8.19 9.70 38.48
N SER A 75 -9.42 9.42 38.05
CA SER A 75 -9.94 8.05 37.85
C SER A 75 -10.95 8.08 36.69
N VAL A 76 -11.37 6.89 36.26
CA VAL A 76 -12.33 6.69 35.16
C VAL A 76 -13.78 6.91 35.63
N ASP A 77 -13.99 7.20 36.92
CA ASP A 77 -15.32 7.54 37.45
C ASP A 77 -15.76 8.95 36.97
N SER A 78 -17.06 9.18 37.04
CA SER A 78 -17.77 10.41 36.64
C SER A 78 -17.64 11.47 37.76
N VAL A 79 -17.88 12.74 37.44
CA VAL A 79 -17.81 13.86 38.43
C VAL A 79 -18.77 13.58 39.59
N CYS A 80 -20.00 13.16 39.32
CA CYS A 80 -21.01 12.96 40.39
C CYS A 80 -20.47 11.96 41.42
N SER A 81 -19.86 10.86 40.98
CA SER A 81 -19.20 9.86 41.87
C SER A 81 -18.08 10.52 42.66
N HIS A 82 -17.22 11.33 42.03
CA HIS A 82 -16.15 12.08 42.74
C HIS A 82 -16.75 12.88 43.89
N ILE A 83 -17.85 13.60 43.65
CA ILE A 83 -18.46 14.51 44.65
C ILE A 83 -19.07 13.64 45.76
N LYS A 84 -19.79 12.58 45.37
CA LYS A 84 -20.39 11.66 46.37
C LYS A 84 -19.29 11.02 47.22
N TRP A 85 -18.17 10.68 46.62
CA TRP A 85 -17.04 10.02 47.35
C TRP A 85 -16.43 11.02 48.31
N LYS A 86 -16.22 12.25 47.86
CA LYS A 86 -15.69 13.32 48.74
C LYS A 86 -16.64 13.57 49.90
N GLU A 87 -17.95 13.59 49.66
CA GLU A 87 -18.96 13.79 50.75
C GLU A 87 -18.77 12.67 51.78
N TRP A 88 -18.59 11.42 51.32
CA TRP A 88 -18.42 10.21 52.17
C TRP A 88 -17.17 10.34 53.03
N ILE A 89 -16.03 10.63 52.41
CA ILE A 89 -14.76 10.89 53.16
C ILE A 89 -15.00 11.98 54.23
N GLU A 90 -15.59 13.12 53.87
CA GLU A 90 -15.80 14.24 54.81
C GLU A 90 -16.66 13.76 55.98
N ARG A 91 -17.78 13.11 55.67
CA ARG A 91 -18.79 12.64 56.65
C ARG A 91 -18.23 11.50 57.52
N HIS A 92 -17.53 10.52 56.96
CA HIS A 92 -17.14 9.32 57.73
C HIS A 92 -15.72 9.43 58.29
N ILE A 93 -14.82 10.16 57.63
CA ILE A 93 -13.40 10.23 58.08
C ILE A 93 -13.12 11.60 58.71
N GLY A 94 -13.93 12.61 58.44
CA GLY A 94 -13.76 13.94 59.03
C GLY A 94 -12.76 14.76 58.24
N VAL A 95 -12.40 14.32 57.03
CA VAL A 95 -11.37 15.02 56.21
C VAL A 95 -12.01 15.51 54.92
N ARG A 96 -11.93 16.81 54.66
CA ARG A 96 -12.37 17.44 53.39
C ARG A 96 -11.26 17.30 52.34
N ILE A 97 -11.61 16.86 51.14
CA ILE A 97 -10.64 16.79 50.02
C ILE A 97 -10.79 18.10 49.26
N PRO A 98 -9.82 19.06 49.38
CA PRO A 98 -10.01 20.38 48.77
C PRO A 98 -9.55 20.46 47.30
N PHE A 99 -8.85 19.44 46.80
CA PHE A 99 -8.24 19.50 45.45
C PHE A 99 -9.16 18.77 44.47
N PRO A 100 -9.05 19.11 43.18
CA PRO A 100 -9.92 18.53 42.17
C PRO A 100 -9.48 17.12 41.78
N ILE A 101 -10.43 16.38 41.24
CA ILE A 101 -10.26 15.02 40.70
C ILE A 101 -10.76 15.08 39.25
N ILE A 102 -9.91 14.67 38.31
CA ILE A 102 -10.32 14.48 36.91
C ILE A 102 -11.30 13.31 36.83
N ALA A 103 -12.36 13.49 36.04
CA ALA A 103 -13.28 12.43 35.60
C ALA A 103 -12.85 12.01 34.19
N ASP A 104 -12.47 10.74 34.00
CA ASP A 104 -11.95 10.21 32.73
C ASP A 104 -12.74 8.98 32.29
N PRO A 105 -14.09 9.02 32.23
CA PRO A 105 -14.89 7.83 31.89
C PRO A 105 -14.55 7.08 30.60
N GLN A 106 -13.93 7.68 29.61
CA GLN A 106 -13.62 6.79 28.45
C GLN A 106 -12.15 6.36 28.52
N GLY A 107 -11.43 6.76 29.58
CA GLY A 107 -9.99 6.48 29.74
C GLY A 107 -9.14 7.26 28.76
N THR A 108 -9.66 8.32 28.13
CA THR A 108 -8.90 9.19 27.20
C THR A 108 -7.61 9.68 27.89
N VAL A 109 -7.72 10.25 29.09
CA VAL A 109 -6.53 10.76 29.81
C VAL A 109 -5.62 9.59 30.24
N ALA A 110 -6.18 8.52 30.79
CA ALA A 110 -5.43 7.32 31.22
C ALA A 110 -4.53 6.81 30.08
N ARG A 111 -5.06 6.66 28.87
CA ARG A 111 -4.29 6.08 27.75
C ARG A 111 -3.19 7.08 27.37
N ARG A 112 -3.51 8.36 27.31
CA ARG A 112 -2.53 9.41 26.97
C ARG A 112 -1.34 9.30 27.94
N LEU A 113 -1.63 9.05 29.22
CA LEU A 113 -0.60 9.09 30.29
C LEU A 113 -0.06 7.71 30.62
N GLY A 114 -0.49 6.64 29.94
CA GLY A 114 0.03 5.28 30.19
C GLY A 114 -0.38 4.73 31.55
N LEU A 115 -1.59 5.01 32.01
CA LEU A 115 -2.04 4.70 33.38
C LEU A 115 -2.81 3.39 33.39
N LEU A 116 -3.05 2.81 32.23
CA LEU A 116 -3.75 1.50 32.15
C LEU A 116 -2.67 0.44 32.01
N HIS A 117 -2.37 -0.31 33.04
CA HIS A 117 -1.34 -1.38 32.99
C HIS A 117 -2.06 -2.76 32.93
N ALA A 118 -1.30 -3.84 32.97
CA ALA A 118 -1.82 -5.20 32.75
C ALA A 118 -2.67 -5.62 33.94
N GLU A 119 -2.45 -5.04 35.13
CA GLU A 119 -3.22 -5.39 36.34
C GLU A 119 -4.70 -5.11 36.13
N SER A 120 -5.06 -4.17 35.27
CA SER A 120 -6.49 -3.95 34.95
C SER A 120 -6.65 -3.26 33.59
N ALA A 121 -7.54 -3.78 32.75
CA ALA A 121 -7.85 -3.19 31.43
C ALA A 121 -8.78 -1.99 31.63
N THR A 122 -9.44 -1.87 32.77
CA THR A 122 -10.55 -0.90 32.95
C THR A 122 -10.22 0.22 33.94
N HIS A 123 -9.34 -0.04 34.92
CA HIS A 123 -9.03 0.91 35.99
C HIS A 123 -7.53 1.21 36.01
N THR A 124 -7.28 2.48 36.19
CA THR A 124 -5.94 3.10 36.23
C THR A 124 -5.19 2.47 37.41
N VAL A 125 -3.91 2.19 37.25
CA VAL A 125 -3.01 2.00 38.42
C VAL A 125 -2.80 3.36 39.11
N ARG A 126 -1.85 3.39 40.05
CA ARG A 126 -1.60 4.52 40.98
C ARG A 126 -0.43 5.31 40.40
N GLY A 127 -0.70 6.08 39.35
CA GLY A 127 0.33 6.89 38.68
C GLY A 127 0.54 8.20 39.41
N VAL A 128 1.72 8.77 39.26
CA VAL A 128 2.08 10.10 39.81
C VAL A 128 2.94 10.78 38.75
N PHE A 129 2.48 11.93 38.27
CA PHE A 129 3.23 12.84 37.39
C PHE A 129 3.53 14.09 38.21
N ILE A 130 4.81 14.40 38.36
CA ILE A 130 5.24 15.67 38.98
C ILE A 130 5.65 16.61 37.85
N VAL A 131 4.95 17.71 37.73
CA VAL A 131 5.05 18.68 36.60
C VAL A 131 5.44 20.03 37.18
N ASP A 132 6.51 20.62 36.63
CA ASP A 132 7.04 21.91 37.13
C ASP A 132 6.21 23.07 36.56
N ALA A 133 6.56 24.26 36.98
CA ALA A 133 5.84 25.51 36.67
C ALA A 133 6.03 25.85 35.19
N ARG A 134 6.88 25.16 34.44
CA ARG A 134 6.99 25.38 32.97
C ARG A 134 6.13 24.36 32.26
N GLY A 135 5.52 23.44 33.01
CA GLY A 135 4.66 22.38 32.44
C GLY A 135 5.46 21.18 32.00
N VAL A 136 6.67 21.01 32.52
CA VAL A 136 7.57 19.90 32.12
C VAL A 136 7.44 18.77 33.14
N ILE A 137 7.27 17.55 32.66
CA ILE A 137 7.29 16.32 33.51
C ILE A 137 8.69 16.15 34.13
N ARG A 138 8.76 16.03 35.47
CA ARG A 138 10.05 16.02 36.19
C ARG A 138 10.30 14.63 36.79
N THR A 139 9.22 13.89 37.07
CA THR A 139 9.25 12.58 37.77
C THR A 139 7.91 11.89 37.50
N MET A 140 7.98 10.56 37.32
CA MET A 140 6.82 9.67 37.08
C MET A 140 6.96 8.43 37.94
N LEU A 141 5.93 8.11 38.71
CA LEU A 141 5.88 6.91 39.59
C LEU A 141 4.66 6.08 39.19
N TYR A 142 4.81 4.78 39.15
CA TYR A 142 3.68 3.86 38.91
C TYR A 142 3.66 2.84 40.05
N TYR A 143 2.79 3.11 41.02
CA TYR A 143 2.48 2.15 42.09
C TYR A 143 1.30 1.31 41.62
N PRO A 144 1.18 0.05 42.10
CA PRO A 144 0.16 -0.88 41.62
C PRO A 144 -1.11 -0.75 42.47
N MET A 145 -2.15 -1.48 42.11
CA MET A 145 -3.46 -1.47 42.83
C MET A 145 -3.26 -1.80 44.31
N GLU A 146 -2.40 -2.76 44.62
CA GLU A 146 -2.34 -3.39 45.97
C GLU A 146 -1.48 -2.59 46.96
N LEU A 147 -0.88 -1.48 46.55
CA LEU A 147 0.12 -0.76 47.40
C LEU A 147 -0.16 0.74 47.35
N GLY A 148 -0.61 1.30 48.47
CA GLY A 148 -0.69 2.76 48.66
C GLY A 148 0.66 3.45 48.53
N ARG A 149 0.65 4.71 48.09
CA ARG A 149 1.90 5.50 47.91
C ARG A 149 2.37 5.99 49.28
N LEU A 150 3.63 6.37 49.36
CA LEU A 150 4.24 7.08 50.50
C LEU A 150 4.19 8.55 50.12
N VAL A 151 3.23 9.31 50.63
CA VAL A 151 2.98 10.66 50.08
C VAL A 151 4.13 11.59 50.51
N ASP A 152 4.78 11.35 51.65
CA ASP A 152 5.97 12.14 52.08
C ASP A 152 7.12 12.02 51.08
N GLU A 153 7.26 10.92 50.32
CA GLU A 153 8.30 10.84 49.27
C GLU A 153 7.95 11.79 48.12
N ILE A 154 6.67 11.97 47.82
CA ILE A 154 6.25 12.93 46.74
C ILE A 154 6.59 14.36 47.18
N LEU A 155 6.34 14.68 48.45
CA LEU A 155 6.79 15.98 49.01
C LEU A 155 8.32 16.09 48.93
N ARG A 156 9.07 15.09 49.36
CA ARG A 156 10.56 15.12 49.30
C ARG A 156 11.01 15.37 47.85
N ILE A 157 10.41 14.68 46.87
CA ILE A 157 10.80 14.79 45.44
C ILE A 157 10.59 16.24 45.02
N VAL A 158 9.41 16.79 45.28
CA VAL A 158 9.09 18.14 44.78
C VAL A 158 10.02 19.14 45.46
N LYS A 159 10.25 18.95 46.75
CA LYS A 159 11.09 19.89 47.52
C LYS A 159 12.52 19.82 46.96
N ALA A 160 13.05 18.62 46.72
CA ALA A 160 14.44 18.42 46.23
C ALA A 160 14.59 18.99 44.81
N LEU A 161 13.59 18.80 43.93
CA LEU A 161 13.65 19.28 42.52
C LEU A 161 13.72 20.82 42.51
N LYS A 162 12.83 21.46 43.25
CA LYS A 162 12.78 22.94 43.40
C LYS A 162 14.11 23.51 43.92
N LEU A 163 14.66 22.90 44.94
CA LEU A 163 15.97 23.25 45.56
C LEU A 163 17.04 23.05 44.49
N GLY A 164 17.02 21.92 43.80
CA GLY A 164 17.99 21.67 42.71
C GLY A 164 17.86 22.72 41.63
N ASP A 165 16.62 23.12 41.28
CA ASP A 165 16.38 24.18 40.26
C ASP A 165 16.96 25.52 40.75
N SER A 166 16.63 26.03 41.95
CA SER A 166 17.06 27.41 42.35
C SER A 166 18.55 27.46 42.65
N LEU A 167 19.17 26.39 43.16
CA LEU A 167 20.60 26.37 43.58
C LEU A 167 21.50 25.82 42.46
N LYS A 168 20.91 25.36 41.36
CA LYS A 168 21.65 24.75 40.22
C LYS A 168 22.47 23.57 40.72
N ARG A 169 21.80 22.62 41.37
CA ARG A 169 22.49 21.47 42.00
C ARG A 169 21.71 20.17 41.73
N ALA A 170 22.40 19.06 41.72
CA ALA A 170 21.81 17.70 41.70
C ALA A 170 21.75 17.23 43.16
N VAL A 171 20.83 16.33 43.44
CA VAL A 171 20.46 15.95 44.82
C VAL A 171 20.85 14.51 45.02
N PRO A 172 21.68 14.24 46.04
CA PRO A 172 22.17 12.89 46.29
C PRO A 172 21.04 11.96 46.78
N ALA A 173 21.33 10.68 46.63
CA ALA A 173 20.51 9.59 47.19
C ALA A 173 20.14 9.96 48.63
N ASP A 174 18.85 9.79 48.96
CA ASP A 174 18.35 9.80 50.35
C ASP A 174 18.50 11.20 50.96
N TRP A 175 18.61 12.27 50.14
CA TRP A 175 18.72 13.66 50.64
C TRP A 175 17.43 13.99 51.42
N PRO A 176 17.50 14.72 52.55
CA PRO A 176 18.72 15.36 53.07
C PRO A 176 19.62 14.55 54.02
N ASN A 177 19.50 13.23 54.04
CA ASN A 177 20.26 12.33 54.93
C ASN A 177 21.15 11.43 54.07
N ASN A 178 21.86 11.99 53.09
CA ASN A 178 22.78 11.16 52.28
C ASN A 178 23.92 10.62 53.14
N GLU A 179 24.31 9.36 52.97
CA GLU A 179 25.31 8.72 53.86
C GLU A 179 26.72 9.24 53.54
N ILE A 180 26.96 9.78 52.34
CA ILE A 180 28.29 10.32 51.95
C ILE A 180 28.41 11.79 52.30
N ILE A 181 27.47 12.63 51.87
CA ILE A 181 27.57 14.12 51.99
C ILE A 181 26.41 14.72 52.79
N GLY A 182 25.61 13.92 53.49
CA GLY A 182 24.52 14.38 54.37
C GLY A 182 23.51 15.20 53.61
N GLU A 183 23.45 16.49 53.91
CA GLU A 183 22.47 17.41 53.30
C GLU A 183 23.15 18.21 52.18
N GLY A 184 24.40 17.86 51.86
CA GLY A 184 25.10 18.44 50.71
C GLY A 184 24.34 18.22 49.40
N LEU A 185 24.50 19.18 48.48
CA LEU A 185 24.00 19.11 47.11
C LEU A 185 25.19 19.04 46.15
N ILE A 186 24.98 18.39 45.01
CA ILE A 186 26.07 17.97 44.09
C ILE A 186 26.17 19.04 43.01
N VAL A 187 27.39 19.49 42.73
CA VAL A 187 27.67 20.35 41.55
C VAL A 187 27.62 19.45 40.32
N PRO A 188 26.84 19.79 39.28
CA PRO A 188 26.82 19.01 38.04
C PRO A 188 28.25 18.83 37.54
N PRO A 189 28.65 17.61 37.13
CA PRO A 189 30.05 17.37 36.82
C PRO A 189 30.56 18.16 35.60
N PRO A 190 31.88 18.40 35.51
CA PRO A 190 32.47 19.03 34.33
C PRO A 190 32.11 18.20 33.10
N THR A 191 32.04 18.81 31.93
CA THR A 191 31.71 18.17 30.63
C THR A 191 32.94 18.19 29.72
N THR A 192 34.05 18.79 30.12
CA THR A 192 35.29 18.82 29.32
C THR A 192 36.48 18.59 30.22
N GLU A 193 37.60 18.19 29.62
CA GLU A 193 38.89 18.07 30.35
C GLU A 193 39.33 19.44 30.88
N ASP A 194 39.17 20.53 30.12
CA ASP A 194 39.51 21.89 30.63
C ASP A 194 38.69 22.20 31.89
N GLN A 195 37.36 22.03 31.86
CA GLN A 195 36.48 22.28 33.03
C GLN A 195 36.91 21.39 34.19
N ALA A 196 37.28 20.13 33.96
CA ALA A 196 37.71 19.20 35.03
C ALA A 196 38.97 19.71 35.72
N ARG A 197 40.02 20.05 34.96
CA ARG A 197 41.31 20.60 35.46
C ARG A 197 41.00 21.85 36.30
N ALA A 198 40.25 22.81 35.74
CA ALA A 198 39.89 24.12 36.35
C ALA A 198 39.15 23.90 37.66
N ARG A 199 38.10 23.06 37.65
CA ARG A 199 37.34 22.68 38.87
C ARG A 199 38.31 22.24 39.95
N MET A 200 39.23 21.34 39.62
CA MET A 200 40.10 20.71 40.63
C MET A 200 41.15 21.69 41.17
N GLU A 201 41.60 22.67 40.38
CA GLU A 201 42.68 23.59 40.82
C GLU A 201 42.06 24.82 41.46
N SER A 202 40.81 25.18 41.14
CA SER A 202 40.13 26.35 41.76
C SER A 202 39.83 26.06 43.24
N GLY A 203 39.64 24.80 43.64
CA GLY A 203 39.47 24.39 45.06
C GLY A 203 38.25 25.06 45.73
N GLN A 204 37.28 25.50 44.92
CA GLN A 204 35.99 26.15 45.31
C GLN A 204 35.07 25.18 46.07
N TYR A 205 35.11 23.88 45.80
CA TYR A 205 34.18 22.89 46.41
C TYR A 205 34.93 21.74 47.07
N ARG A 206 34.34 21.15 48.10
CA ARG A 206 34.67 19.78 48.57
C ARG A 206 34.46 18.81 47.41
N SER A 207 35.30 17.79 47.32
CA SER A 207 35.43 16.92 46.12
C SER A 207 35.91 15.55 46.57
N LEU A 208 35.48 14.49 45.91
CA LEU A 208 36.16 13.18 45.99
C LEU A 208 36.98 12.96 44.71
N ASP A 209 36.63 13.68 43.65
CA ASP A 209 37.29 13.58 42.32
C ASP A 209 36.73 14.72 41.46
N TRP A 210 37.26 14.92 40.27
CA TRP A 210 36.88 16.07 39.41
C TRP A 210 35.41 15.98 39.02
N TRP A 211 34.82 14.77 39.09
CA TRP A 211 33.41 14.52 38.68
C TRP A 211 32.46 14.51 39.89
N PHE A 212 32.97 14.65 41.11
CA PHE A 212 32.21 14.51 42.37
C PHE A 212 32.58 15.65 43.33
N SER A 213 32.00 16.81 43.06
CA SER A 213 32.06 18.04 43.89
C SER A 213 30.70 18.30 44.52
N TRP A 214 30.66 18.98 45.65
CA TRP A 214 29.42 19.31 46.39
C TRP A 214 29.68 20.44 47.40
N ASP A 215 28.62 21.14 47.78
CA ASP A 215 28.64 22.16 48.85
C ASP A 215 27.32 22.03 49.64
N THR A 216 27.07 22.92 50.57
CA THR A 216 25.86 22.87 51.42
C THR A 216 25.13 24.18 51.24
N PRO A 217 24.49 24.43 50.07
CA PRO A 217 23.82 25.72 49.87
C PRO A 217 22.35 25.74 50.35
N ALA A 218 21.73 24.60 50.68
CA ALA A 218 20.32 24.60 51.11
C ALA A 218 20.21 25.29 52.48
N SER A 219 19.27 26.23 52.61
CA SER A 219 18.88 26.87 53.89
C SER A 219 18.56 25.79 54.91
N ARG A 220 18.88 26.08 56.16
CA ARG A 220 18.40 25.40 57.39
C ARG A 220 16.89 25.08 57.25
N ASP A 221 16.06 26.04 56.84
CA ASP A 221 14.59 25.83 56.79
C ASP A 221 14.23 24.80 55.71
N ASP A 222 14.89 24.85 54.55
CA ASP A 222 14.66 23.90 53.41
C ASP A 222 15.02 22.49 53.85
N VAL A 223 16.16 22.33 54.50
CA VAL A 223 16.63 21.01 54.96
C VAL A 223 15.64 20.46 56.00
N GLU A 224 15.24 21.29 56.95
CA GLU A 224 14.43 20.81 58.12
C GLU A 224 13.04 20.44 57.59
N GLU A 225 12.52 21.21 56.64
CA GLU A 225 11.23 20.91 55.95
C GLU A 225 11.34 19.51 55.34
N ALA A 226 12.43 19.20 54.64
CA ALA A 226 12.58 17.89 53.96
C ALA A 226 12.67 16.79 55.01
N ARG A 227 13.45 17.02 56.07
CA ARG A 227 13.58 16.08 57.22
C ARG A 227 12.24 15.87 57.91
N ARG A 228 11.43 16.91 58.05
CA ARG A 228 10.08 16.84 58.67
C ARG A 228 9.22 15.86 57.85
N TYR A 229 9.31 15.90 56.51
CA TYR A 229 8.49 15.01 55.65
C TYR A 229 8.82 13.57 56.02
N LEU A 230 10.11 13.26 56.08
CA LEU A 230 10.60 11.89 56.36
C LEU A 230 10.30 11.48 57.81
N ARG A 231 10.42 12.40 58.77
CA ARG A 231 10.11 12.07 60.19
C ARG A 231 8.63 11.71 60.27
N ARG A 232 7.75 12.48 59.62
CA ARG A 232 6.30 12.16 59.64
C ARG A 232 6.11 10.77 59.04
N ALA A 233 6.81 10.45 57.95
CA ALA A 233 6.68 9.15 57.25
C ALA A 233 7.08 8.02 58.22
N ALA A 234 8.12 8.24 59.03
CA ALA A 234 8.68 7.25 59.97
C ALA A 234 7.81 7.08 61.23
N GLU A 235 7.08 8.10 61.67
CA GLU A 235 6.39 8.11 62.99
C GLU A 235 4.94 7.61 62.86
N LYS A 236 4.52 6.70 63.75
CA LYS A 236 3.11 6.26 63.83
C LYS A 236 2.28 7.42 64.36
N PRO A 237 1.15 7.80 63.72
CA PRO A 237 0.29 8.84 64.25
C PRO A 237 -0.12 8.49 65.68
N ALA A 238 -0.32 9.51 66.54
CA ALA A 238 -0.76 9.33 67.94
C ALA A 238 -2.19 8.77 67.98
N LYS A 239 -3.11 9.38 67.21
CA LYS A 239 -4.52 8.91 67.06
C LYS A 239 -4.79 8.57 65.60
N LEU A 240 -5.35 7.39 65.37
CA LEU A 240 -5.82 6.90 64.05
C LEU A 240 -7.23 7.45 63.80
N LEU A 241 -7.45 7.95 62.58
CA LEU A 241 -8.69 8.65 62.16
C LEU A 241 -9.92 7.72 62.25
N TYR A 242 -9.76 6.40 62.16
CA TYR A 242 -10.92 5.47 62.21
C TYR A 242 -11.55 5.46 63.60
N GLU A 243 -10.85 5.93 64.65
CA GLU A 243 -11.28 5.88 66.08
C GLU A 243 -12.23 7.05 66.40
N GLU A 244 -12.07 8.22 65.75
CA GLU A 244 -13.03 9.37 65.88
C GLU A 244 -14.14 9.25 64.82
N ALA A 245 -14.10 8.22 63.96
CA ALA A 245 -15.04 7.98 62.83
C ALA A 245 -16.42 7.59 63.38
N PRO B 2 7.55 11.25 23.44
CA PRO B 2 6.76 10.08 23.89
C PRO B 2 7.61 8.78 23.75
N GLY B 3 7.33 7.77 24.59
CA GLY B 3 8.13 6.52 24.64
C GLY B 3 7.26 5.34 25.03
N SER B 4 7.73 4.12 24.79
CA SER B 4 7.01 2.86 25.11
C SER B 4 7.63 2.26 26.39
N ILE B 5 6.82 1.56 27.19
CA ILE B 5 7.24 0.90 28.47
C ILE B 5 6.55 -0.45 28.63
N PRO B 6 7.16 -1.39 29.36
CA PRO B 6 6.50 -2.63 29.78
C PRO B 6 5.64 -2.21 31.00
N LEU B 7 4.64 -3.00 31.40
CA LEU B 7 3.61 -2.50 32.36
C LEU B 7 3.57 -3.38 33.62
N ILE B 8 3.13 -2.80 34.72
CA ILE B 8 2.79 -3.52 35.96
C ILE B 8 1.82 -4.64 35.61
N GLY B 9 2.07 -5.85 36.12
CA GLY B 9 1.24 -7.02 35.82
C GLY B 9 1.78 -7.79 34.62
N GLU B 10 2.67 -7.24 33.82
CA GLU B 10 3.31 -8.00 32.71
C GLU B 10 4.54 -8.75 33.21
N ARG B 11 4.82 -9.87 32.58
CA ARG B 11 6.12 -10.54 32.77
C ARG B 11 7.21 -9.58 32.31
N PHE B 12 8.27 -9.47 33.10
CA PHE B 12 9.46 -8.70 32.68
C PHE B 12 9.89 -9.24 31.31
N PRO B 13 10.17 -8.41 30.30
CA PRO B 13 10.43 -8.95 28.97
C PRO B 13 11.68 -9.86 28.95
N GLU B 14 11.56 -10.96 28.23
CA GLU B 14 12.63 -11.98 28.05
C GLU B 14 13.84 -11.29 27.42
N MET B 15 14.99 -11.31 28.09
CA MET B 15 16.19 -10.72 27.45
C MET B 15 17.43 -11.37 28.05
N GLU B 16 18.44 -11.50 27.22
CA GLU B 16 19.83 -11.78 27.62
C GLU B 16 20.54 -10.44 27.86
N VAL B 17 21.16 -10.24 29.01
CA VAL B 17 21.93 -9.00 29.26
C VAL B 17 23.36 -9.38 29.64
N THR B 18 24.28 -8.50 29.30
CA THR B 18 25.70 -8.52 29.67
C THR B 18 25.89 -7.65 30.91
N THR B 19 26.34 -8.26 32.00
CA THR B 19 26.67 -7.60 33.28
C THR B 19 28.17 -7.79 33.50
N ASP B 20 28.68 -7.07 34.47
CA ASP B 20 30.08 -7.17 34.93
C ASP B 20 30.27 -8.46 35.74
N HIS B 21 29.21 -9.26 35.99
CA HIS B 21 29.32 -10.63 36.56
C HIS B 21 29.12 -11.70 35.50
N GLY B 22 28.75 -11.34 34.29
CA GLY B 22 28.64 -12.25 33.14
C GLY B 22 27.29 -12.04 32.45
N VAL B 23 27.00 -12.90 31.48
CA VAL B 23 25.72 -12.91 30.74
C VAL B 23 24.68 -13.58 31.63
N ILE B 24 23.50 -12.98 31.75
CA ILE B 24 22.32 -13.61 32.39
C ILE B 24 21.06 -13.36 31.56
N LYS B 25 20.08 -14.24 31.74
CA LYS B 25 18.75 -14.11 31.10
C LYS B 25 17.80 -13.51 32.13
N LEU B 26 17.09 -12.47 31.75
CA LEU B 26 16.07 -11.86 32.62
C LEU B 26 14.73 -12.28 32.05
N PRO B 27 13.70 -12.52 32.90
CA PRO B 27 13.87 -12.59 34.35
C PRO B 27 14.33 -13.94 34.91
N ASP B 28 14.56 -14.93 34.02
CA ASP B 28 14.64 -16.39 34.34
C ASP B 28 15.71 -16.62 35.39
N HIS B 29 16.84 -15.89 35.28
CA HIS B 29 17.97 -15.93 36.25
C HIS B 29 17.46 -15.82 37.68
N TYR B 30 16.46 -14.98 37.92
CA TYR B 30 16.02 -14.69 39.31
C TYR B 30 14.83 -15.59 39.61
N VAL B 31 13.92 -15.78 38.66
CA VAL B 31 12.74 -16.67 38.80
C VAL B 31 13.21 -18.06 39.24
N SER B 32 14.23 -18.60 38.58
CA SER B 32 14.74 -19.97 38.86
C SER B 32 15.32 -20.06 40.28
N GLN B 33 15.65 -18.95 40.94
CA GLN B 33 16.13 -18.95 42.35
C GLN B 33 15.00 -18.65 43.34
N GLY B 34 13.76 -18.43 42.88
CA GLY B 34 12.66 -17.92 43.74
C GLY B 34 12.96 -16.53 44.28
N LYS B 35 13.75 -15.73 43.57
CA LYS B 35 14.16 -14.36 44.00
C LYS B 35 13.38 -13.29 43.22
N TRP B 36 12.86 -12.31 43.95
CA TRP B 36 12.51 -10.97 43.40
C TRP B 36 13.80 -10.30 42.92
N PHE B 37 13.71 -9.35 42.02
CA PHE B 37 14.86 -8.45 41.78
C PHE B 37 14.36 -7.03 41.55
N VAL B 38 15.25 -6.10 41.86
CA VAL B 38 15.09 -4.65 41.59
C VAL B 38 16.13 -4.34 40.54
N LEU B 39 15.66 -4.08 39.33
CA LEU B 39 16.50 -3.56 38.25
C LEU B 39 16.36 -2.04 38.32
N PHE B 40 17.48 -1.35 38.38
CA PHE B 40 17.52 0.13 38.39
C PHE B 40 18.61 0.58 37.43
N SER B 41 18.40 1.76 36.88
CA SER B 41 19.31 2.39 35.90
C SER B 41 19.89 3.68 36.47
N HIS B 42 21.01 4.10 35.89
CA HIS B 42 21.70 5.38 36.18
C HIS B 42 22.32 5.84 34.88
N PRO B 43 22.44 7.17 34.69
CA PRO B 43 22.87 7.73 33.42
C PRO B 43 24.22 7.19 32.95
N ALA B 44 25.22 7.18 33.85
CA ALA B 44 26.62 6.84 33.48
C ALA B 44 27.44 6.61 34.73
N ASP B 45 28.44 5.77 34.58
CA ASP B 45 29.50 5.47 35.59
C ASP B 45 30.25 6.78 35.82
N PHE B 46 30.87 6.93 36.99
CA PHE B 46 31.67 8.11 37.36
C PHE B 46 30.82 9.37 37.22
N THR B 47 29.58 9.30 37.72
CA THR B 47 28.69 10.45 37.97
C THR B 47 28.33 10.43 39.45
N PRO B 48 28.25 11.62 40.04
CA PRO B 48 28.13 11.76 41.50
C PRO B 48 26.79 11.32 42.13
N VAL B 49 25.64 11.71 41.59
CA VAL B 49 24.34 11.20 42.15
C VAL B 49 24.34 9.67 42.05
N SER B 50 24.69 9.16 40.88
CA SER B 50 24.77 7.70 40.61
C SER B 50 25.60 7.01 41.69
N THR B 51 26.76 7.58 42.00
CA THR B 51 27.69 7.00 43.00
C THR B 51 26.97 6.95 44.35
N THR B 52 26.34 8.05 44.78
CA THR B 52 25.62 8.10 46.07
C THR B 52 24.55 6.99 46.06
N GLU B 53 23.83 6.81 44.96
CA GLU B 53 22.75 5.79 44.90
C GLU B 53 23.36 4.39 45.03
N PHE B 54 24.44 4.10 44.30
CA PHE B 54 25.11 2.79 44.39
C PHE B 54 25.56 2.53 45.82
N VAL B 55 26.12 3.54 46.48
CA VAL B 55 26.56 3.39 47.89
C VAL B 55 25.35 3.11 48.80
N SER B 56 24.24 3.80 48.60
CA SER B 56 22.99 3.60 49.38
C SER B 56 22.48 2.15 49.19
N PHE B 57 22.42 1.66 47.95
CA PHE B 57 22.00 0.25 47.64
C PHE B 57 22.95 -0.74 48.33
N ALA B 58 24.25 -0.51 48.22
CA ALA B 58 25.28 -1.40 48.78
C ALA B 58 25.10 -1.48 50.31
N ARG B 59 24.87 -0.35 50.97
CA ARG B 59 24.76 -0.30 52.45
C ARG B 59 23.48 -1.01 52.88
N ARG B 60 22.46 -1.06 52.01
CA ARG B 60 21.14 -1.67 52.27
C ARG B 60 21.08 -3.09 51.71
N TYR B 61 22.17 -3.61 51.16
CA TYR B 61 22.21 -4.91 50.45
C TYR B 61 21.66 -6.03 51.37
N GLU B 62 22.09 -6.07 52.63
CA GLU B 62 21.62 -7.06 53.62
C GLU B 62 20.10 -6.96 53.76
N ASP B 63 19.52 -5.76 53.80
CA ASP B 63 18.06 -5.60 53.94
C ASP B 63 17.38 -6.23 52.72
N PHE B 64 17.90 -6.01 51.51
CA PHE B 64 17.37 -6.65 50.27
C PHE B 64 17.55 -8.18 50.34
N GLN B 65 18.74 -8.66 50.75
CA GLN B 65 19.03 -10.12 50.85
C GLN B 65 18.06 -10.75 51.85
N ARG B 66 17.75 -10.09 52.96
CA ARG B 66 16.78 -10.58 53.99
C ARG B 66 15.42 -10.86 53.32
N LEU B 67 14.99 -9.99 52.41
CA LEU B 67 13.65 -10.04 51.76
C LEU B 67 13.66 -10.99 50.56
N GLY B 68 14.79 -11.61 50.24
CA GLY B 68 14.92 -12.48 49.05
C GLY B 68 14.81 -11.68 47.77
N VAL B 69 15.47 -10.53 47.76
CA VAL B 69 15.48 -9.54 46.64
C VAL B 69 16.93 -9.37 46.22
N ASP B 70 17.24 -9.63 44.95
CA ASP B 70 18.55 -9.32 44.34
C ASP B 70 18.45 -7.97 43.63
N LEU B 71 19.59 -7.30 43.53
CA LEU B 71 19.73 -5.98 42.89
C LEU B 71 20.49 -6.15 41.59
N ILE B 72 20.14 -5.36 40.57
CA ILE B 72 20.92 -5.34 39.32
C ILE B 72 20.85 -3.93 38.73
N GLY B 73 22.01 -3.32 38.52
CA GLY B 73 22.17 -2.01 37.87
C GLY B 73 22.14 -2.08 36.37
N LEU B 74 22.14 -0.91 35.72
CA LEU B 74 22.03 -0.71 34.26
C LEU B 74 22.49 0.70 33.94
N SER B 75 23.45 0.82 33.02
CA SER B 75 23.75 2.06 32.26
C SER B 75 24.25 1.71 30.86
N VAL B 76 24.41 2.69 30.00
CA VAL B 76 24.89 2.49 28.62
C VAL B 76 26.41 2.29 28.59
N ASP B 77 27.09 2.36 29.74
CA ASP B 77 28.56 2.15 29.81
C ASP B 77 28.87 0.66 29.63
N SER B 78 30.11 0.39 29.24
CA SER B 78 30.65 -0.97 28.98
C SER B 78 31.04 -1.65 30.30
N VAL B 79 31.30 -2.95 30.27
CA VAL B 79 31.66 -3.72 31.49
C VAL B 79 32.94 -3.16 32.08
N CYS B 80 33.89 -2.75 31.25
CA CYS B 80 35.21 -2.32 31.77
C CYS B 80 35.01 -1.10 32.65
N SER B 81 34.25 -0.13 32.17
CA SER B 81 33.87 1.10 32.92
C SER B 81 33.20 0.72 34.24
N HIS B 82 32.27 -0.24 34.21
CA HIS B 82 31.58 -0.73 35.44
C HIS B 82 32.61 -1.20 36.47
N ILE B 83 33.57 -2.04 36.06
CA ILE B 83 34.60 -2.62 36.97
C ILE B 83 35.49 -1.47 37.46
N LYS B 84 35.91 -0.54 36.59
CA LYS B 84 36.79 0.59 37.02
C LYS B 84 36.05 1.44 38.03
N TRP B 85 34.74 1.64 37.83
CA TRP B 85 33.90 2.52 38.67
C TRP B 85 33.74 1.87 40.04
N LYS B 86 33.49 0.55 40.06
CA LYS B 86 33.36 -0.22 41.32
C LYS B 86 34.69 -0.18 42.07
N GLU B 87 35.81 -0.34 41.34
CA GLU B 87 37.16 -0.25 41.94
C GLU B 87 37.30 1.10 42.63
N TRP B 88 36.88 2.18 41.96
CA TRP B 88 36.98 3.57 42.48
C TRP B 88 36.18 3.71 43.77
N ILE B 89 34.91 3.29 43.74
CA ILE B 89 34.03 3.36 44.95
C ILE B 89 34.68 2.60 46.12
N GLU B 90 35.21 1.41 45.89
CA GLU B 90 35.82 0.61 46.97
C GLU B 90 37.01 1.38 47.56
N ARG B 91 37.88 1.89 46.69
CA ARG B 91 39.15 2.58 47.08
C ARG B 91 38.85 3.92 47.78
N HIS B 92 37.99 4.78 47.21
CA HIS B 92 37.83 6.18 47.67
C HIS B 92 36.70 6.28 48.72
N ILE B 93 35.72 5.37 48.72
CA ILE B 93 34.56 5.49 49.65
C ILE B 93 34.58 4.34 50.65
N GLY B 94 35.33 3.28 50.36
CA GLY B 94 35.48 2.14 51.28
C GLY B 94 34.24 1.28 51.25
N VAL B 95 33.49 1.25 50.14
CA VAL B 95 32.24 0.46 50.04
C VAL B 95 32.35 -0.42 48.79
N ARG B 96 32.16 -1.71 48.97
CA ARG B 96 32.19 -2.72 47.89
C ARG B 96 30.77 -2.78 47.31
N ILE B 97 30.62 -2.66 46.00
CA ILE B 97 29.30 -2.91 45.34
C ILE B 97 29.21 -4.40 45.02
N PRO B 98 28.40 -5.20 45.73
CA PRO B 98 28.39 -6.65 45.51
C PRO B 98 27.46 -7.18 44.40
N PHE B 99 26.61 -6.34 43.82
CA PHE B 99 25.59 -6.77 42.82
C PHE B 99 26.04 -6.43 41.41
N PRO B 100 25.48 -7.09 40.38
CA PRO B 100 25.94 -6.83 39.02
C PRO B 100 25.38 -5.50 38.44
N ILE B 101 26.04 -5.00 37.39
CA ILE B 101 25.56 -3.85 36.58
C ILE B 101 25.48 -4.34 35.14
N ILE B 102 24.34 -4.15 34.50
CA ILE B 102 24.17 -4.37 33.04
C ILE B 102 24.92 -3.27 32.29
N ALA B 103 25.73 -3.68 31.31
CA ALA B 103 26.32 -2.85 30.25
C ALA B 103 25.33 -2.84 29.10
N ASP B 104 24.86 -1.66 28.72
CA ASP B 104 23.84 -1.50 27.64
C ASP B 104 24.27 -0.46 26.60
N PRO B 105 25.49 -0.58 26.04
CA PRO B 105 26.00 0.44 25.13
C PRO B 105 25.18 0.80 23.87
N GLN B 106 24.33 -0.05 23.31
CA GLN B 106 23.51 0.47 22.16
C GLN B 106 22.12 0.90 22.66
N GLY B 107 21.94 0.91 23.99
CA GLY B 107 20.68 1.27 24.68
C GLY B 107 19.56 0.33 24.27
N THR B 108 19.89 -0.93 23.98
CA THR B 108 18.91 -1.98 23.59
C THR B 108 17.99 -2.29 24.78
N VAL B 109 18.58 -2.47 25.96
CA VAL B 109 17.77 -2.78 27.17
C VAL B 109 17.03 -1.50 27.54
N ALA B 110 17.70 -0.36 27.48
CA ALA B 110 17.13 0.95 27.86
C ALA B 110 15.86 1.22 27.03
N ARG B 111 15.92 1.02 25.71
CA ARG B 111 14.75 1.28 24.82
C ARG B 111 13.61 0.33 25.21
N ARG B 112 13.92 -0.93 25.45
CA ARG B 112 12.92 -1.97 25.79
C ARG B 112 12.23 -1.61 27.11
N LEU B 113 12.92 -1.02 28.08
CA LEU B 113 12.35 -0.67 29.42
C LEU B 113 11.89 0.79 29.52
N GLY B 114 11.90 1.56 28.42
CA GLY B 114 11.53 3.00 28.38
C GLY B 114 12.37 3.85 29.31
N LEU B 115 13.69 3.64 29.35
CA LEU B 115 14.61 4.31 30.30
C LEU B 115 15.27 5.53 29.67
N LEU B 116 15.08 5.74 28.36
CA LEU B 116 15.56 6.94 27.63
C LEU B 116 14.42 7.94 27.54
N HIS B 117 14.46 9.00 28.36
CA HIS B 117 13.40 10.04 28.36
C HIS B 117 13.95 11.25 27.63
N ALA B 118 13.14 12.29 27.48
CA ALA B 118 13.50 13.52 26.74
C ALA B 118 14.66 14.20 27.45
N GLU B 119 14.92 13.92 28.73
CA GLU B 119 16.00 14.60 29.49
C GLU B 119 17.38 14.29 28.89
N SER B 120 17.56 13.12 28.30
CA SER B 120 18.81 12.77 27.59
C SER B 120 18.51 11.76 26.50
N ALA B 121 18.92 12.03 25.26
CA ALA B 121 18.88 11.07 24.13
C ALA B 121 19.90 9.94 24.33
N THR B 122 20.93 10.13 25.16
CA THR B 122 22.12 9.23 25.21
C THR B 122 22.14 8.39 26.51
N HIS B 123 21.71 8.95 27.63
CA HIS B 123 21.85 8.29 28.96
C HIS B 123 20.47 8.00 29.56
N THR B 124 20.33 6.89 30.26
CA THR B 124 19.07 6.56 30.92
C THR B 124 18.84 7.53 32.06
N VAL B 125 17.57 7.73 32.37
CA VAL B 125 17.14 8.36 33.64
C VAL B 125 17.30 7.32 34.76
N ARG B 126 16.68 7.55 35.91
CA ARG B 126 16.89 6.71 37.12
C ARG B 126 15.66 5.83 37.29
N GLY B 127 15.53 4.80 36.44
CA GLY B 127 14.36 3.92 36.42
C GLY B 127 14.49 2.84 37.47
N VAL B 128 13.36 2.35 38.00
CA VAL B 128 13.36 1.21 38.98
C VAL B 128 12.26 0.27 38.53
N PHE B 129 12.60 -0.99 38.29
CA PHE B 129 11.63 -2.09 38.07
C PHE B 129 11.70 -3.04 39.25
N ILE B 130 10.59 -3.23 39.91
CA ILE B 130 10.48 -4.17 41.05
C ILE B 130 9.77 -5.39 40.48
N VAL B 131 10.46 -6.53 40.43
CA VAL B 131 10.03 -7.75 39.69
C VAL B 131 9.92 -8.86 40.72
N ASP B 132 8.79 -9.56 40.81
CA ASP B 132 8.58 -10.61 41.84
C ASP B 132 9.20 -11.94 41.35
N ALA B 133 9.12 -12.96 42.19
CA ALA B 133 9.78 -14.28 41.97
C ALA B 133 9.11 -15.02 40.80
N ARG B 134 7.95 -14.56 40.33
CA ARG B 134 7.28 -15.11 39.12
C ARG B 134 7.71 -14.34 37.87
N GLY B 135 8.59 -13.33 38.03
CA GLY B 135 9.08 -12.52 36.90
C GLY B 135 8.12 -11.44 36.44
N VAL B 136 7.15 -11.08 37.30
CA VAL B 136 6.10 -10.06 36.99
C VAL B 136 6.57 -8.70 37.53
N ILE B 137 6.45 -7.67 36.72
CA ILE B 137 6.64 -6.25 37.12
C ILE B 137 5.53 -5.85 38.11
N ARG B 138 5.94 -5.40 39.30
CA ARG B 138 5.02 -5.09 40.40
C ARG B 138 4.94 -3.58 40.63
N THR B 139 5.97 -2.82 40.25
CA THR B 139 6.08 -1.36 40.49
C THR B 139 7.18 -0.82 39.58
N MET B 140 6.97 0.40 39.07
CA MET B 140 7.92 1.11 38.18
C MET B 140 8.07 2.55 38.67
N LEU B 141 9.30 2.99 38.84
CA LEU B 141 9.59 4.38 39.26
C LEU B 141 10.53 4.98 38.24
N TYR B 142 10.31 6.22 37.86
CA TYR B 142 11.18 6.98 36.93
C TYR B 142 11.58 8.29 37.64
N TYR B 143 12.75 8.28 38.25
CA TYR B 143 13.41 9.45 38.84
C TYR B 143 14.27 10.07 37.77
N PRO B 144 14.48 11.40 37.83
CA PRO B 144 15.20 12.10 36.79
C PRO B 144 16.71 12.14 37.09
N MET B 145 17.49 12.78 36.20
CA MET B 145 18.97 12.89 36.30
C MET B 145 19.35 13.60 37.60
N GLU B 146 18.59 14.64 37.93
CA GLU B 146 18.98 15.65 38.94
C GLU B 146 18.61 15.19 40.36
N LEU B 147 17.93 14.04 40.53
CA LEU B 147 17.32 13.67 41.84
C LEU B 147 17.63 12.19 42.14
N GLY B 148 18.40 11.97 43.19
CA GLY B 148 18.67 10.63 43.74
C GLY B 148 17.41 9.99 44.33
N ARG B 149 17.35 8.69 44.24
CA ARG B 149 16.23 7.90 44.78
C ARG B 149 16.34 7.86 46.30
N LEU B 150 15.22 7.58 46.95
CA LEU B 150 15.10 7.24 48.39
C LEU B 150 15.11 5.72 48.48
N VAL B 151 16.26 5.11 48.71
CA VAL B 151 16.36 3.63 48.59
C VAL B 151 15.46 2.95 49.63
N ASP B 152 15.24 3.58 50.79
CA ASP B 152 14.41 2.96 51.84
C ASP B 152 12.99 2.77 51.31
N GLU B 153 12.49 3.64 50.43
CA GLU B 153 11.12 3.50 49.88
C GLU B 153 11.06 2.27 48.97
N ILE B 154 12.14 1.94 48.27
CA ILE B 154 12.22 0.70 47.46
C ILE B 154 12.14 -0.50 48.39
N LEU B 155 12.80 -0.45 49.55
CA LEU B 155 12.68 -1.55 50.55
C LEU B 155 11.24 -1.66 51.04
N ARG B 156 10.61 -0.52 51.37
CA ARG B 156 9.23 -0.49 51.93
C ARG B 156 8.27 -1.10 50.89
N ILE B 157 8.45 -0.76 49.61
CA ILE B 157 7.62 -1.30 48.51
C ILE B 157 7.73 -2.82 48.47
N VAL B 158 8.93 -3.41 48.39
CA VAL B 158 9.04 -4.90 48.25
C VAL B 158 8.53 -5.57 49.53
N LYS B 159 8.80 -4.98 50.68
CA LYS B 159 8.29 -5.51 51.96
C LYS B 159 6.76 -5.52 51.96
N ALA B 160 6.13 -4.41 51.55
CA ALA B 160 4.66 -4.23 51.61
C ALA B 160 4.00 -5.16 50.58
N LEU B 161 4.61 -5.29 49.41
CA LEU B 161 4.16 -6.15 48.30
C LEU B 161 4.19 -7.61 48.78
N LYS B 162 5.32 -8.08 49.29
CA LYS B 162 5.49 -9.47 49.79
C LYS B 162 4.47 -9.75 50.89
N LEU B 163 4.25 -8.79 51.78
CA LEU B 163 3.24 -8.88 52.87
C LEU B 163 1.81 -9.00 52.30
N GLY B 164 1.48 -8.14 51.35
CA GLY B 164 0.21 -8.16 50.62
C GLY B 164 -0.03 -9.51 49.94
N ASP B 165 0.97 -10.04 49.23
CA ASP B 165 0.89 -11.38 48.57
C ASP B 165 0.61 -12.46 49.63
N SER B 166 1.34 -12.40 50.75
CA SER B 166 1.38 -13.40 51.83
C SER B 166 0.04 -13.42 52.57
N LEU B 167 -0.46 -12.26 52.98
CA LEU B 167 -1.68 -12.15 53.81
C LEU B 167 -2.93 -11.88 52.94
N LYS B 168 -2.83 -11.85 51.61
CA LYS B 168 -3.97 -11.55 50.69
C LYS B 168 -4.59 -10.19 51.09
N ARG B 169 -3.77 -9.15 51.17
CA ARG B 169 -4.21 -7.84 51.65
C ARG B 169 -3.67 -6.76 50.71
N ALA B 170 -4.39 -5.65 50.68
CA ALA B 170 -3.93 -4.40 50.05
C ALA B 170 -3.30 -3.56 51.17
N VAL B 171 -2.33 -2.72 50.80
CA VAL B 171 -1.55 -1.90 51.76
C VAL B 171 -1.99 -0.44 51.65
N PRO B 172 -2.40 0.17 52.79
CA PRO B 172 -2.87 1.55 52.79
C PRO B 172 -1.69 2.51 52.59
N ALA B 173 -2.02 3.72 52.18
CA ALA B 173 -1.06 4.84 52.04
C ALA B 173 -0.20 4.90 53.30
N ASP B 174 1.11 5.06 53.12
CA ASP B 174 2.08 5.45 54.19
C ASP B 174 2.25 4.29 55.18
N TRP B 175 1.85 3.07 54.81
CA TRP B 175 1.94 1.88 55.69
C TRP B 175 3.41 1.71 56.07
N PRO B 176 3.76 1.34 57.32
CA PRO B 176 2.80 1.01 58.38
C PRO B 176 2.32 2.14 59.28
N ASN B 177 2.40 3.37 58.80
CA ASN B 177 2.00 4.53 59.61
C ASN B 177 0.81 5.19 58.93
N ASN B 178 -0.15 4.39 58.47
CA ASN B 178 -1.34 4.98 57.79
C ASN B 178 -2.14 5.81 58.79
N GLU B 179 -2.57 7.00 58.42
CA GLU B 179 -3.25 7.93 59.37
C GLU B 179 -4.66 7.42 59.71
N ILE B 180 -5.24 6.51 58.94
CA ILE B 180 -6.62 6.00 59.24
C ILE B 180 -6.54 4.70 60.04
N ILE B 181 -5.78 3.70 59.56
CA ILE B 181 -5.82 2.32 60.11
C ILE B 181 -4.44 1.91 60.64
N GLY B 182 -3.49 2.83 60.65
CA GLY B 182 -2.16 2.58 61.23
C GLY B 182 -1.43 1.49 60.46
N GLU B 183 -1.15 0.36 61.12
CA GLU B 183 -0.44 -0.80 60.51
C GLU B 183 -1.47 -1.79 59.95
N GLY B 184 -2.75 -1.47 60.07
CA GLY B 184 -3.87 -2.17 59.42
C GLY B 184 -3.61 -2.41 57.94
N LEU B 185 -4.08 -3.54 57.47
CA LEU B 185 -3.98 -4.01 56.07
C LEU B 185 -5.43 -4.20 55.60
N ILE B 186 -5.67 -3.90 54.33
CA ILE B 186 -7.02 -3.73 53.72
C ILE B 186 -7.43 -5.06 53.07
N VAL B 187 -8.66 -5.50 53.38
CA VAL B 187 -9.29 -6.67 52.69
C VAL B 187 -9.74 -6.20 51.31
N PRO B 188 -9.35 -6.83 50.18
CA PRO B 188 -9.87 -6.38 48.88
C PRO B 188 -11.39 -6.22 48.93
N PRO B 189 -11.97 -5.12 48.40
CA PRO B 189 -13.40 -4.87 48.58
C PRO B 189 -14.29 -5.89 47.86
N PRO B 190 -15.56 -6.07 48.27
CA PRO B 190 -16.48 -6.94 47.54
C PRO B 190 -16.62 -6.51 46.08
N THR B 191 -16.92 -7.44 45.18
CA THR B 191 -17.16 -7.22 43.72
C THR B 191 -18.65 -7.43 43.39
N THR B 192 -19.49 -7.81 44.35
CA THR B 192 -20.94 -8.05 44.10
C THR B 192 -21.73 -7.55 45.30
N GLU B 193 -22.98 -7.21 45.09
CA GLU B 193 -23.87 -6.75 46.20
C GLU B 193 -24.05 -7.84 47.24
N ASP B 194 -24.18 -9.11 46.84
CA ASP B 194 -24.36 -10.26 47.78
C ASP B 194 -23.10 -10.40 48.66
N GLN B 195 -21.91 -10.40 48.05
CA GLN B 195 -20.61 -10.33 48.79
C GLN B 195 -20.59 -9.13 49.74
N ALA B 196 -21.01 -7.94 49.29
CA ALA B 196 -21.03 -6.74 50.17
C ALA B 196 -21.85 -7.04 51.42
N ARG B 197 -23.12 -7.41 51.23
CA ARG B 197 -24.06 -7.75 52.30
C ARG B 197 -23.45 -8.84 53.22
N ALA B 198 -22.91 -9.93 52.67
CA ALA B 198 -22.34 -11.04 53.48
C ALA B 198 -21.23 -10.50 54.40
N ARG B 199 -20.33 -9.65 53.88
CA ARG B 199 -19.20 -9.07 54.65
C ARG B 199 -19.74 -8.20 55.78
N MET B 200 -20.65 -7.28 55.51
CA MET B 200 -21.25 -6.42 56.57
C MET B 200 -22.00 -7.28 57.61
N GLU B 201 -22.55 -8.45 57.23
CA GLU B 201 -23.27 -9.34 58.19
C GLU B 201 -22.31 -10.26 58.97
N SER B 202 -21.23 -10.77 58.38
CA SER B 202 -20.24 -11.68 59.04
C SER B 202 -19.61 -10.98 60.27
N GLY B 203 -19.50 -9.65 60.27
CA GLY B 203 -18.83 -8.86 61.33
C GLY B 203 -17.39 -9.27 61.58
N GLN B 204 -16.79 -10.02 60.65
CA GLN B 204 -15.42 -10.61 60.74
C GLN B 204 -14.33 -9.52 60.73
N TYR B 205 -14.57 -8.35 60.14
CA TYR B 205 -13.54 -7.30 60.01
C TYR B 205 -14.07 -5.99 60.57
N ARG B 206 -13.20 -5.16 61.14
CA ARG B 206 -13.40 -3.69 61.34
C ARG B 206 -13.68 -3.09 59.96
N SER B 207 -14.59 -2.13 59.88
CA SER B 207 -15.17 -1.62 58.61
C SER B 207 -15.51 -0.15 58.78
N LEU B 208 -15.34 0.63 57.72
CA LEU B 208 -15.88 1.99 57.60
C LEU B 208 -17.10 1.95 56.69
N ASP B 209 -17.15 0.94 55.84
CA ASP B 209 -18.24 0.70 54.87
C ASP B 209 -17.97 -0.66 54.25
N TRP B 210 -18.91 -1.16 53.46
CA TRP B 210 -18.84 -2.51 52.88
C TRP B 210 -17.62 -2.60 51.97
N TRP B 211 -17.12 -1.47 51.49
CA TRP B 211 -15.97 -1.46 50.54
C TRP B 211 -14.64 -1.21 51.28
N PHE B 212 -14.70 -0.94 52.59
CA PHE B 212 -13.53 -0.53 53.42
C PHE B 212 -13.52 -1.35 54.72
N SER B 213 -13.01 -2.57 54.61
CA SER B 213 -12.69 -3.50 55.71
C SER B 213 -11.17 -3.66 55.83
N TRP B 214 -10.67 -3.91 57.04
CA TRP B 214 -9.24 -4.12 57.34
C TRP B 214 -9.08 -4.91 58.64
N ASP B 215 -7.92 -5.56 58.80
CA ASP B 215 -7.53 -6.22 60.08
C ASP B 215 -6.04 -5.92 60.30
N THR B 216 -5.43 -6.57 61.29
CA THR B 216 -4.00 -6.35 61.67
C THR B 216 -3.29 -7.70 61.69
N PRO B 217 -3.11 -8.33 60.51
CA PRO B 217 -2.57 -9.68 60.44
C PRO B 217 -1.05 -9.72 60.28
N ALA B 218 -0.40 -8.57 60.10
CA ALA B 218 1.06 -8.47 59.92
C ALA B 218 1.70 -8.71 61.29
N SER B 219 2.78 -9.49 61.37
CA SER B 219 3.52 -9.70 62.63
C SER B 219 4.08 -8.35 63.09
N ARG B 220 4.34 -8.19 64.38
CA ARG B 220 5.03 -7.00 64.95
C ARG B 220 6.40 -6.86 64.26
N ASP B 221 7.06 -7.98 63.93
CA ASP B 221 8.40 -7.94 63.27
C ASP B 221 8.24 -7.36 61.86
N ASP B 222 7.23 -7.80 61.11
CA ASP B 222 6.93 -7.31 59.73
C ASP B 222 6.78 -5.79 59.83
N VAL B 223 5.94 -5.32 60.75
CA VAL B 223 5.56 -3.89 60.90
C VAL B 223 6.82 -3.10 61.27
N GLU B 224 7.58 -3.58 62.27
CA GLU B 224 8.71 -2.79 62.84
C GLU B 224 9.86 -2.78 61.81
N GLU B 225 10.04 -3.83 61.01
CA GLU B 225 11.07 -3.88 59.95
C GLU B 225 10.75 -2.83 58.88
N ALA B 226 9.48 -2.69 58.52
CA ALA B 226 9.04 -1.75 57.48
C ALA B 226 9.20 -0.35 58.06
N ARG B 227 8.76 -0.15 59.30
CA ARG B 227 8.91 1.17 59.96
C ARG B 227 10.40 1.51 60.07
N ARG B 228 11.29 0.54 60.34
CA ARG B 228 12.75 0.82 60.50
C ARG B 228 13.31 1.43 59.18
N TYR B 229 12.84 0.95 58.03
CA TYR B 229 13.30 1.46 56.70
C TYR B 229 13.11 2.96 56.73
N LEU B 230 11.93 3.39 57.19
CA LEU B 230 11.56 4.83 57.13
C LEU B 230 12.33 5.60 58.20
N ARG B 231 12.55 5.00 59.36
CA ARG B 231 13.27 5.70 60.46
C ARG B 231 14.68 5.96 59.93
N ARG B 232 15.26 4.99 59.25
CA ARG B 232 16.60 5.13 58.63
C ARG B 232 16.61 6.29 57.63
N ALA B 233 15.61 6.38 56.74
CA ALA B 233 15.50 7.48 55.76
C ALA B 233 15.42 8.82 56.49
N ALA B 234 14.72 8.89 57.63
CA ALA B 234 14.49 10.16 58.37
C ALA B 234 15.70 10.55 59.24
N GLU B 235 16.61 9.64 59.61
CA GLU B 235 17.73 9.86 60.56
C GLU B 235 18.84 10.64 59.87
N LYS B 236 19.30 11.73 60.49
CA LYS B 236 20.58 12.40 60.14
C LYS B 236 21.68 11.37 60.30
N PRO B 237 22.57 11.09 59.31
CA PRO B 237 23.57 10.03 59.46
C PRO B 237 24.55 10.33 60.60
N ALA B 238 25.08 9.28 61.23
CA ALA B 238 26.01 9.37 62.38
C ALA B 238 27.37 9.88 61.89
N LYS B 239 27.92 9.22 60.88
CA LYS B 239 29.27 9.52 60.32
C LYS B 239 29.16 9.59 58.80
N LEU B 240 29.29 10.80 58.23
CA LEU B 240 29.36 11.02 56.77
C LEU B 240 30.62 10.33 56.23
N LEU B 241 30.46 9.48 55.21
CA LEU B 241 31.58 8.69 54.62
C LEU B 241 32.60 9.59 53.89
N TYR B 242 32.27 10.85 53.55
CA TYR B 242 33.21 11.75 52.82
C TYR B 242 34.41 12.05 53.72
N GLU B 243 34.19 12.18 55.03
CA GLU B 243 35.22 12.53 56.06
C GLU B 243 36.37 11.51 56.00
N GLU B 244 36.08 10.20 56.01
CA GLU B 244 37.12 9.13 55.95
C GLU B 244 37.38 8.74 54.50
N ALA B 245 37.59 9.75 53.62
CA ALA B 245 37.63 9.59 52.15
C ALA B 245 37.95 10.94 51.49
N PRO C 2 -23.32 -4.94 13.35
CA PRO C 2 -22.96 -4.94 11.91
C PRO C 2 -23.77 -4.00 10.99
N GLY C 3 -24.09 -2.78 11.43
CA GLY C 3 -24.68 -1.70 10.60
C GLY C 3 -24.35 -0.32 11.13
N SER C 4 -24.54 0.74 10.33
CA SER C 4 -24.07 2.12 10.61
C SER C 4 -25.25 3.11 10.71
N ILE C 5 -25.27 3.98 11.72
CA ILE C 5 -26.38 4.95 11.91
C ILE C 5 -25.87 6.40 12.03
N PRO C 6 -26.79 7.38 11.90
CA PRO C 6 -26.57 8.72 12.39
C PRO C 6 -26.88 8.67 13.89
N LEU C 7 -26.49 9.68 14.64
CA LEU C 7 -26.55 9.59 16.11
C LEU C 7 -27.33 10.78 16.65
N ILE C 8 -27.90 10.63 17.85
CA ILE C 8 -28.54 11.72 18.61
C ILE C 8 -27.51 12.83 18.80
N GLY C 9 -27.90 14.07 18.50
CA GLY C 9 -27.05 15.25 18.66
C GLY C 9 -26.33 15.58 17.37
N GLU C 10 -26.34 14.70 16.39
CA GLU C 10 -25.83 15.03 15.04
C GLU C 10 -26.93 15.69 14.22
N ARG C 11 -26.52 16.55 13.30
CA ARG C 11 -27.38 17.08 12.22
C ARG C 11 -27.88 15.88 11.40
N PHE C 12 -29.17 15.85 11.09
CA PHE C 12 -29.71 14.85 10.17
C PHE C 12 -28.88 14.94 8.88
N PRO C 13 -28.41 13.84 8.28
CA PRO C 13 -27.52 13.97 7.12
C PRO C 13 -28.21 14.69 5.95
N GLU C 14 -27.51 15.68 5.36
CA GLU C 14 -27.93 16.41 4.15
C GLU C 14 -28.24 15.38 3.08
N MET C 15 -29.41 15.47 2.47
CA MET C 15 -29.73 14.55 1.35
C MET C 15 -30.94 15.10 0.59
N GLU C 16 -30.98 14.83 -0.69
CA GLU C 16 -32.16 15.09 -1.54
C GLU C 16 -32.94 13.79 -1.58
N VAL C 17 -34.24 13.83 -1.34
CA VAL C 17 -35.13 12.64 -1.41
C VAL C 17 -36.29 12.95 -2.36
N THR C 18 -36.76 11.93 -3.05
CA THR C 18 -37.97 11.96 -3.89
C THR C 18 -39.14 11.44 -3.07
N THR C 19 -40.18 12.26 -2.87
CA THR C 19 -41.41 11.88 -2.17
C THR C 19 -42.55 11.86 -3.19
N ASP C 20 -43.69 11.29 -2.81
CA ASP C 20 -44.94 11.41 -3.60
C ASP C 20 -45.50 12.85 -3.58
N HIS C 21 -44.87 13.79 -2.88
CA HIS C 21 -45.21 15.24 -2.92
C HIS C 21 -44.17 16.03 -3.74
N GLY C 22 -43.11 15.39 -4.20
CA GLY C 22 -42.02 16.02 -4.98
C GLY C 22 -40.67 15.74 -4.36
N VAL C 23 -39.65 16.46 -4.82
CA VAL C 23 -38.23 16.34 -4.39
C VAL C 23 -38.02 17.32 -3.25
N ILE C 24 -37.38 16.91 -2.16
CA ILE C 24 -37.05 17.87 -1.07
C ILE C 24 -35.66 17.58 -0.52
N LYS C 25 -35.07 18.59 0.09
CA LYS C 25 -33.79 18.46 0.79
C LYS C 25 -34.11 18.25 2.26
N LEU C 26 -33.58 17.19 2.87
CA LEU C 26 -33.64 16.98 4.34
C LEU C 26 -32.30 17.38 4.91
N PRO C 27 -32.24 18.01 6.11
CA PRO C 27 -33.43 18.44 6.86
C PRO C 27 -33.94 19.85 6.50
N ASP C 28 -33.26 20.50 5.55
CA ASP C 28 -33.47 21.92 5.12
C ASP C 28 -34.95 22.25 4.92
N HIS C 29 -35.69 21.39 4.23
CA HIS C 29 -37.12 21.62 3.91
C HIS C 29 -37.91 21.97 5.17
N TYR C 30 -37.62 21.29 6.28
CA TYR C 30 -38.39 21.42 7.54
C TYR C 30 -37.72 22.52 8.38
N VAL C 31 -36.39 22.55 8.45
CA VAL C 31 -35.69 23.67 9.15
C VAL C 31 -36.19 25.02 8.59
N SER C 32 -36.30 25.16 7.28
CA SER C 32 -36.74 26.43 6.61
C SER C 32 -38.11 26.89 7.09
N GLN C 33 -38.97 25.94 7.49
CA GLN C 33 -40.35 26.18 7.97
C GLN C 33 -40.39 26.29 9.49
N GLY C 34 -39.24 26.17 10.18
CA GLY C 34 -39.21 26.17 11.67
C GLY C 34 -39.86 24.93 12.23
N LYS C 35 -39.95 23.86 11.44
CA LYS C 35 -40.65 22.63 11.90
C LYS C 35 -39.65 21.59 12.40
N TRP C 36 -40.13 20.80 13.37
CA TRP C 36 -39.60 19.45 13.65
C TRP C 36 -40.12 18.50 12.58
N PHE C 37 -39.44 17.37 12.39
CA PHE C 37 -40.03 16.28 11.60
C PHE C 37 -39.75 14.95 12.27
N VAL C 38 -40.72 14.07 12.09
CA VAL C 38 -40.57 12.63 12.38
C VAL C 38 -40.45 11.94 11.04
N LEU C 39 -39.28 11.39 10.76
CA LEU C 39 -39.09 10.52 9.60
C LEU C 39 -39.27 9.11 10.12
N PHE C 40 -40.16 8.35 9.51
CA PHE C 40 -40.38 6.93 9.88
C PHE C 40 -40.36 6.11 8.60
N SER C 41 -40.01 4.84 8.76
CA SER C 41 -39.87 3.89 7.65
C SER C 41 -40.84 2.75 7.84
N HIS C 42 -41.15 2.08 6.74
CA HIS C 42 -41.93 0.84 6.75
C HIS C 42 -41.38 -0.04 5.65
N PRO C 43 -41.55 -1.37 5.77
CA PRO C 43 -40.93 -2.32 4.85
C PRO C 43 -41.41 -2.18 3.41
N ALA C 44 -42.72 -2.12 3.19
CA ALA C 44 -43.29 -2.01 1.82
C ALA C 44 -44.71 -1.47 1.88
N ASP C 45 -45.11 -0.84 0.80
CA ASP C 45 -46.51 -0.48 0.48
C ASP C 45 -47.36 -1.76 0.40
N PHE C 46 -48.66 -1.63 0.62
CA PHE C 46 -49.61 -2.77 0.61
C PHE C 46 -49.13 -3.87 1.57
N THR C 47 -48.70 -3.47 2.75
CA THR C 47 -48.44 -4.42 3.85
C THR C 47 -49.34 -3.99 5.00
N PRO C 48 -49.91 -4.94 5.76
CA PRO C 48 -50.94 -4.61 6.75
C PRO C 48 -50.47 -3.85 8.00
N VAL C 49 -49.38 -4.21 8.68
CA VAL C 49 -48.94 -3.47 9.87
C VAL C 49 -48.65 -2.05 9.41
N SER C 50 -47.89 -1.93 8.34
CA SER C 50 -47.56 -0.62 7.72
C SER C 50 -48.83 0.21 7.51
N THR C 51 -49.90 -0.40 6.97
CA THR C 51 -51.17 0.32 6.72
C THR C 51 -51.74 0.80 8.07
N THR C 52 -51.71 -0.03 9.12
CA THR C 52 -52.31 0.36 10.43
C THR C 52 -51.48 1.52 10.95
N GLU C 53 -50.18 1.56 10.67
CA GLU C 53 -49.33 2.65 11.19
C GLU C 53 -49.68 3.95 10.45
N PHE C 54 -49.76 3.93 9.13
CA PHE C 54 -50.08 5.18 8.37
C PHE C 54 -51.43 5.76 8.84
N VAL C 55 -52.37 4.88 9.14
CA VAL C 55 -53.72 5.29 9.60
C VAL C 55 -53.59 5.93 10.96
N SER C 56 -52.80 5.32 11.85
CA SER C 56 -52.57 5.85 13.19
C SER C 56 -51.90 7.23 13.09
N PHE C 57 -50.88 7.37 12.24
CA PHE C 57 -50.19 8.67 12.10
C PHE C 57 -51.18 9.71 11.57
N ALA C 58 -51.97 9.36 10.55
CA ALA C 58 -52.93 10.26 9.88
C ALA C 58 -53.97 10.76 10.90
N ARG C 59 -54.36 9.89 11.82
CA ARG C 59 -55.34 10.22 12.88
C ARG C 59 -54.71 11.22 13.84
N ARG C 60 -53.40 11.14 14.03
CA ARG C 60 -52.65 12.01 14.96
C ARG C 60 -52.03 13.20 14.23
N TYR C 61 -52.30 13.37 12.96
CA TYR C 61 -51.59 14.39 12.14
C TYR C 61 -51.81 15.79 12.74
N GLU C 62 -53.04 16.09 13.12
CA GLU C 62 -53.42 17.40 13.69
C GLU C 62 -52.67 17.61 15.00
N ASP C 63 -52.59 16.59 15.85
CA ASP C 63 -51.75 16.63 17.07
C ASP C 63 -50.27 16.94 16.72
N PHE C 64 -49.70 16.32 15.67
CA PHE C 64 -48.30 16.65 15.31
C PHE C 64 -48.26 18.11 14.85
N GLN C 65 -49.16 18.49 13.95
CA GLN C 65 -49.19 19.86 13.39
C GLN C 65 -49.23 20.91 14.51
N ARG C 66 -50.02 20.67 15.54
CA ARG C 66 -50.19 21.59 16.70
C ARG C 66 -48.86 21.77 17.41
N LEU C 67 -47.98 20.77 17.37
CA LEU C 67 -46.65 20.81 18.04
C LEU C 67 -45.63 21.43 17.11
N GLY C 68 -46.02 21.77 15.89
CA GLY C 68 -45.04 22.28 14.91
C GLY C 68 -44.19 21.15 14.36
N VAL C 69 -44.80 19.98 14.17
CA VAL C 69 -44.08 18.73 13.78
C VAL C 69 -44.72 18.24 12.48
N ASP C 70 -43.89 17.93 11.49
CA ASP C 70 -44.37 17.28 10.27
C ASP C 70 -43.95 15.80 10.26
N LEU C 71 -44.61 15.02 9.42
CA LEU C 71 -44.36 13.58 9.24
C LEU C 71 -43.87 13.34 7.82
N ILE C 72 -42.92 12.43 7.70
CA ILE C 72 -42.45 11.97 6.39
C ILE C 72 -42.16 10.48 6.53
N GLY C 73 -42.81 9.68 5.70
CA GLY C 73 -42.55 8.24 5.59
C GLY C 73 -41.42 7.92 4.66
N LEU C 74 -41.12 6.63 4.55
CA LEU C 74 -40.00 6.07 3.77
C LEU C 74 -40.25 4.58 3.59
N SER C 75 -40.24 4.11 2.36
CA SER C 75 -40.00 2.69 2.03
C SER C 75 -39.16 2.62 0.76
N VAL C 76 -38.76 1.40 0.39
CA VAL C 76 -37.98 1.13 -0.85
C VAL C 76 -38.92 1.11 -2.08
N ASP C 77 -40.23 1.17 -1.91
CA ASP C 77 -41.18 1.28 -3.06
C ASP C 77 -41.08 2.62 -3.81
N SER C 78 -41.66 2.66 -5.01
CA SER C 78 -41.68 3.79 -5.95
C SER C 78 -42.76 4.78 -5.57
N VAL C 79 -42.69 5.99 -6.13
CA VAL C 79 -43.73 7.04 -5.94
C VAL C 79 -45.08 6.48 -6.43
N CYS C 80 -45.12 5.71 -7.51
CA CYS C 80 -46.38 5.28 -8.16
C CYS C 80 -47.10 4.31 -7.21
N SER C 81 -46.34 3.40 -6.61
CA SER C 81 -46.85 2.50 -5.54
C SER C 81 -47.31 3.34 -4.34
N HIS C 82 -46.56 4.38 -3.94
CA HIS C 82 -46.98 5.24 -2.80
C HIS C 82 -48.39 5.77 -3.08
N ILE C 83 -48.61 6.32 -4.27
CA ILE C 83 -49.90 7.00 -4.60
C ILE C 83 -51.00 5.94 -4.66
N LYS C 84 -50.74 4.78 -5.25
CA LYS C 84 -51.76 3.71 -5.35
C LYS C 84 -52.16 3.22 -3.96
N TRP C 85 -51.20 3.12 -3.06
CA TRP C 85 -51.44 2.62 -1.70
C TRP C 85 -52.27 3.64 -0.93
N LYS C 86 -51.91 4.91 -1.01
CA LYS C 86 -52.66 6.01 -0.38
C LYS C 86 -54.10 6.01 -0.90
N GLU C 87 -54.30 5.79 -2.20
CA GLU C 87 -55.64 5.72 -2.82
C GLU C 87 -56.38 4.52 -2.22
N TRP C 88 -55.72 3.36 -2.18
CA TRP C 88 -56.30 2.17 -1.52
C TRP C 88 -56.73 2.52 -0.08
N ILE C 89 -55.90 3.20 0.69
CA ILE C 89 -56.23 3.47 2.12
C ILE C 89 -57.46 4.40 2.18
N GLU C 90 -57.48 5.49 1.40
CA GLU C 90 -58.60 6.45 1.38
C GLU C 90 -59.88 5.72 0.98
N ARG C 91 -59.82 4.87 -0.03
CA ARG C 91 -61.00 4.14 -0.56
C ARG C 91 -61.54 3.09 0.42
N HIS C 92 -60.68 2.24 0.97
CA HIS C 92 -61.06 1.04 1.75
C HIS C 92 -61.14 1.34 3.25
N ILE C 93 -60.38 2.32 3.76
CA ILE C 93 -60.40 2.60 5.23
C ILE C 93 -61.10 3.94 5.47
N GLY C 94 -61.19 4.82 4.47
CA GLY C 94 -61.86 6.13 4.60
C GLY C 94 -60.93 7.16 5.20
N VAL C 95 -59.61 6.95 5.14
CA VAL C 95 -58.62 7.84 5.79
C VAL C 95 -57.69 8.34 4.69
N ARG C 96 -57.59 9.64 4.58
CA ARG C 96 -56.59 10.31 3.71
C ARG C 96 -55.27 10.41 4.48
N ILE C 97 -54.16 10.01 3.86
CA ILE C 97 -52.78 10.18 4.38
C ILE C 97 -52.27 11.53 3.84
N PRO C 98 -52.15 12.57 4.68
CA PRO C 98 -51.86 13.90 4.16
C PRO C 98 -50.35 14.18 3.95
N PHE C 99 -49.49 13.32 4.47
CA PHE C 99 -48.04 13.63 4.56
C PHE C 99 -47.29 12.80 3.53
N PRO C 100 -46.09 13.26 3.11
CA PRO C 100 -45.35 12.60 2.04
C PRO C 100 -44.70 11.29 2.52
N ILE C 101 -44.41 10.43 1.56
CA ILE C 101 -43.64 9.18 1.71
C ILE C 101 -42.44 9.31 0.77
N ILE C 102 -41.24 9.16 1.29
CA ILE C 102 -40.02 9.01 0.46
C ILE C 102 -40.11 7.69 -0.29
N ALA C 103 -39.71 7.70 -1.56
CA ALA C 103 -39.46 6.52 -2.42
C ALA C 103 -37.97 6.25 -2.43
N ASP C 104 -37.50 5.09 -1.96
CA ASP C 104 -36.05 4.86 -1.82
C ASP C 104 -35.66 3.55 -2.49
N PRO C 105 -35.99 3.34 -3.78
CA PRO C 105 -35.75 2.06 -4.43
C PRO C 105 -34.30 1.54 -4.48
N GLN C 106 -33.27 2.36 -4.40
CA GLN C 106 -31.94 1.70 -4.37
C GLN C 106 -31.47 1.56 -2.91
N GLY C 107 -32.30 1.96 -1.94
CA GLY C 107 -31.98 1.84 -0.52
C GLY C 107 -30.90 2.81 -0.06
N THR C 108 -30.61 3.87 -0.83
CA THR C 108 -29.60 4.94 -0.54
C THR C 108 -29.90 5.59 0.82
N VAL C 109 -31.16 6.03 0.99
CA VAL C 109 -31.61 6.68 2.25
C VAL C 109 -31.56 5.63 3.37
N ALA C 110 -32.10 4.44 3.11
CA ALA C 110 -32.17 3.33 4.09
C ALA C 110 -30.76 3.04 4.64
N ARG C 111 -29.73 2.96 3.79
CA ARG C 111 -28.37 2.60 4.24
C ARG C 111 -27.78 3.79 5.01
N ARG C 112 -28.06 5.01 4.59
CA ARG C 112 -27.60 6.20 5.32
C ARG C 112 -28.16 6.20 6.74
N LEU C 113 -29.39 5.77 6.94
CA LEU C 113 -30.08 5.91 8.25
C LEU C 113 -30.05 4.60 9.04
N GLY C 114 -29.36 3.57 8.56
CA GLY C 114 -29.26 2.27 9.25
C GLY C 114 -30.59 1.57 9.39
N LEU C 115 -31.44 1.64 8.36
CA LEU C 115 -32.84 1.16 8.38
C LEU C 115 -32.93 -0.26 7.82
N LEU C 116 -31.83 -0.77 7.28
CA LEU C 116 -31.76 -2.16 6.79
C LEU C 116 -31.09 -3.01 7.89
N HIS C 117 -31.85 -3.83 8.59
CA HIS C 117 -31.39 -4.70 9.68
C HIS C 117 -31.35 -6.12 9.14
N ALA C 118 -30.93 -7.07 9.97
CA ALA C 118 -30.69 -8.46 9.54
C ALA C 118 -32.04 -9.10 9.23
N GLU C 119 -33.12 -8.57 9.79
CA GLU C 119 -34.46 -9.13 9.59
C GLU C 119 -34.81 -9.14 8.09
N SER C 120 -34.34 -8.20 7.30
CA SER C 120 -34.58 -8.19 5.84
C SER C 120 -33.42 -7.49 5.14
N ALA C 121 -32.85 -8.14 4.13
CA ALA C 121 -31.84 -7.55 3.23
C ALA C 121 -32.50 -6.49 2.31
N THR C 122 -33.80 -6.59 2.02
CA THR C 122 -34.44 -5.81 0.92
C THR C 122 -35.31 -4.70 1.47
N HIS C 123 -35.86 -4.88 2.67
CA HIS C 123 -36.90 -3.99 3.20
C HIS C 123 -36.46 -3.45 4.55
N THR C 124 -36.72 -2.18 4.72
CA THR C 124 -36.49 -1.33 5.89
C THR C 124 -37.31 -1.91 7.05
N VAL C 125 -36.73 -1.91 8.24
CA VAL C 125 -37.50 -2.05 9.50
C VAL C 125 -38.31 -0.77 9.75
N ARG C 126 -38.87 -0.66 10.94
CA ARG C 126 -39.81 0.41 11.30
C ARG C 126 -39.02 1.41 12.13
N GLY C 127 -38.18 2.16 11.45
CA GLY C 127 -37.36 3.23 12.02
C GLY C 127 -38.13 4.49 12.31
N VAL C 128 -37.64 5.23 13.29
CA VAL C 128 -38.21 6.54 13.66
C VAL C 128 -37.04 7.48 13.99
N PHE C 129 -36.91 8.55 13.22
CA PHE C 129 -35.97 9.65 13.50
C PHE C 129 -36.79 10.86 13.93
N ILE C 130 -36.55 11.35 15.14
CA ILE C 130 -37.16 12.62 15.60
C ILE C 130 -36.12 13.73 15.44
N VAL C 131 -36.39 14.68 14.55
CA VAL C 131 -35.44 15.78 14.20
C VAL C 131 -36.09 17.12 14.56
N ASP C 132 -35.35 17.97 15.27
CA ASP C 132 -35.84 19.29 15.76
C ASP C 132 -35.70 20.32 14.64
N ALA C 133 -36.02 21.58 14.95
CA ALA C 133 -36.09 22.70 13.99
C ALA C 133 -34.69 23.25 13.71
N ARG C 134 -33.64 22.74 14.35
CA ARG C 134 -32.24 23.06 13.95
C ARG C 134 -31.74 21.94 13.04
N GLY C 135 -32.61 20.97 12.74
CA GLY C 135 -32.24 19.78 11.94
C GLY C 135 -31.35 18.78 12.69
N VAL C 136 -31.46 18.74 14.03
CA VAL C 136 -30.62 17.86 14.91
C VAL C 136 -31.46 16.64 15.31
N ILE C 137 -30.89 15.45 15.18
CA ILE C 137 -31.57 14.19 15.55
C ILE C 137 -31.67 14.17 17.08
N ARG C 138 -32.85 13.91 17.62
CA ARG C 138 -33.11 14.04 19.06
C ARG C 138 -33.40 12.67 19.65
N THR C 139 -33.91 11.71 18.86
CA THR C 139 -34.37 10.40 19.36
C THR C 139 -34.46 9.46 18.16
N MET C 140 -34.15 8.17 18.36
CA MET C 140 -34.19 7.19 17.25
C MET C 140 -34.77 5.90 17.80
N LEU C 141 -35.79 5.38 17.15
CA LEU C 141 -36.43 4.11 17.55
C LEU C 141 -36.32 3.16 16.36
N TYR C 142 -36.07 1.91 16.65
CA TYR C 142 -36.03 0.82 15.64
C TYR C 142 -36.97 -0.28 16.10
N TYR C 143 -38.20 -0.25 15.57
CA TYR C 143 -39.17 -1.32 15.73
C TYR C 143 -38.96 -2.31 14.60
N PRO C 144 -39.32 -3.59 14.82
CA PRO C 144 -39.16 -4.62 13.81
C PRO C 144 -40.35 -4.76 12.86
N MET C 145 -40.25 -5.67 11.91
CA MET C 145 -41.30 -5.97 10.92
C MET C 145 -42.61 -6.34 11.65
N GLU C 146 -42.53 -7.21 12.65
CA GLU C 146 -43.68 -7.92 13.22
C GLU C 146 -44.45 -7.06 14.23
N LEU C 147 -44.02 -5.81 14.48
CA LEU C 147 -44.54 -5.02 15.64
C LEU C 147 -44.80 -3.58 15.21
N GLY C 148 -46.06 -3.19 15.23
CA GLY C 148 -46.46 -1.80 14.98
C GLY C 148 -46.01 -0.91 16.10
N ARG C 149 -45.64 0.31 15.74
CA ARG C 149 -45.32 1.39 16.69
C ARG C 149 -46.54 1.79 17.53
N LEU C 150 -46.25 2.41 18.67
CA LEU C 150 -47.21 3.13 19.54
C LEU C 150 -47.08 4.61 19.25
N VAL C 151 -47.92 5.15 18.37
CA VAL C 151 -47.68 6.52 17.80
C VAL C 151 -47.84 7.56 18.92
N ASP C 152 -48.67 7.29 19.93
CA ASP C 152 -48.84 8.23 21.07
C ASP C 152 -47.51 8.42 21.81
N GLU C 153 -46.59 7.46 21.80
CA GLU C 153 -45.27 7.62 22.48
C GLU C 153 -44.43 8.59 21.65
N ILE C 154 -44.61 8.61 20.34
CA ILE C 154 -43.87 9.56 19.46
C ILE C 154 -44.37 10.99 19.78
N LEU C 155 -45.69 11.18 19.92
CA LEU C 155 -46.23 12.48 20.37
C LEU C 155 -45.65 12.82 21.75
N ARG C 156 -45.64 11.86 22.69
CA ARG C 156 -45.16 12.17 24.05
C ARG C 156 -43.69 12.61 24.00
N ILE C 157 -42.86 11.89 23.22
CA ILE C 157 -41.42 12.20 23.07
C ILE C 157 -41.30 13.63 22.51
N VAL C 158 -41.99 13.98 21.43
CA VAL C 158 -41.83 15.32 20.83
C VAL C 158 -42.31 16.39 21.84
N LYS C 159 -43.43 16.17 22.49
CA LYS C 159 -43.98 17.15 23.45
C LYS C 159 -42.98 17.36 24.61
N ALA C 160 -42.46 16.27 25.17
CA ALA C 160 -41.55 16.29 26.33
C ALA C 160 -40.22 16.97 25.96
N LEU C 161 -39.69 16.73 24.77
CA LEU C 161 -38.44 17.33 24.27
C LEU C 161 -38.64 18.86 24.14
N LYS C 162 -39.74 19.31 23.51
CA LYS C 162 -40.04 20.76 23.29
C LYS C 162 -40.20 21.48 24.62
N LEU C 163 -40.88 20.85 25.57
CA LEU C 163 -41.04 21.34 26.97
C LEU C 163 -39.68 21.43 27.66
N GLY C 164 -38.91 20.34 27.63
CA GLY C 164 -37.55 20.32 28.19
C GLY C 164 -36.69 21.43 27.59
N ASP C 165 -36.74 21.61 26.27
CA ASP C 165 -35.98 22.68 25.56
C ASP C 165 -36.48 24.07 26.03
N SER C 166 -37.78 24.33 26.10
CA SER C 166 -38.28 25.68 26.49
C SER C 166 -37.93 25.95 27.94
N LEU C 167 -38.13 24.96 28.80
CA LEU C 167 -38.14 25.20 30.27
C LEU C 167 -36.76 24.90 30.84
N LYS C 168 -35.80 24.49 30.00
CA LYS C 168 -34.41 24.14 30.42
C LYS C 168 -34.48 23.07 31.50
N ARG C 169 -35.17 21.97 31.21
CA ARG C 169 -35.37 20.86 32.16
C ARG C 169 -35.16 19.53 31.43
N ALA C 170 -34.80 18.54 32.20
CA ALA C 170 -34.81 17.15 31.77
C ALA C 170 -36.15 16.56 32.28
N VAL C 171 -36.59 15.51 31.60
CA VAL C 171 -37.93 14.90 31.76
C VAL C 171 -37.79 13.53 32.40
N PRO C 172 -38.45 13.33 33.55
CA PRO C 172 -38.35 12.07 34.26
C PRO C 172 -39.03 10.92 33.49
N ALA C 173 -38.67 9.70 33.89
CA ALA C 173 -39.31 8.47 33.38
C ALA C 173 -40.83 8.64 33.45
N ASP C 174 -41.52 8.31 32.36
CA ASP C 174 -42.99 8.08 32.37
C ASP C 174 -43.71 9.41 32.60
N TRP C 175 -43.03 10.52 32.38
CA TRP C 175 -43.65 11.87 32.46
C TRP C 175 -44.84 11.94 31.50
N PRO C 176 -45.98 12.54 31.86
CA PRO C 176 -46.14 13.33 33.09
C PRO C 176 -46.64 12.62 34.34
N ASN C 177 -46.54 11.28 34.37
CA ASN C 177 -47.03 10.41 35.47
C ASN C 177 -45.83 9.71 36.12
N ASN C 178 -44.73 10.42 36.33
CA ASN C 178 -43.55 9.85 37.03
C ASN C 178 -43.92 9.52 38.48
N GLU C 179 -43.50 8.36 38.95
CA GLU C 179 -43.87 7.79 40.27
C GLU C 179 -43.22 8.60 41.41
N ILE C 180 -42.07 9.24 41.18
CA ILE C 180 -41.34 10.00 42.23
C ILE C 180 -41.86 11.43 42.27
N ILE C 181 -41.90 12.11 41.12
CA ILE C 181 -42.18 13.59 41.09
C ILE C 181 -43.39 13.93 40.22
N GLY C 182 -44.13 12.95 39.72
CA GLY C 182 -45.37 13.22 38.96
C GLY C 182 -45.12 13.94 37.67
N GLU C 183 -45.60 15.19 37.57
CA GLU C 183 -45.47 16.06 36.37
C GLU C 183 -44.28 17.01 36.56
N GLY C 184 -43.54 16.87 37.64
CA GLY C 184 -42.29 17.60 37.85
C GLY C 184 -41.31 17.38 36.72
N LEU C 185 -40.44 18.36 36.53
CA LEU C 185 -39.34 18.33 35.56
C LEU C 185 -38.04 18.55 36.31
N ILE C 186 -36.97 17.97 35.81
CA ILE C 186 -35.70 17.85 36.56
C ILE C 186 -34.80 19.00 36.15
N VAL C 187 -34.19 19.66 37.13
CA VAL C 187 -33.10 20.66 36.93
C VAL C 187 -31.85 19.88 36.57
N PRO C 188 -31.14 20.18 35.45
CA PRO C 188 -29.92 19.45 35.12
C PRO C 188 -28.98 19.55 36.32
N PRO C 189 -28.33 18.44 36.74
CA PRO C 189 -27.58 18.42 37.98
C PRO C 189 -26.35 19.35 37.95
N PRO C 190 -25.86 19.80 39.12
CA PRO C 190 -24.61 20.57 39.16
C PRO C 190 -23.45 19.79 38.51
N THR C 191 -22.48 20.47 37.90
CA THR C 191 -21.27 19.83 37.33
C THR C 191 -20.04 20.09 38.22
N THR C 192 -20.17 20.87 39.30
CA THR C 192 -19.03 21.14 40.21
C THR C 192 -19.47 21.11 41.67
N GLU C 193 -18.51 20.97 42.55
CA GLU C 193 -18.71 21.00 44.02
C GLU C 193 -19.26 22.36 44.45
N ASP C 194 -18.75 23.44 43.87
CA ASP C 194 -19.21 24.81 44.18
C ASP C 194 -20.69 24.91 43.79
N GLN C 195 -21.06 24.50 42.58
CA GLN C 195 -22.49 24.52 42.16
C GLN C 195 -23.32 23.60 43.06
N ALA C 196 -22.85 22.40 43.39
CA ALA C 196 -23.62 21.45 44.24
C ALA C 196 -23.90 22.10 45.60
N ARG C 197 -22.88 22.70 46.22
CA ARG C 197 -22.99 23.48 47.49
C ARG C 197 -24.04 24.57 47.33
N ALA C 198 -23.90 25.43 46.32
CA ALA C 198 -24.79 26.60 46.09
C ALA C 198 -26.24 26.15 45.94
N ARG C 199 -26.49 25.17 45.06
CA ARG C 199 -27.86 24.67 44.78
C ARG C 199 -28.52 24.26 46.09
N MET C 200 -27.83 23.50 46.92
CA MET C 200 -28.38 22.94 48.17
C MET C 200 -28.65 24.09 49.15
N GLU C 201 -27.69 24.98 49.36
CA GLU C 201 -27.80 26.09 50.36
C GLU C 201 -28.68 27.22 49.79
N SER C 202 -29.22 27.11 48.56
CA SER C 202 -30.17 28.10 48.00
C SER C 202 -31.61 27.72 48.39
N GLY C 203 -31.92 26.43 48.55
CA GLY C 203 -33.30 25.95 48.77
C GLY C 203 -34.29 26.42 47.68
N GLN C 204 -33.80 26.72 46.48
CA GLN C 204 -34.63 27.20 45.34
C GLN C 204 -35.56 26.09 44.83
N TYR C 205 -35.24 24.81 45.04
CA TYR C 205 -36.01 23.70 44.43
C TYR C 205 -36.21 22.59 45.44
N ARG C 206 -37.27 21.82 45.27
CA ARG C 206 -37.46 20.52 45.97
C ARG C 206 -36.29 19.62 45.56
N SER C 207 -35.71 18.88 46.49
CA SER C 207 -34.48 18.09 46.22
C SER C 207 -34.55 16.80 47.00
N LEU C 208 -33.96 15.76 46.46
CA LEU C 208 -33.67 14.52 47.21
C LEU C 208 -32.19 14.50 47.58
N ASP C 209 -31.39 15.30 46.88
CA ASP C 209 -29.92 15.37 46.99
C ASP C 209 -29.46 16.47 46.03
N TRP C 210 -28.18 16.83 46.11
CA TRP C 210 -27.63 17.97 45.37
C TRP C 210 -27.77 17.68 43.86
N TRP C 211 -27.84 16.41 43.47
CA TRP C 211 -27.85 16.00 42.03
C TRP C 211 -29.29 15.73 41.54
N PHE C 212 -30.28 15.78 42.43
CA PHE C 212 -31.70 15.46 42.14
C PHE C 212 -32.56 16.59 42.68
N SER C 213 -32.70 17.63 41.86
CA SER C 213 -33.65 18.74 42.08
C SER C 213 -34.71 18.77 40.96
N TRP C 214 -35.92 19.23 41.30
CA TRP C 214 -37.03 19.41 40.34
C TRP C 214 -37.99 20.50 40.84
N ASP C 215 -38.81 20.98 39.91
CA ASP C 215 -39.90 21.95 40.14
C ASP C 215 -41.05 21.48 39.22
N THR C 216 -42.06 22.33 39.02
CA THR C 216 -43.31 21.99 38.27
C THR C 216 -43.65 23.18 37.40
N PRO C 217 -42.79 23.51 36.43
CA PRO C 217 -42.98 24.70 35.60
C PRO C 217 -43.84 24.48 34.36
N ALA C 218 -44.22 23.25 34.02
CA ALA C 218 -45.03 23.01 32.81
C ALA C 218 -46.47 23.48 33.10
N SER C 219 -47.09 24.16 32.15
CA SER C 219 -48.49 24.66 32.27
C SER C 219 -49.44 23.47 32.35
N ARG C 220 -50.58 23.65 33.03
CA ARG C 220 -51.67 22.63 33.06
C ARG C 220 -51.97 22.15 31.62
N ASP C 221 -52.03 23.06 30.64
CA ASP C 221 -52.38 22.75 29.23
C ASP C 221 -51.35 21.77 28.63
N ASP C 222 -50.06 22.06 28.81
CA ASP C 222 -48.94 21.22 28.34
C ASP C 222 -49.06 19.82 28.97
N VAL C 223 -49.24 19.75 30.29
CA VAL C 223 -49.38 18.47 31.03
C VAL C 223 -50.61 17.70 30.51
N GLU C 224 -51.76 18.37 30.29
CA GLU C 224 -53.03 17.67 29.94
C GLU C 224 -52.90 17.19 28.48
N GLU C 225 -52.22 17.94 27.65
CA GLU C 225 -51.94 17.55 26.24
C GLU C 225 -51.15 16.23 26.22
N ALA C 226 -50.13 16.07 27.08
CA ALA C 226 -49.31 14.84 27.16
C ALA C 226 -50.14 13.69 27.74
N ARG C 227 -50.93 13.97 28.77
CA ARG C 227 -51.78 12.95 29.42
C ARG C 227 -52.83 12.47 28.40
N ARG C 228 -53.31 13.35 27.53
CA ARG C 228 -54.31 13.01 26.49
C ARG C 228 -53.73 11.93 25.56
N TYR C 229 -52.45 12.04 25.19
CA TYR C 229 -51.85 11.09 24.22
C TYR C 229 -51.86 9.70 24.84
N LEU C 230 -51.39 9.62 26.10
CA LEU C 230 -51.30 8.34 26.82
C LEU C 230 -52.69 7.79 27.12
N ARG C 231 -53.67 8.65 27.44
CA ARG C 231 -55.07 8.21 27.64
C ARG C 231 -55.55 7.59 26.33
N ARG C 232 -55.36 8.24 25.18
CA ARG C 232 -55.79 7.65 23.89
C ARG C 232 -55.10 6.30 23.67
N ALA C 233 -53.82 6.17 23.96
CA ALA C 233 -53.08 4.89 23.82
C ALA C 233 -53.72 3.80 24.69
N ALA C 234 -54.13 4.14 25.92
CA ALA C 234 -54.71 3.20 26.91
C ALA C 234 -56.17 2.78 26.58
N GLU C 235 -56.99 3.65 25.99
CA GLU C 235 -58.45 3.42 25.84
C GLU C 235 -58.71 2.66 24.53
N LYS C 236 -59.54 1.62 24.57
CA LYS C 236 -60.02 0.93 23.36
C LYS C 236 -60.86 1.91 22.55
N PRO C 237 -60.62 2.07 21.24
CA PRO C 237 -61.41 3.00 20.43
C PRO C 237 -62.89 2.59 20.46
N ALA C 238 -63.80 3.59 20.56
CA ALA C 238 -65.27 3.42 20.59
C ALA C 238 -65.77 2.71 19.32
N LYS C 239 -65.27 3.09 18.13
CA LYS C 239 -65.60 2.36 16.88
C LYS C 239 -64.33 1.97 16.11
N LEU C 240 -64.30 0.75 15.59
CA LEU C 240 -63.21 0.22 14.72
C LEU C 240 -63.52 0.57 13.26
N LEU C 241 -62.48 0.89 12.49
CA LEU C 241 -62.58 1.38 11.09
C LEU C 241 -62.88 0.22 10.14
N TYR C 242 -62.65 -1.03 10.52
CA TYR C 242 -62.94 -2.21 9.63
C TYR C 242 -64.47 -2.39 9.54
N GLU C 243 -65.25 -1.81 10.48
CA GLU C 243 -66.73 -1.97 10.61
C GLU C 243 -67.45 -1.42 9.37
N GLU C 244 -67.08 -0.23 8.88
CA GLU C 244 -67.75 0.46 7.73
C GLU C 244 -66.79 0.48 6.51
N ALA C 245 -65.97 -0.56 6.36
CA ALA C 245 -64.95 -0.73 5.30
C ALA C 245 -65.47 -1.70 4.23
N PRO D 2 -21.09 9.98 12.48
CA PRO D 2 -22.02 8.85 12.71
C PRO D 2 -21.37 7.76 13.59
N GLY D 3 -22.07 6.64 13.78
CA GLY D 3 -21.66 5.51 14.63
C GLY D 3 -22.16 4.20 14.04
N SER D 4 -21.83 3.09 14.68
CA SER D 4 -22.14 1.71 14.23
C SER D 4 -22.98 1.01 15.31
N ILE D 5 -23.89 0.12 14.93
CA ILE D 5 -24.80 -0.60 15.88
C ILE D 5 -24.95 -2.07 15.53
N PRO D 6 -25.43 -2.88 16.48
CA PRO D 6 -25.93 -4.21 16.17
C PRO D 6 -27.32 -3.99 15.54
N LEU D 7 -27.91 -5.03 14.95
CA LEU D 7 -29.16 -4.81 14.16
C LEU D 7 -30.19 -5.83 14.61
N ILE D 8 -31.47 -5.46 14.50
CA ILE D 8 -32.63 -6.37 14.69
C ILE D 8 -32.39 -7.60 13.84
N GLY D 9 -32.61 -8.79 14.41
CA GLY D 9 -32.45 -10.10 13.74
C GLY D 9 -31.03 -10.65 13.91
N GLU D 10 -30.04 -9.83 14.28
CA GLU D 10 -28.68 -10.32 14.67
C GLU D 10 -28.72 -10.87 16.11
N ARG D 11 -27.90 -11.89 16.33
CA ARG D 11 -27.53 -12.42 17.67
C ARG D 11 -26.90 -11.26 18.45
N PHE D 12 -27.35 -11.01 19.66
CA PHE D 12 -26.67 -10.01 20.51
C PHE D 12 -25.20 -10.38 20.56
N PRO D 13 -24.24 -9.45 20.38
CA PRO D 13 -22.84 -9.84 20.30
C PRO D 13 -22.32 -10.55 21.56
N GLU D 14 -21.53 -11.62 21.38
CA GLU D 14 -20.87 -12.38 22.47
C GLU D 14 -20.00 -11.40 23.24
N MET D 15 -20.16 -11.33 24.55
CA MET D 15 -19.26 -10.44 25.32
C MET D 15 -19.36 -10.85 26.77
N GLU D 16 -18.25 -10.70 27.46
CA GLU D 16 -18.22 -10.92 28.92
C GLU D 16 -18.35 -9.54 29.51
N VAL D 17 -19.19 -9.35 30.50
CA VAL D 17 -19.34 -8.01 31.11
C VAL D 17 -19.24 -8.19 32.60
N THR D 18 -18.77 -7.15 33.24
CA THR D 18 -18.75 -7.03 34.71
C THR D 18 -19.99 -6.26 35.14
N THR D 19 -20.76 -6.85 36.04
CA THR D 19 -21.93 -6.23 36.67
C THR D 19 -21.72 -6.22 38.18
N ASP D 20 -22.60 -5.52 38.89
CA ASP D 20 -22.60 -5.44 40.37
C ASP D 20 -23.19 -6.72 40.98
N HIS D 21 -23.56 -7.70 40.14
CA HIS D 21 -23.95 -9.07 40.54
C HIS D 21 -22.86 -10.07 40.13
N GLY D 22 -21.81 -9.64 39.45
CA GLY D 22 -20.76 -10.59 39.03
C GLY D 22 -20.50 -10.46 37.56
N VAL D 23 -19.69 -11.36 37.04
CA VAL D 23 -19.20 -11.39 35.64
C VAL D 23 -20.16 -12.32 34.91
N ILE D 24 -20.62 -11.94 33.71
CA ILE D 24 -21.52 -12.82 32.90
C ILE D 24 -21.17 -12.67 31.44
N LYS D 25 -21.46 -13.70 30.67
CA LYS D 25 -21.39 -13.67 29.20
C LYS D 25 -22.82 -13.27 28.74
N LEU D 26 -22.91 -12.33 27.81
CA LEU D 26 -24.18 -12.05 27.11
C LEU D 26 -23.98 -12.58 25.70
N PRO D 27 -25.03 -13.11 25.04
CA PRO D 27 -26.35 -13.30 25.64
C PRO D 27 -26.48 -14.61 26.44
N ASP D 28 -25.39 -15.40 26.48
CA ASP D 28 -25.35 -16.84 26.89
C ASP D 28 -26.05 -16.98 28.22
N HIS D 29 -25.77 -16.08 29.15
CA HIS D 29 -26.31 -16.08 30.54
C HIS D 29 -27.84 -16.10 30.57
N TYR D 30 -28.51 -15.45 29.61
CA TYR D 30 -30.00 -15.37 29.66
C TYR D 30 -30.60 -16.53 28.84
N VAL D 31 -30.02 -16.88 27.71
CA VAL D 31 -30.41 -18.04 26.85
C VAL D 31 -30.54 -19.29 27.74
N SER D 32 -29.48 -19.61 28.51
CA SER D 32 -29.39 -20.76 29.45
C SER D 32 -30.51 -20.77 30.49
N GLN D 33 -31.11 -19.64 30.82
CA GLN D 33 -32.24 -19.65 31.76
C GLN D 33 -33.58 -19.65 30.99
N GLY D 34 -33.54 -19.79 29.67
CA GLY D 34 -34.73 -19.60 28.80
C GLY D 34 -35.31 -18.20 28.87
N LYS D 35 -34.47 -17.18 29.08
CA LYS D 35 -34.94 -15.82 29.40
C LYS D 35 -34.64 -14.84 28.26
N TRP D 36 -35.58 -13.94 28.01
CA TRP D 36 -35.40 -12.67 27.25
C TRP D 36 -34.63 -11.76 28.18
N PHE D 37 -33.88 -10.80 27.67
CA PHE D 37 -33.42 -9.71 28.55
C PHE D 37 -33.66 -8.37 27.88
N VAL D 38 -33.90 -7.36 28.69
CA VAL D 38 -33.85 -5.96 28.23
C VAL D 38 -32.56 -5.39 28.81
N LEU D 39 -31.62 -5.11 27.93
CA LEU D 39 -30.42 -4.30 28.27
C LEU D 39 -30.70 -2.83 28.00
N PHE D 40 -30.55 -1.97 29.01
CA PHE D 40 -30.75 -0.51 28.89
C PHE D 40 -29.55 0.21 29.51
N SER D 41 -29.24 1.37 28.96
CA SER D 41 -28.06 2.17 29.36
C SER D 41 -28.57 3.49 29.97
N HIS D 42 -27.76 4.10 30.82
CA HIS D 42 -28.01 5.45 31.36
C HIS D 42 -26.64 6.12 31.45
N PRO D 43 -26.58 7.45 31.40
CA PRO D 43 -25.31 8.15 31.31
C PRO D 43 -24.37 7.92 32.50
N ALA D 44 -24.89 8.08 33.71
CA ALA D 44 -24.08 8.03 34.95
C ALA D 44 -24.96 7.73 36.15
N ASP D 45 -24.35 7.08 37.14
CA ASP D 45 -24.92 6.88 38.49
C ASP D 45 -25.10 8.26 39.14
N PHE D 46 -26.02 8.37 40.08
CA PHE D 46 -26.29 9.64 40.79
C PHE D 46 -26.63 10.73 39.77
N THR D 47 -27.46 10.37 38.77
CA THR D 47 -28.15 11.34 37.89
C THR D 47 -29.65 11.15 38.05
N PRO D 48 -30.39 12.28 38.04
CA PRO D 48 -31.82 12.26 38.37
C PRO D 48 -32.77 11.56 37.38
N VAL D 49 -32.68 11.85 36.09
CA VAL D 49 -33.56 11.14 35.11
C VAL D 49 -33.26 9.63 35.22
N SER D 50 -31.99 9.29 35.23
CA SER D 50 -31.56 7.88 35.35
C SER D 50 -32.15 7.23 36.59
N THR D 51 -32.14 7.93 37.72
CA THR D 51 -32.72 7.43 38.97
C THR D 51 -34.22 7.17 38.77
N THR D 52 -34.94 8.08 38.14
CA THR D 52 -36.41 7.90 37.90
C THR D 52 -36.62 6.62 37.06
N GLU D 53 -35.73 6.35 36.12
CA GLU D 53 -35.88 5.20 35.21
C GLU D 53 -35.63 3.91 35.97
N PHE D 54 -34.60 3.90 36.82
CA PHE D 54 -34.30 2.70 37.63
C PHE D 54 -35.48 2.39 38.55
N VAL D 55 -36.06 3.41 39.16
CA VAL D 55 -37.26 3.24 40.01
C VAL D 55 -38.44 2.71 39.18
N SER D 56 -38.61 3.21 37.97
CA SER D 56 -39.74 2.78 37.10
C SER D 56 -39.56 1.30 36.72
N PHE D 57 -38.34 0.91 36.37
CA PHE D 57 -38.04 -0.49 36.02
C PHE D 57 -38.28 -1.36 37.27
N ALA D 58 -37.83 -0.93 38.44
CA ALA D 58 -37.96 -1.73 39.68
C ALA D 58 -39.43 -1.94 40.03
N ARG D 59 -40.29 -0.92 39.86
CA ARG D 59 -41.74 -1.08 40.12
C ARG D 59 -42.34 -2.13 39.18
N ARG D 60 -41.79 -2.24 37.97
CA ARG D 60 -42.36 -3.09 36.88
C ARG D 60 -41.61 -4.42 36.79
N TYR D 61 -40.71 -4.65 37.73
CA TYR D 61 -39.87 -5.87 37.79
C TYR D 61 -40.71 -7.15 37.74
N GLU D 62 -41.79 -7.21 38.51
CA GLU D 62 -42.67 -8.41 38.56
C GLU D 62 -43.39 -8.56 37.22
N ASP D 63 -43.78 -7.44 36.59
CA ASP D 63 -44.40 -7.44 35.23
C ASP D 63 -43.41 -8.04 34.23
N PHE D 64 -42.12 -7.72 34.30
CA PHE D 64 -41.07 -8.29 33.42
C PHE D 64 -40.89 -9.78 33.74
N GLN D 65 -40.84 -10.15 35.02
CA GLN D 65 -40.69 -11.58 35.43
C GLN D 65 -41.92 -12.40 34.96
N ARG D 66 -43.13 -11.86 35.04
CA ARG D 66 -44.35 -12.47 34.45
C ARG D 66 -44.08 -12.88 32.99
N LEU D 67 -43.40 -12.03 32.20
CA LEU D 67 -43.12 -12.29 30.76
C LEU D 67 -41.87 -13.12 30.57
N GLY D 68 -41.19 -13.54 31.64
CA GLY D 68 -39.91 -14.27 31.52
C GLY D 68 -38.83 -13.37 30.95
N VAL D 69 -38.81 -12.10 31.39
CA VAL D 69 -37.82 -11.11 30.90
C VAL D 69 -36.95 -10.63 32.08
N ASP D 70 -35.64 -10.67 31.88
CA ASP D 70 -34.66 -10.17 32.87
C ASP D 70 -34.19 -8.78 32.40
N LEU D 71 -33.85 -7.95 33.37
CA LEU D 71 -33.41 -6.56 33.17
C LEU D 71 -31.93 -6.49 33.48
N ILE D 72 -31.19 -5.77 32.66
CA ILE D 72 -29.78 -5.49 32.96
C ILE D 72 -29.46 -4.07 32.50
N GLY D 73 -28.91 -3.27 33.41
CA GLY D 73 -28.55 -1.86 33.16
C GLY D 73 -27.14 -1.77 32.67
N LEU D 74 -26.69 -0.57 32.30
CA LEU D 74 -25.33 -0.29 31.79
C LEU D 74 -25.05 1.20 31.98
N SER D 75 -23.89 1.53 32.55
CA SER D 75 -23.28 2.88 32.47
C SER D 75 -21.77 2.75 32.50
N VAL D 76 -21.07 3.85 32.25
CA VAL D 76 -19.59 3.81 32.23
C VAL D 76 -19.02 3.85 33.67
N ASP D 77 -19.88 3.95 34.68
CA ASP D 77 -19.44 3.94 36.10
C ASP D 77 -19.00 2.54 36.53
N SER D 78 -18.28 2.48 37.64
CA SER D 78 -17.74 1.23 38.23
C SER D 78 -18.80 0.53 39.09
N VAL D 79 -18.55 -0.73 39.39
CA VAL D 79 -19.37 -1.57 40.28
C VAL D 79 -19.60 -0.86 41.62
N CYS D 80 -18.54 -0.28 42.21
CA CYS D 80 -18.61 0.30 43.58
C CYS D 80 -19.63 1.45 43.55
N SER D 81 -19.58 2.23 42.48
CA SER D 81 -20.51 3.37 42.29
C SER D 81 -21.92 2.82 42.09
N HIS D 82 -22.08 1.74 41.33
CA HIS D 82 -23.42 1.11 41.11
C HIS D 82 -24.01 0.74 42.46
N ILE D 83 -23.23 0.03 43.29
CA ILE D 83 -23.71 -0.45 44.59
C ILE D 83 -24.07 0.75 45.47
N LYS D 84 -23.25 1.81 45.52
CA LYS D 84 -23.55 2.99 46.37
C LYS D 84 -24.82 3.70 45.89
N TRP D 85 -25.02 3.77 44.58
CA TRP D 85 -26.21 4.44 43.99
C TRP D 85 -27.46 3.61 44.32
N LYS D 86 -27.36 2.31 44.19
CA LYS D 86 -28.47 1.42 44.60
C LYS D 86 -28.78 1.60 46.09
N GLU D 87 -27.76 1.65 46.96
CA GLU D 87 -27.98 1.85 48.43
C GLU D 87 -28.69 3.19 48.61
N TRP D 88 -28.26 4.23 47.89
CA TRP D 88 -28.87 5.57 47.97
C TRP D 88 -30.36 5.50 47.57
N ILE D 89 -30.70 4.86 46.46
CA ILE D 89 -32.11 4.75 46.03
C ILE D 89 -32.92 3.99 47.11
N GLU D 90 -32.39 2.89 47.66
CA GLU D 90 -33.10 2.09 48.69
C GLU D 90 -33.34 3.00 49.91
N ARG D 91 -32.31 3.70 50.39
CA ARG D 91 -32.37 4.52 51.63
C ARG D 91 -33.32 5.71 51.43
N HIS D 92 -33.28 6.40 50.29
CA HIS D 92 -33.90 7.73 50.11
C HIS D 92 -35.26 7.61 49.41
N ILE D 93 -35.47 6.60 48.59
CA ILE D 93 -36.75 6.50 47.82
C ILE D 93 -37.55 5.30 48.32
N GLY D 94 -36.89 4.40 49.06
CA GLY D 94 -37.47 3.15 49.61
C GLY D 94 -37.67 2.09 48.55
N VAL D 95 -36.91 2.14 47.45
CA VAL D 95 -37.08 1.17 46.33
C VAL D 95 -35.79 0.38 46.18
N ARG D 96 -35.89 -0.94 46.23
CA ARG D 96 -34.74 -1.84 46.04
C ARG D 96 -34.63 -2.10 44.52
N ILE D 97 -33.44 -1.95 43.96
CA ILE D 97 -33.13 -2.29 42.53
C ILE D 97 -32.62 -3.72 42.49
N PRO D 98 -33.44 -4.68 42.01
CA PRO D 98 -33.05 -6.08 42.12
C PRO D 98 -32.19 -6.59 40.97
N PHE D 99 -32.10 -5.84 39.87
CA PHE D 99 -31.46 -6.35 38.63
C PHE D 99 -30.05 -5.80 38.57
N PRO D 100 -29.15 -6.50 37.86
CA PRO D 100 -27.77 -6.09 37.74
C PRO D 100 -27.56 -4.85 36.87
N ILE D 101 -26.42 -4.20 37.09
CA ILE D 101 -25.94 -3.07 36.25
C ILE D 101 -24.53 -3.40 35.79
N ILE D 102 -24.32 -3.32 34.49
CA ILE D 102 -22.98 -3.46 33.88
C ILE D 102 -22.19 -2.20 34.21
N ALA D 103 -20.91 -2.39 34.54
CA ALA D 103 -19.90 -1.35 34.71
C ALA D 103 -19.05 -1.37 33.45
N ASP D 104 -18.93 -0.25 32.77
CA ASP D 104 -18.31 -0.17 31.43
C ASP D 104 -17.39 1.04 31.39
N PRO D 105 -16.43 1.14 32.32
CA PRO D 105 -15.54 2.31 32.39
C PRO D 105 -14.69 2.64 31.16
N GLN D 106 -14.32 1.69 30.31
CA GLN D 106 -13.56 2.16 29.11
C GLN D 106 -14.53 2.34 27.94
N GLY D 107 -15.83 2.11 28.14
CA GLY D 107 -16.85 2.26 27.08
C GLY D 107 -16.79 1.15 26.04
N THR D 108 -16.23 -0.02 26.39
CA THR D 108 -16.05 -1.18 25.46
C THR D 108 -17.43 -1.67 25.01
N VAL D 109 -18.31 -1.99 25.97
CA VAL D 109 -19.72 -2.36 25.68
C VAL D 109 -20.44 -1.19 24.97
N ALA D 110 -20.31 0.04 25.49
CA ALA D 110 -20.93 1.24 24.92
C ALA D 110 -20.66 1.33 23.41
N ARG D 111 -19.39 1.24 22.99
CA ARG D 111 -18.98 1.34 21.56
C ARG D 111 -19.53 0.13 20.79
N ARG D 112 -19.55 -1.05 21.36
CA ARG D 112 -20.07 -2.23 20.66
C ARG D 112 -21.58 -2.07 20.39
N LEU D 113 -22.34 -1.45 21.29
CA LEU D 113 -23.81 -1.34 21.16
C LEU D 113 -24.23 0.02 20.58
N GLY D 114 -23.28 0.85 20.15
CA GLY D 114 -23.54 2.19 19.57
C GLY D 114 -24.20 3.15 20.53
N LEU D 115 -23.87 3.08 21.82
CA LEU D 115 -24.58 3.83 22.88
C LEU D 115 -23.93 5.18 23.15
N LEU D 116 -22.81 5.47 22.50
CA LEU D 116 -22.17 6.79 22.60
C LEU D 116 -22.60 7.59 21.38
N HIS D 117 -23.44 8.60 21.58
CA HIS D 117 -23.93 9.46 20.49
C HIS D 117 -23.26 10.82 20.63
N ALA D 118 -23.53 11.72 19.71
CA ALA D 118 -22.91 13.06 19.66
C ALA D 118 -23.28 13.85 20.91
N GLU D 119 -24.37 13.52 21.62
CA GLU D 119 -24.77 14.33 22.81
C GLU D 119 -23.69 14.26 23.90
N SER D 120 -22.87 13.22 23.93
CA SER D 120 -21.78 13.09 24.94
C SER D 120 -20.72 12.11 24.42
N ALA D 121 -19.45 12.53 24.46
CA ALA D 121 -18.33 11.65 24.08
C ALA D 121 -18.02 10.68 25.22
N THR D 122 -18.52 10.91 26.44
CA THR D 122 -18.07 10.19 27.66
C THR D 122 -19.16 9.29 28.25
N HIS D 123 -20.43 9.62 28.06
CA HIS D 123 -21.55 8.93 28.75
C HIS D 123 -22.55 8.41 27.72
N THR D 124 -23.10 7.22 27.93
CA THR D 124 -24.06 6.62 27.00
C THR D 124 -25.35 7.43 27.02
N VAL D 125 -26.06 7.46 25.90
CA VAL D 125 -27.49 7.88 25.90
C VAL D 125 -28.31 6.76 26.55
N ARG D 126 -29.62 6.79 26.37
CA ARG D 126 -30.62 5.92 27.03
C ARG D 126 -31.02 4.87 26.00
N GLY D 127 -30.12 3.94 25.75
CA GLY D 127 -30.32 2.81 24.82
C GLY D 127 -31.17 1.72 25.45
N VAL D 128 -31.91 1.01 24.61
CA VAL D 128 -32.70 -0.19 25.01
C VAL D 128 -32.53 -1.26 23.93
N PHE D 129 -32.04 -2.41 24.34
CA PHE D 129 -31.93 -3.61 23.49
C PHE D 129 -32.87 -4.63 24.09
N ILE D 130 -33.81 -5.08 23.28
CA ILE D 130 -34.75 -6.15 23.64
C ILE D 130 -34.31 -7.41 22.93
N VAL D 131 -33.95 -8.43 23.73
CA VAL D 131 -33.26 -9.65 23.24
C VAL D 131 -34.11 -10.85 23.66
N ASP D 132 -34.41 -11.73 22.73
CA ASP D 132 -35.27 -12.92 22.98
C ASP D 132 -34.40 -14.06 23.58
N ALA D 133 -35.04 -15.20 23.89
CA ALA D 133 -34.41 -16.36 24.56
C ALA D 133 -33.49 -17.12 23.60
N ARG D 134 -33.43 -16.72 22.33
CA ARG D 134 -32.45 -17.28 21.38
C ARG D 134 -31.26 -16.35 21.29
N GLY D 135 -31.27 -15.22 22.01
CA GLY D 135 -30.15 -14.26 21.99
C GLY D 135 -30.25 -13.33 20.79
N VAL D 136 -31.44 -13.23 20.21
CA VAL D 136 -31.65 -12.35 19.00
C VAL D 136 -32.24 -11.00 19.42
N ILE D 137 -31.66 -9.95 18.87
CA ILE D 137 -32.06 -8.54 19.07
C ILE D 137 -33.38 -8.38 18.33
N ARG D 138 -34.43 -8.01 19.06
CA ARG D 138 -35.78 -7.90 18.48
C ARG D 138 -36.17 -6.43 18.28
N THR D 139 -35.61 -5.50 19.07
CA THR D 139 -36.01 -4.08 19.05
C THR D 139 -34.89 -3.27 19.67
N MET D 140 -34.67 -2.07 19.16
CA MET D 140 -33.65 -1.14 19.69
C MET D 140 -34.29 0.26 19.79
N LEU D 141 -34.15 0.88 20.93
CA LEU D 141 -34.61 2.25 21.17
C LEU D 141 -33.40 3.08 21.63
N TYR D 142 -33.23 4.27 21.07
CA TYR D 142 -32.23 5.25 21.56
C TYR D 142 -32.96 6.53 22.01
N TYR D 143 -33.14 6.67 23.30
CA TYR D 143 -33.63 7.92 23.93
C TYR D 143 -32.43 8.74 24.32
N PRO D 144 -32.58 10.08 24.36
CA PRO D 144 -31.48 10.98 24.67
C PRO D 144 -31.30 11.23 26.17
N MET D 145 -30.29 12.02 26.52
CA MET D 145 -29.98 12.39 27.93
C MET D 145 -31.21 13.04 28.60
N GLU D 146 -31.89 13.91 27.88
CA GLU D 146 -32.85 14.85 28.51
C GLU D 146 -34.24 14.23 28.68
N LEU D 147 -34.45 12.99 28.22
CA LEU D 147 -35.83 12.43 28.17
C LEU D 147 -35.84 11.02 28.72
N GLY D 148 -36.53 10.80 29.82
CA GLY D 148 -36.74 9.48 30.39
C GLY D 148 -37.60 8.64 29.46
N ARG D 149 -37.39 7.33 29.54
CA ARG D 149 -38.16 6.34 28.78
C ARG D 149 -39.55 6.17 29.38
N LEU D 150 -40.45 5.67 28.55
CA LEU D 150 -41.79 5.18 28.94
C LEU D 150 -41.67 3.68 29.15
N VAL D 151 -41.48 3.24 30.39
CA VAL D 151 -41.14 1.82 30.63
C VAL D 151 -42.32 0.91 30.27
N ASP D 152 -43.55 1.38 30.41
CA ASP D 152 -44.74 0.60 29.99
C ASP D 152 -44.70 0.29 28.48
N GLU D 153 -44.10 1.12 27.63
CA GLU D 153 -43.99 0.77 26.19
C GLU D 153 -43.00 -0.38 26.03
N ILE D 154 -41.94 -0.45 26.85
CA ILE D 154 -41.00 -1.60 26.83
C ILE D 154 -41.75 -2.89 27.19
N LEU D 155 -42.58 -2.88 28.22
CA LEU D 155 -43.44 -4.07 28.55
C LEU D 155 -44.33 -4.40 27.36
N ARG D 156 -44.97 -3.40 26.75
CA ARG D 156 -45.93 -3.65 25.65
C ARG D 156 -45.16 -4.31 24.50
N ILE D 157 -43.95 -3.81 24.19
CA ILE D 157 -43.15 -4.36 23.08
C ILE D 157 -42.90 -5.85 23.36
N VAL D 158 -42.35 -6.16 24.52
CA VAL D 158 -42.01 -7.57 24.82
C VAL D 158 -43.27 -8.45 24.75
N LYS D 159 -44.35 -8.00 25.38
CA LYS D 159 -45.59 -8.78 25.39
C LYS D 159 -46.04 -9.06 23.95
N ALA D 160 -46.05 -8.04 23.09
CA ALA D 160 -46.58 -8.15 21.73
C ALA D 160 -45.64 -9.01 20.87
N LEU D 161 -44.33 -8.90 21.07
CA LEU D 161 -43.34 -9.71 20.35
C LEU D 161 -43.57 -11.19 20.70
N LYS D 162 -43.76 -11.52 21.98
CA LYS D 162 -43.95 -12.93 22.43
C LYS D 162 -45.28 -13.46 21.94
N LEU D 163 -46.30 -12.62 21.98
CA LEU D 163 -47.63 -12.94 21.41
C LEU D 163 -47.49 -13.22 19.92
N GLY D 164 -46.84 -12.33 19.16
CA GLY D 164 -46.64 -12.55 17.71
C GLY D 164 -45.90 -13.85 17.44
N ASP D 165 -44.86 -14.16 18.23
CA ASP D 165 -44.04 -15.38 18.06
C ASP D 165 -44.91 -16.62 18.30
N SER D 166 -45.74 -16.61 19.34
CA SER D 166 -46.50 -17.80 19.79
C SER D 166 -47.78 -17.99 18.96
N LEU D 167 -48.27 -16.99 18.22
CA LEU D 167 -49.49 -17.16 17.39
C LEU D 167 -49.17 -17.02 15.90
N LYS D 168 -47.92 -16.79 15.54
CA LYS D 168 -47.46 -16.50 14.14
C LYS D 168 -48.26 -15.33 13.58
N ARG D 169 -48.20 -14.19 14.26
CA ARG D 169 -49.00 -13.02 13.88
C ARG D 169 -48.09 -11.80 13.98
N ALA D 170 -48.44 -10.81 13.20
CA ALA D 170 -47.86 -9.47 13.30
C ALA D 170 -48.88 -8.62 14.08
N VAL D 171 -48.39 -7.56 14.71
CA VAL D 171 -49.13 -6.77 15.73
C VAL D 171 -49.33 -5.38 15.17
N PRO D 172 -50.61 -4.96 15.04
CA PRO D 172 -50.93 -3.68 14.41
C PRO D 172 -50.46 -2.53 15.29
N ALA D 173 -50.38 -1.36 14.69
CA ALA D 173 -50.07 -0.10 15.40
C ALA D 173 -50.96 0.01 16.66
N ASP D 174 -50.40 0.36 17.82
CA ASP D 174 -51.17 0.88 18.99
C ASP D 174 -51.93 -0.30 19.63
N TRP D 175 -51.57 -1.53 19.28
CA TRP D 175 -52.15 -2.77 19.84
C TRP D 175 -51.99 -2.76 21.37
N PRO D 176 -53.01 -3.15 22.15
CA PRO D 176 -54.22 -3.78 21.65
C PRO D 176 -55.39 -2.83 21.38
N ASN D 177 -55.12 -1.57 21.14
CA ASN D 177 -56.16 -0.54 20.90
C ASN D 177 -56.01 0.00 19.49
N ASN D 178 -55.79 -0.88 18.51
CA ASN D 178 -55.58 -0.43 17.11
C ASN D 178 -56.88 0.16 16.57
N GLU D 179 -56.80 1.26 15.83
CA GLU D 179 -58.02 1.99 15.39
C GLU D 179 -58.78 1.24 14.28
N ILE D 180 -58.16 0.33 13.55
CA ILE D 180 -58.84 -0.43 12.46
C ILE D 180 -59.40 -1.76 12.99
N ILE D 181 -58.56 -2.56 13.67
CA ILE D 181 -58.88 -3.95 14.08
C ILE D 181 -58.84 -4.15 15.59
N GLY D 182 -58.61 -3.10 16.38
CA GLY D 182 -58.68 -3.22 17.86
C GLY D 182 -57.57 -4.12 18.40
N GLU D 183 -57.97 -5.25 18.99
CA GLU D 183 -57.07 -6.26 19.62
C GLU D 183 -56.74 -7.34 18.60
N GLY D 184 -57.25 -7.20 17.39
CA GLY D 184 -56.91 -8.07 16.26
C GLY D 184 -55.40 -8.16 16.01
N LEU D 185 -54.98 -9.31 15.53
CA LEU D 185 -53.61 -9.59 15.10
C LEU D 185 -53.65 -9.96 13.63
N ILE D 186 -52.59 -9.60 12.94
CA ILE D 186 -52.48 -9.65 11.46
C ILE D 186 -51.81 -10.98 11.05
N VAL D 187 -52.38 -11.63 10.04
CA VAL D 187 -51.76 -12.79 9.35
C VAL D 187 -50.68 -12.24 8.41
N PRO D 188 -49.43 -12.73 8.48
CA PRO D 188 -48.40 -12.32 7.53
C PRO D 188 -48.91 -12.46 6.10
N PRO D 189 -48.67 -11.45 5.26
CA PRO D 189 -49.34 -11.41 3.98
C PRO D 189 -48.77 -12.50 3.08
N PRO D 190 -49.53 -12.93 2.06
CA PRO D 190 -49.02 -13.77 0.99
C PRO D 190 -47.81 -13.12 0.30
N THR D 191 -46.91 -13.97 -0.19
CA THR D 191 -45.66 -13.56 -0.86
C THR D 191 -45.63 -14.10 -2.29
N THR D 192 -46.71 -14.74 -2.75
CA THR D 192 -46.81 -15.23 -4.15
C THR D 192 -48.24 -15.06 -4.65
N GLU D 193 -48.42 -15.06 -5.96
CA GLU D 193 -49.76 -14.94 -6.58
C GLU D 193 -50.64 -16.13 -6.17
N ASP D 194 -50.08 -17.33 -6.12
CA ASP D 194 -50.83 -18.53 -5.68
C ASP D 194 -51.30 -18.36 -4.22
N GLN D 195 -50.44 -17.91 -3.31
CA GLN D 195 -50.84 -17.70 -1.89
C GLN D 195 -51.93 -16.63 -1.86
N ALA D 196 -51.82 -15.59 -2.68
CA ALA D 196 -52.75 -14.46 -2.64
C ALA D 196 -54.12 -14.97 -3.09
N ARG D 197 -54.15 -15.80 -4.14
CA ARG D 197 -55.38 -16.44 -4.66
C ARG D 197 -55.98 -17.33 -3.56
N ALA D 198 -55.19 -18.26 -3.01
CA ALA D 198 -55.65 -19.20 -1.95
C ALA D 198 -56.27 -18.38 -0.79
N ARG D 199 -55.68 -17.23 -0.45
CA ARG D 199 -56.12 -16.39 0.69
C ARG D 199 -57.51 -15.81 0.38
N MET D 200 -57.71 -15.27 -0.83
CA MET D 200 -58.98 -14.60 -1.24
C MET D 200 -60.11 -15.63 -1.38
N GLU D 201 -59.78 -16.85 -1.81
CA GLU D 201 -60.75 -17.96 -1.96
C GLU D 201 -61.14 -18.54 -0.58
N SER D 202 -60.33 -18.40 0.47
CA SER D 202 -60.49 -19.25 1.68
C SER D 202 -61.65 -18.79 2.58
N GLY D 203 -61.89 -17.51 2.80
CA GLY D 203 -62.91 -17.12 3.81
C GLY D 203 -62.50 -17.39 5.26
N GLN D 204 -61.30 -17.92 5.51
CA GLN D 204 -60.82 -18.23 6.88
C GLN D 204 -60.74 -16.95 7.75
N TYR D 205 -60.26 -15.82 7.23
CA TYR D 205 -60.00 -14.60 8.05
C TYR D 205 -60.91 -13.45 7.66
N ARG D 206 -61.16 -12.52 8.56
CA ARG D 206 -61.58 -11.13 8.21
C ARG D 206 -60.44 -10.53 7.37
N SER D 207 -60.77 -9.78 6.34
CA SER D 207 -59.74 -9.37 5.37
C SER D 207 -60.20 -8.11 4.67
N LEU D 208 -59.31 -7.13 4.49
CA LEU D 208 -59.60 -5.91 3.71
C LEU D 208 -59.10 -6.13 2.28
N ASP D 209 -58.14 -7.03 2.08
CA ASP D 209 -57.60 -7.39 0.74
C ASP D 209 -56.74 -8.63 0.94
N TRP D 210 -56.15 -9.17 -0.12
CA TRP D 210 -55.42 -10.45 -0.03
C TRP D 210 -54.18 -10.25 0.85
N TRP D 211 -53.67 -9.03 0.97
CA TRP D 211 -52.47 -8.73 1.81
C TRP D 211 -52.82 -8.30 3.25
N PHE D 212 -54.10 -8.11 3.59
CA PHE D 212 -54.54 -7.54 4.88
C PHE D 212 -55.63 -8.43 5.45
N SER D 213 -55.20 -9.47 6.15
CA SER D 213 -56.07 -10.43 6.87
C SER D 213 -55.72 -10.38 8.36
N TRP D 214 -56.71 -10.60 9.21
CA TRP D 214 -56.49 -10.64 10.67
C TRP D 214 -57.54 -11.48 11.36
N ASP D 215 -57.26 -11.83 12.60
CA ASP D 215 -58.20 -12.62 13.45
C ASP D 215 -57.98 -12.09 14.87
N THR D 216 -58.54 -12.76 15.87
CA THR D 216 -58.46 -12.33 17.28
C THR D 216 -58.03 -13.52 18.10
N PRO D 217 -56.82 -14.05 17.90
CA PRO D 217 -56.41 -15.28 18.57
C PRO D 217 -55.77 -15.04 19.95
N ALA D 218 -55.56 -13.80 20.32
CA ALA D 218 -55.00 -13.47 21.65
C ALA D 218 -56.06 -13.80 22.72
N SER D 219 -55.67 -14.40 23.83
CA SER D 219 -56.53 -14.54 25.02
C SER D 219 -56.95 -13.15 25.54
N ARG D 220 -58.10 -13.07 26.19
CA ARG D 220 -58.51 -11.85 26.92
C ARG D 220 -57.39 -11.49 27.92
N ASP D 221 -56.77 -12.47 28.57
CA ASP D 221 -55.66 -12.21 29.53
C ASP D 221 -54.52 -11.48 28.79
N ASP D 222 -54.13 -11.97 27.63
CA ASP D 222 -53.03 -11.33 26.84
C ASP D 222 -53.39 -9.88 26.54
N VAL D 223 -54.60 -9.65 26.07
CA VAL D 223 -55.08 -8.31 25.64
C VAL D 223 -55.13 -7.37 26.85
N GLU D 224 -55.72 -7.82 27.96
CA GLU D 224 -56.00 -6.93 29.12
C GLU D 224 -54.66 -6.63 29.82
N GLU D 225 -53.72 -7.57 29.83
CA GLU D 225 -52.38 -7.34 30.45
C GLU D 225 -51.68 -6.23 29.65
N ALA D 226 -51.67 -6.35 28.32
CA ALA D 226 -51.09 -5.32 27.43
C ALA D 226 -51.78 -3.98 27.69
N ARG D 227 -53.12 -3.97 27.78
CA ARG D 227 -53.85 -2.69 27.96
C ARG D 227 -53.53 -2.09 29.33
N ARG D 228 -53.42 -2.92 30.36
CA ARG D 228 -53.02 -2.50 31.73
C ARG D 228 -51.68 -1.75 31.71
N TYR D 229 -50.67 -2.24 31.00
CA TYR D 229 -49.38 -1.49 30.89
C TYR D 229 -49.69 -0.04 30.47
N LEU D 230 -50.53 0.13 29.44
CA LEU D 230 -50.82 1.46 28.88
C LEU D 230 -51.68 2.29 29.85
N ARG D 231 -52.67 1.65 30.51
CA ARG D 231 -53.49 2.34 31.52
C ARG D 231 -52.60 2.88 32.64
N ARG D 232 -51.61 2.09 33.08
CA ARG D 232 -50.63 2.51 34.12
C ARG D 232 -49.82 3.72 33.61
N ALA D 233 -49.29 3.66 32.38
CA ALA D 233 -48.58 4.82 31.80
C ALA D 233 -49.49 6.07 31.79
N ALA D 234 -50.78 5.91 31.50
CA ALA D 234 -51.71 7.06 31.37
C ALA D 234 -52.20 7.57 32.73
N GLU D 235 -52.09 6.78 33.80
CA GLU D 235 -52.70 7.06 35.14
C GLU D 235 -51.80 8.03 35.95
N LYS D 236 -52.36 9.12 36.48
CA LYS D 236 -51.74 9.96 37.57
C LYS D 236 -51.35 9.03 38.71
N PRO D 237 -50.11 9.07 39.24
CA PRO D 237 -49.76 8.20 40.36
C PRO D 237 -50.62 8.56 41.59
N ALA D 238 -50.97 7.54 42.40
CA ALA D 238 -51.83 7.67 43.60
C ALA D 238 -51.07 8.46 44.68
N LYS D 239 -49.81 8.08 44.95
CA LYS D 239 -48.92 8.75 45.94
C LYS D 239 -47.52 8.88 45.33
N LEU D 240 -47.00 10.12 45.23
CA LEU D 240 -45.63 10.44 44.76
C LEU D 240 -44.59 9.93 45.78
N LEU D 241 -43.60 9.15 45.34
CA LEU D 241 -42.55 8.59 46.23
C LEU D 241 -41.71 9.69 46.88
N TYR D 242 -41.68 10.92 46.37
CA TYR D 242 -40.82 11.99 46.93
C TYR D 242 -41.37 12.40 48.30
N GLU D 243 -42.69 12.27 48.49
CA GLU D 243 -43.38 12.66 49.75
C GLU D 243 -42.99 11.68 50.86
N GLU D 244 -43.28 10.39 50.66
CA GLU D 244 -42.95 9.27 51.61
C GLU D 244 -41.44 9.25 51.90
N ALA D 245 -40.62 9.88 51.05
CA ALA D 245 -39.14 9.93 51.16
C ALA D 245 -38.73 10.71 52.40
N PRO E 2 12.19 -10.33 -21.79
CA PRO E 2 12.66 -9.60 -20.60
C PRO E 2 13.55 -8.36 -20.86
N GLY E 3 13.17 -7.49 -21.81
CA GLY E 3 14.00 -6.32 -22.19
C GLY E 3 13.21 -5.13 -22.73
N SER E 4 13.69 -3.92 -22.46
CA SER E 4 13.07 -2.62 -22.83
C SER E 4 13.90 -1.98 -23.97
N ILE E 5 13.28 -1.32 -24.96
CA ILE E 5 13.99 -0.63 -26.08
C ILE E 5 13.34 0.73 -26.36
N PRO E 6 14.08 1.70 -26.91
CA PRO E 6 13.46 2.87 -27.53
C PRO E 6 12.86 2.38 -28.85
N LEU E 7 12.02 3.20 -29.45
CA LEU E 7 11.19 2.73 -30.60
C LEU E 7 11.43 3.67 -31.77
N ILE E 8 11.37 3.09 -32.97
CA ILE E 8 11.30 3.84 -34.25
C ILE E 8 10.24 4.93 -34.10
N GLY E 9 10.57 6.15 -34.51
CA GLY E 9 9.64 7.28 -34.41
C GLY E 9 9.82 8.04 -33.11
N GLU E 10 10.48 7.46 -32.10
CA GLU E 10 10.86 8.18 -30.85
C GLU E 10 12.15 8.95 -31.07
N ARG E 11 12.23 10.11 -30.43
CA ARG E 11 13.47 10.86 -30.24
C ARG E 11 14.48 9.93 -29.56
N PHE E 12 15.71 9.88 -30.05
CA PHE E 12 16.81 9.17 -29.36
C PHE E 12 16.92 9.70 -27.93
N PRO E 13 16.94 8.86 -26.89
CA PRO E 13 16.94 9.37 -25.51
C PRO E 13 18.10 10.33 -25.22
N GLU E 14 17.80 11.49 -24.64
CA GLU E 14 18.78 12.46 -24.09
C GLU E 14 19.75 11.69 -23.20
N MET E 15 21.05 11.81 -23.47
CA MET E 15 22.04 11.23 -22.55
C MET E 15 23.38 11.89 -22.81
N GLU E 16 24.20 11.92 -21.78
CA GLU E 16 25.61 12.35 -21.88
C GLU E 16 26.40 11.05 -21.94
N VAL E 17 27.31 10.93 -22.88
CA VAL E 17 28.14 9.71 -22.97
C VAL E 17 29.59 10.14 -23.04
N THR E 18 30.43 9.34 -22.43
CA THR E 18 31.89 9.46 -22.52
C THR E 18 32.37 8.55 -23.65
N THR E 19 33.08 9.13 -24.61
CA THR E 19 33.74 8.41 -25.72
C THR E 19 35.26 8.61 -25.58
N ASP E 20 36.02 7.93 -26.42
CA ASP E 20 37.50 8.08 -26.50
C ASP E 20 37.85 9.37 -27.26
N HIS E 21 36.86 10.18 -27.67
CA HIS E 21 37.04 11.55 -28.23
C HIS E 21 36.58 12.62 -27.24
N GLY E 22 35.95 12.24 -26.13
CA GLY E 22 35.47 13.19 -25.11
C GLY E 22 34.02 12.93 -24.78
N VAL E 23 33.44 13.82 -23.97
CA VAL E 23 32.06 13.74 -23.44
C VAL E 23 31.17 14.41 -24.49
N ILE E 24 30.07 13.78 -24.87
CA ILE E 24 29.10 14.41 -25.80
C ILE E 24 27.68 14.09 -25.34
N LYS E 25 26.73 14.93 -25.75
CA LYS E 25 25.30 14.72 -25.50
C LYS E 25 24.68 14.11 -26.77
N LEU E 26 23.91 13.07 -26.59
CA LEU E 26 23.16 12.47 -27.72
C LEU E 26 21.71 12.81 -27.47
N PRO E 27 20.91 13.09 -28.53
CA PRO E 27 21.42 13.17 -29.90
C PRO E 27 21.96 14.55 -30.30
N ASP E 28 21.99 15.51 -29.34
CA ASP E 28 22.13 16.97 -29.60
C ASP E 28 23.39 17.21 -30.42
N HIS E 29 24.47 16.54 -30.08
CA HIS E 29 25.80 16.71 -30.71
C HIS E 29 25.72 16.56 -32.22
N TYR E 30 24.85 15.69 -32.74
CA TYR E 30 24.74 15.44 -34.19
C TYR E 30 23.60 16.29 -34.77
N VAL E 31 22.48 16.41 -34.07
CA VAL E 31 21.36 17.30 -34.49
C VAL E 31 21.90 18.69 -34.82
N SER E 32 22.63 19.28 -33.86
CA SER E 32 23.40 20.56 -33.95
C SER E 32 24.09 20.73 -35.29
N GLN E 33 24.68 19.67 -35.83
CA GLN E 33 25.51 19.73 -37.06
C GLN E 33 24.64 19.39 -38.27
N GLY E 34 23.34 19.14 -38.08
CA GLY E 34 22.46 18.58 -39.13
C GLY E 34 22.91 17.20 -39.61
N LYS E 35 23.48 16.38 -38.74
CA LYS E 35 24.00 15.06 -39.17
C LYS E 35 23.08 13.95 -38.67
N TRP E 36 22.89 12.93 -39.50
CA TRP E 36 22.46 11.59 -39.05
C TRP E 36 23.59 10.97 -38.24
N PHE E 37 23.26 10.00 -37.40
CA PHE E 37 24.32 9.14 -36.81
C PHE E 37 23.82 7.71 -36.76
N VAL E 38 24.79 6.82 -36.86
CA VAL E 38 24.62 5.37 -36.63
C VAL E 38 25.36 5.10 -35.33
N LEU E 39 24.61 4.79 -34.29
CA LEU E 39 25.15 4.25 -33.03
C LEU E 39 25.08 2.73 -33.15
N PHE E 40 26.19 2.06 -32.95
CA PHE E 40 26.27 0.59 -33.02
C PHE E 40 27.11 0.11 -31.83
N SER E 41 26.82 -1.08 -31.35
CA SER E 41 27.47 -1.67 -30.16
C SER E 41 28.23 -2.94 -30.56
N HIS E 42 29.17 -3.33 -29.72
CA HIS E 42 29.91 -4.60 -29.84
C HIS E 42 30.22 -5.05 -28.43
N PRO E 43 30.33 -6.38 -28.24
CA PRO E 43 30.44 -6.95 -26.90
C PRO E 43 31.67 -6.45 -26.13
N ALA E 44 32.82 -6.37 -26.78
CA ALA E 44 34.05 -5.98 -26.07
C ALA E 44 35.16 -5.69 -27.07
N ASP E 45 36.06 -4.82 -26.65
CA ASP E 45 37.32 -4.56 -27.37
C ASP E 45 38.16 -5.84 -27.41
N PHE E 46 39.02 -5.96 -28.41
CA PHE E 46 39.98 -7.10 -28.54
C PHE E 46 39.18 -8.40 -28.64
N THR E 47 38.10 -8.34 -29.43
CA THR E 47 37.31 -9.50 -29.88
C THR E 47 37.32 -9.48 -31.40
N PRO E 48 37.41 -10.67 -32.04
CA PRO E 48 37.61 -10.76 -33.49
C PRO E 48 36.42 -10.37 -34.37
N VAL E 49 35.20 -10.82 -34.14
CA VAL E 49 34.09 -10.30 -35.00
C VAL E 49 34.02 -8.77 -34.88
N SER E 50 34.05 -8.25 -33.65
CA SER E 50 33.98 -6.79 -33.41
C SER E 50 35.10 -6.08 -34.20
N THR E 51 36.32 -6.61 -34.22
CA THR E 51 37.43 -5.97 -34.98
C THR E 51 37.07 -5.95 -36.48
N THR E 52 36.49 -7.03 -37.03
CA THR E 52 36.14 -7.08 -38.48
C THR E 52 35.09 -6.01 -38.75
N GLU E 53 34.16 -5.79 -37.82
CA GLU E 53 33.09 -4.81 -38.03
C GLU E 53 33.68 -3.41 -38.02
N PHE E 54 34.60 -3.13 -37.10
CA PHE E 54 35.22 -1.79 -36.99
C PHE E 54 36.00 -1.45 -38.27
N VAL E 55 36.72 -2.43 -38.80
CA VAL E 55 37.50 -2.27 -40.05
C VAL E 55 36.52 -2.03 -41.21
N SER E 56 35.43 -2.79 -41.28
CA SER E 56 34.38 -2.62 -42.31
C SER E 56 33.76 -1.23 -42.24
N PHE E 57 33.38 -0.77 -41.05
CA PHE E 57 32.87 0.63 -40.84
C PHE E 57 33.92 1.64 -41.31
N ALA E 58 35.17 1.47 -40.88
CA ALA E 58 36.28 2.41 -41.19
C ALA E 58 36.46 2.52 -42.70
N ARG E 59 36.41 1.39 -43.41
CA ARG E 59 36.64 1.41 -44.86
C ARG E 59 35.45 2.09 -45.53
N ARG E 60 34.27 2.04 -44.93
CA ARG E 60 33.07 2.66 -45.55
C ARG E 60 32.87 4.09 -45.03
N TYR E 61 33.79 4.60 -44.21
CA TYR E 61 33.64 5.87 -43.47
C TYR E 61 33.23 6.99 -44.42
N GLU E 62 33.97 7.14 -45.50
CA GLU E 62 33.74 8.21 -46.50
C GLU E 62 32.35 8.06 -47.10
N ASP E 63 31.84 6.85 -47.28
CA ASP E 63 30.47 6.64 -47.83
C ASP E 63 29.46 7.21 -46.83
N PHE E 64 29.65 6.97 -45.54
CA PHE E 64 28.79 7.55 -44.48
C PHE E 64 28.91 9.10 -44.49
N GLN E 65 30.13 9.64 -44.62
CA GLN E 65 30.38 11.11 -44.56
C GLN E 65 29.66 11.78 -45.75
N ARG E 66 29.77 11.20 -46.95
CA ARG E 66 29.07 11.58 -48.19
C ARG E 66 27.56 11.73 -47.94
N LEU E 67 26.97 10.86 -47.12
CA LEU E 67 25.52 10.83 -46.84
C LEU E 67 25.17 11.76 -45.70
N GLY E 68 26.15 12.41 -45.08
CA GLY E 68 25.93 13.26 -43.90
C GLY E 68 25.61 12.43 -42.66
N VAL E 69 26.28 11.28 -42.54
CA VAL E 69 26.09 10.31 -41.42
C VAL E 69 27.42 10.19 -40.70
N ASP E 70 27.40 10.43 -39.40
CA ASP E 70 28.47 10.10 -38.44
C ASP E 70 28.22 8.70 -37.86
N LEU E 71 29.31 8.07 -37.41
CA LEU E 71 29.36 6.75 -36.75
C LEU E 71 29.77 6.93 -35.30
N ILE E 72 29.20 6.14 -34.39
CA ILE E 72 29.65 6.12 -32.98
C ILE E 72 29.44 4.70 -32.44
N GLY E 73 30.53 4.07 -32.00
CA GLY E 73 30.51 2.75 -31.34
C GLY E 73 30.18 2.86 -29.86
N LEU E 74 30.03 1.70 -29.20
CA LEU E 74 29.60 1.52 -27.80
C LEU E 74 30.03 0.12 -27.40
N SER E 75 30.78 0.01 -26.30
CA SER E 75 30.92 -1.25 -25.54
C SER E 75 30.98 -0.93 -24.06
N VAL E 76 30.96 -1.97 -23.24
CA VAL E 76 31.08 -1.78 -21.77
C VAL E 76 32.56 -1.58 -21.35
N ASP E 77 33.54 -1.65 -22.28
CA ASP E 77 34.96 -1.37 -21.96
C ASP E 77 35.17 0.13 -21.72
N SER E 78 36.26 0.43 -21.04
CA SER E 78 36.81 1.78 -20.72
C SER E 78 37.40 2.49 -21.94
N VAL E 79 37.58 3.81 -21.83
CA VAL E 79 38.24 4.67 -22.84
C VAL E 79 39.65 4.15 -23.10
N CYS E 80 40.37 3.79 -22.03
CA CYS E 80 41.76 3.29 -22.10
C CYS E 80 41.80 2.06 -23.03
N SER E 81 40.93 1.07 -22.83
CA SER E 81 40.79 -0.12 -23.71
C SER E 81 40.48 0.31 -25.16
N HIS E 82 39.52 1.21 -25.36
CA HIS E 82 39.19 1.70 -26.72
C HIS E 82 40.42 2.25 -27.44
N ILE E 83 41.24 3.05 -26.74
CA ILE E 83 42.45 3.66 -27.35
C ILE E 83 43.43 2.54 -27.66
N LYS E 84 43.67 1.61 -26.73
CA LYS E 84 44.65 0.52 -26.97
C LYS E 84 44.17 -0.35 -28.14
N TRP E 85 42.85 -0.52 -28.29
CA TRP E 85 42.26 -1.39 -29.33
C TRP E 85 42.42 -0.73 -30.69
N LYS E 86 42.13 0.57 -30.77
CA LYS E 86 42.36 1.31 -32.01
C LYS E 86 43.85 1.30 -32.39
N GLU E 87 44.75 1.49 -31.42
CA GLU E 87 46.21 1.46 -31.67
C GLU E 87 46.55 0.10 -32.29
N TRP E 88 46.02 -0.96 -31.70
CA TRP E 88 46.28 -2.33 -32.18
C TRP E 88 45.83 -2.48 -33.63
N ILE E 89 44.58 -2.09 -33.92
CA ILE E 89 44.01 -2.26 -35.29
C ILE E 89 44.88 -1.48 -36.30
N GLU E 90 45.23 -0.23 -35.99
CA GLU E 90 46.07 0.60 -36.90
C GLU E 90 47.42 -0.11 -37.12
N ARG E 91 48.03 -0.62 -36.06
CA ARG E 91 49.39 -1.23 -36.11
C ARG E 91 49.31 -2.58 -36.83
N HIS E 92 48.35 -3.45 -36.49
CA HIS E 92 48.34 -4.87 -36.96
C HIS E 92 47.55 -5.03 -38.25
N ILE E 93 46.62 -4.12 -38.55
CA ILE E 93 45.70 -4.23 -39.70
C ILE E 93 45.93 -3.05 -40.66
N GLY E 94 46.56 -1.98 -40.21
CA GLY E 94 46.87 -0.83 -41.08
C GLY E 94 45.62 0.00 -41.34
N VAL E 95 44.60 -0.09 -40.48
CA VAL E 95 43.36 0.71 -40.65
C VAL E 95 43.20 1.60 -39.42
N ARG E 96 43.12 2.92 -39.62
CA ARG E 96 42.80 3.91 -38.57
C ARG E 96 41.26 3.91 -38.36
N ILE E 97 40.79 3.83 -37.11
CA ILE E 97 39.35 3.99 -36.77
C ILE E 97 39.10 5.46 -36.47
N PRO E 98 38.43 6.23 -37.37
CA PRO E 98 38.35 7.68 -37.17
C PRO E 98 37.21 8.17 -36.28
N PHE E 99 36.26 7.30 -35.90
CA PHE E 99 35.01 7.71 -35.23
C PHE E 99 35.09 7.37 -33.77
N PRO E 100 34.27 8.01 -32.90
CA PRO E 100 34.35 7.75 -31.48
C PRO E 100 33.67 6.42 -31.06
N ILE E 101 34.10 5.92 -29.91
CA ILE E 101 33.54 4.71 -29.25
C ILE E 101 33.09 5.14 -27.86
N ILE E 102 31.82 4.96 -27.55
CA ILE E 102 31.29 5.16 -26.18
C ILE E 102 31.91 4.08 -25.29
N ALA E 103 32.34 4.49 -24.10
CA ALA E 103 32.76 3.63 -22.97
C ALA E 103 31.58 3.56 -22.02
N ASP E 104 31.05 2.37 -21.78
CA ASP E 104 29.83 2.17 -20.96
C ASP E 104 30.09 1.15 -19.86
N PRO E 105 31.15 1.31 -19.04
CA PRO E 105 31.46 0.35 -17.98
C PRO E 105 30.34 -0.10 -17.01
N GLN E 106 29.36 0.71 -16.67
CA GLN E 106 28.29 0.15 -15.78
C GLN E 106 27.09 -0.33 -16.63
N GLY E 107 27.20 -0.31 -17.95
CA GLY E 107 26.10 -0.69 -18.85
C GLY E 107 24.90 0.22 -18.73
N THR E 108 25.09 1.49 -18.33
CA THR E 108 24.00 2.49 -18.20
C THR E 108 23.36 2.74 -19.56
N VAL E 109 24.18 3.03 -20.58
CA VAL E 109 23.68 3.28 -21.96
C VAL E 109 23.09 1.95 -22.50
N ALA E 110 23.77 0.84 -22.27
CA ALA E 110 23.40 -0.47 -22.85
C ALA E 110 21.97 -0.80 -22.41
N ARG E 111 21.69 -0.60 -21.12
CA ARG E 111 20.38 -0.89 -20.53
C ARG E 111 19.37 0.07 -21.14
N ARG E 112 19.66 1.37 -21.21
CA ARG E 112 18.75 2.38 -21.81
C ARG E 112 18.40 1.98 -23.25
N LEU E 113 19.32 1.42 -24.03
CA LEU E 113 19.04 1.12 -25.46
C LEU E 113 18.67 -0.36 -25.67
N GLY E 114 18.51 -1.15 -24.61
CA GLY E 114 18.14 -2.58 -24.70
C GLY E 114 19.20 -3.39 -25.44
N LEU E 115 20.47 -3.16 -25.14
CA LEU E 115 21.63 -3.77 -25.83
C LEU E 115 22.13 -4.99 -25.06
N LEU E 116 21.58 -5.22 -23.87
CA LEU E 116 21.96 -6.37 -23.03
C LEU E 116 20.90 -7.44 -23.25
N HIS E 117 21.20 -8.47 -24.04
CA HIS E 117 20.22 -9.55 -24.34
C HIS E 117 20.59 -10.80 -23.54
N ALA E 118 19.81 -11.87 -23.67
CA ALA E 118 19.97 -13.10 -22.85
C ALA E 118 21.31 -13.74 -23.19
N GLU E 119 21.85 -13.45 -24.37
CA GLU E 119 23.10 -14.10 -24.85
C GLU E 119 24.24 -13.76 -23.89
N SER E 120 24.19 -12.62 -23.22
CA SER E 120 25.24 -12.19 -22.27
C SER E 120 24.67 -11.16 -21.31
N ALA E 121 24.81 -11.40 -20.00
CA ALA E 121 24.37 -10.45 -18.95
C ALA E 121 25.40 -9.31 -18.83
N THR E 122 26.62 -9.48 -19.35
CA THR E 122 27.77 -8.56 -19.15
C THR E 122 28.05 -7.70 -20.40
N HIS E 123 27.92 -8.23 -21.63
CA HIS E 123 28.36 -7.53 -22.86
C HIS E 123 27.18 -7.35 -23.82
N THR E 124 27.17 -6.22 -24.51
CA THR E 124 26.12 -5.84 -25.46
C THR E 124 26.16 -6.83 -26.61
N VAL E 125 25.02 -7.02 -27.24
CA VAL E 125 24.98 -7.67 -28.56
C VAL E 125 25.40 -6.62 -29.59
N ARG E 126 25.13 -6.88 -30.86
CA ARG E 126 25.56 -6.02 -32.00
C ARG E 126 24.36 -5.17 -32.43
N GLY E 127 24.01 -4.15 -31.64
CA GLY E 127 22.86 -3.27 -31.89
C GLY E 127 23.20 -2.22 -32.90
N VAL E 128 22.20 -1.74 -33.64
CA VAL E 128 22.39 -0.63 -34.62
C VAL E 128 21.18 0.27 -34.49
N PHE E 129 21.40 1.51 -34.06
CA PHE E 129 20.42 2.62 -34.04
C PHE E 129 20.75 3.54 -35.20
N ILE E 130 19.87 3.65 -36.18
CA ILE E 130 20.00 4.68 -37.23
C ILE E 130 19.12 5.87 -36.84
N VAL E 131 19.73 7.05 -36.64
CA VAL E 131 19.09 8.24 -36.03
C VAL E 131 19.23 9.39 -37.04
N ASP E 132 18.12 10.03 -37.44
CA ASP E 132 18.14 11.12 -38.46
C ASP E 132 18.58 12.44 -37.80
N ALA E 133 18.64 13.49 -38.60
CA ALA E 133 19.20 14.82 -38.23
C ALA E 133 18.25 15.54 -37.28
N ARG E 134 17.04 15.01 -37.06
CA ARG E 134 16.07 15.54 -36.07
C ARG E 134 16.23 14.75 -34.78
N GLY E 135 17.17 13.80 -34.72
CA GLY E 135 17.41 12.98 -33.52
C GLY E 135 16.34 11.92 -33.32
N VAL E 136 15.67 11.51 -34.41
CA VAL E 136 14.59 10.48 -34.37
C VAL E 136 15.18 9.14 -34.82
N ILE E 137 14.91 8.10 -34.06
CA ILE E 137 15.30 6.71 -34.40
C ILE E 137 14.48 6.26 -35.60
N ARG E 138 15.17 5.85 -36.68
CA ARG E 138 14.50 5.50 -37.96
C ARG E 138 14.49 3.99 -38.20
N THR E 139 15.45 3.26 -37.63
CA THR E 139 15.63 1.81 -37.85
C THR E 139 16.48 1.27 -36.69
N MET E 140 16.24 0.02 -36.31
CA MET E 140 16.97 -0.65 -35.22
C MET E 140 17.24 -2.08 -35.65
N LEU E 141 18.49 -2.53 -35.53
CA LEU E 141 18.90 -3.91 -35.84
C LEU E 141 19.61 -4.45 -34.60
N TYR E 142 19.36 -5.71 -34.28
CA TYR E 142 20.04 -6.43 -33.19
C TYR E 142 20.58 -7.74 -33.78
N TYR E 143 21.86 -7.72 -34.10
CA TYR E 143 22.67 -8.90 -34.49
C TYR E 143 23.25 -9.49 -33.22
N PRO E 144 23.53 -10.80 -33.24
CA PRO E 144 24.01 -11.49 -32.05
C PRO E 144 25.53 -11.47 -31.99
N MET E 145 26.10 -12.08 -30.95
CA MET E 145 27.56 -12.16 -30.71
C MET E 145 28.24 -12.86 -31.89
N GLU E 146 27.61 -13.90 -32.42
CA GLU E 146 28.28 -14.91 -33.31
C GLU E 146 28.25 -14.46 -34.78
N LEU E 147 27.63 -13.34 -35.10
CA LEU E 147 27.36 -12.94 -36.51
C LEU E 147 27.71 -11.47 -36.70
N GLY E 148 28.69 -11.19 -37.53
CA GLY E 148 28.99 -9.81 -37.94
C GLY E 148 27.90 -9.21 -38.81
N ARG E 149 27.80 -7.89 -38.78
CA ARG E 149 26.84 -7.12 -39.59
C ARG E 149 27.30 -7.07 -41.03
N LEU E 150 26.36 -6.76 -41.92
CA LEU E 150 26.60 -6.43 -43.35
C LEU E 150 26.53 -4.91 -43.46
N VAL E 151 27.67 -4.23 -43.38
CA VAL E 151 27.71 -2.74 -43.21
C VAL E 151 27.07 -2.05 -44.44
N ASP E 152 27.18 -2.66 -45.63
CA ASP E 152 26.58 -2.08 -46.86
C ASP E 152 25.06 -1.99 -46.72
N GLU E 153 24.41 -2.87 -45.97
CA GLU E 153 22.94 -2.75 -45.76
C GLU E 153 22.68 -1.54 -44.87
N ILE E 154 23.55 -1.22 -43.93
CA ILE E 154 23.38 0.03 -43.12
C ILE E 154 23.48 1.25 -44.04
N LEU E 155 24.41 1.28 -45.00
CA LEU E 155 24.50 2.38 -45.98
C LEU E 155 23.22 2.45 -46.79
N ARG E 156 22.76 1.31 -47.31
CA ARG E 156 21.53 1.26 -48.16
C ARG E 156 20.34 1.80 -47.35
N ILE E 157 20.21 1.40 -46.09
CA ILE E 157 19.09 1.86 -45.23
C ILE E 157 19.13 3.39 -45.17
N VAL E 158 20.26 3.99 -44.78
CA VAL E 158 20.35 5.48 -44.62
C VAL E 158 20.05 6.17 -45.96
N LYS E 159 20.61 5.63 -47.04
CA LYS E 159 20.44 6.22 -48.38
C LYS E 159 18.95 6.19 -48.74
N ALA E 160 18.32 5.03 -48.55
CA ALA E 160 16.92 4.81 -48.96
C ALA E 160 15.99 5.68 -48.08
N LEU E 161 16.29 5.78 -46.81
CA LEU E 161 15.52 6.61 -45.83
C LEU E 161 15.59 8.08 -46.28
N LYS E 162 16.80 8.58 -46.52
CA LYS E 162 17.06 9.98 -46.96
C LYS E 162 16.33 10.27 -48.25
N LEU E 163 16.39 9.35 -49.20
CA LEU E 163 15.71 9.45 -50.51
C LEU E 163 14.19 9.41 -50.30
N GLY E 164 13.68 8.51 -49.44
CA GLY E 164 12.25 8.48 -49.09
C GLY E 164 11.80 9.82 -48.51
N ASP E 165 12.55 10.39 -47.57
CA ASP E 165 12.26 11.70 -46.92
C ASP E 165 12.26 12.84 -47.98
N SER E 166 13.25 12.91 -48.85
CA SER E 166 13.41 14.04 -49.80
C SER E 166 12.32 13.98 -50.85
N LEU E 167 12.01 12.79 -51.36
CA LEU E 167 11.05 12.63 -52.48
C LEU E 167 9.63 12.32 -51.95
N LYS E 168 9.46 12.13 -50.64
CA LYS E 168 8.14 11.83 -50.02
C LYS E 168 7.62 10.53 -50.61
N ARG E 169 8.43 9.48 -50.51
CA ARG E 169 8.10 8.15 -51.09
C ARG E 169 8.45 7.05 -50.11
N ALA E 170 7.79 5.91 -50.23
CA ALA E 170 8.16 4.68 -49.50
C ALA E 170 9.04 3.86 -50.46
N VAL E 171 9.92 3.04 -49.91
CA VAL E 171 10.96 2.31 -50.68
C VAL E 171 10.60 0.83 -50.72
N PRO E 172 10.46 0.22 -51.91
CA PRO E 172 10.09 -1.18 -52.01
C PRO E 172 11.17 -2.12 -51.48
N ALA E 173 10.76 -3.35 -51.19
CA ALA E 173 11.66 -4.47 -50.85
C ALA E 173 12.82 -4.47 -51.83
N ASP E 174 14.04 -4.55 -51.30
CA ASP E 174 15.26 -4.89 -52.07
C ASP E 174 15.62 -3.74 -53.02
N TRP E 175 15.07 -2.54 -52.79
CA TRP E 175 15.37 -1.35 -53.62
C TRP E 175 16.89 -1.11 -53.63
N PRO E 176 17.53 -0.70 -54.75
CA PRO E 176 16.85 -0.37 -56.00
C PRO E 176 16.65 -1.51 -57.00
N ASN E 177 16.65 -2.75 -56.53
CA ASN E 177 16.53 -3.94 -57.38
C ASN E 177 15.21 -4.66 -57.07
N ASN E 178 14.12 -3.91 -56.85
CA ASN E 178 12.82 -4.51 -56.47
C ASN E 178 12.28 -5.34 -57.64
N GLU E 179 11.80 -6.55 -57.38
CA GLU E 179 11.41 -7.45 -58.50
C GLU E 179 10.11 -6.98 -59.16
N ILE E 180 9.34 -6.14 -58.50
CA ILE E 180 8.07 -5.68 -59.11
C ILE E 180 8.32 -4.37 -59.86
N ILE E 181 8.97 -3.39 -59.23
CA ILE E 181 9.05 -2.03 -59.79
C ILE E 181 10.50 -1.57 -59.91
N GLY E 182 11.47 -2.48 -59.71
CA GLY E 182 12.90 -2.17 -59.91
C GLY E 182 13.35 -1.05 -59.01
N GLU E 183 13.67 0.11 -59.59
CA GLU E 183 14.14 1.31 -58.84
C GLU E 183 12.97 2.25 -58.54
N GLY E 184 11.75 1.88 -58.91
CA GLY E 184 10.56 2.67 -58.55
C GLY E 184 10.44 2.92 -57.06
N LEU E 185 9.81 4.04 -56.70
CA LEU E 185 9.49 4.43 -55.31
C LEU E 185 7.97 4.58 -55.22
N ILE E 186 7.44 4.27 -54.05
CA ILE E 186 5.98 4.04 -53.83
C ILE E 186 5.36 5.31 -53.26
N VAL E 187 4.25 5.74 -53.84
CA VAL E 187 3.46 6.87 -53.29
C VAL E 187 2.72 6.33 -52.07
N PRO E 188 2.72 6.99 -50.90
CA PRO E 188 1.93 6.53 -49.77
C PRO E 188 0.50 6.28 -50.23
N PRO E 189 -0.14 5.18 -49.81
CA PRO E 189 -1.49 4.85 -50.29
C PRO E 189 -2.51 5.89 -49.83
N PRO E 190 -3.60 6.09 -50.59
CA PRO E 190 -4.70 6.94 -50.16
C PRO E 190 -5.25 6.47 -48.80
N THR E 191 -5.74 7.41 -48.00
CA THR E 191 -6.33 7.15 -46.65
C THR E 191 -7.86 7.21 -46.72
N THR E 192 -8.46 7.57 -47.85
CA THR E 192 -9.94 7.69 -47.97
C THR E 192 -10.41 7.17 -49.30
N GLU E 193 -11.67 6.80 -49.35
CA GLU E 193 -12.35 6.42 -50.61
C GLU E 193 -12.25 7.55 -51.65
N ASP E 194 -12.45 8.81 -51.23
CA ASP E 194 -12.38 9.96 -52.17
C ASP E 194 -10.96 10.08 -52.74
N GLN E 195 -9.93 9.94 -51.91
CA GLN E 195 -8.53 9.97 -52.42
C GLN E 195 -8.30 8.77 -53.36
N ALA E 196 -8.75 7.56 -52.99
CA ALA E 196 -8.55 6.36 -53.84
C ALA E 196 -9.09 6.67 -55.24
N ARG E 197 -10.30 7.20 -55.32
CA ARG E 197 -10.98 7.41 -56.62
C ARG E 197 -10.21 8.49 -57.37
N ALA E 198 -9.92 9.63 -56.73
CA ALA E 198 -9.28 10.80 -57.39
C ALA E 198 -7.95 10.34 -58.00
N ARG E 199 -7.15 9.62 -57.20
CA ARG E 199 -5.80 9.17 -57.59
C ARG E 199 -5.92 8.27 -58.81
N MET E 200 -6.85 7.32 -58.78
CA MET E 200 -7.07 6.35 -59.88
C MET E 200 -7.52 7.08 -61.16
N GLU E 201 -8.31 8.14 -61.09
CA GLU E 201 -8.80 8.79 -62.34
C GLU E 201 -7.82 9.89 -62.76
N SER E 202 -6.83 10.27 -61.93
CA SER E 202 -5.81 11.31 -62.25
C SER E 202 -4.83 10.80 -63.30
N GLY E 203 -4.55 9.49 -63.36
CA GLY E 203 -3.57 8.90 -64.31
C GLY E 203 -2.13 9.36 -64.04
N GLN E 204 -1.91 10.05 -62.92
CA GLN E 204 -0.62 10.70 -62.55
C GLN E 204 0.49 9.66 -62.31
N TYR E 205 0.16 8.41 -61.96
CA TYR E 205 1.16 7.39 -61.54
C TYR E 205 0.89 6.05 -62.22
N ARG E 206 1.94 5.25 -62.45
CA ARG E 206 1.82 3.79 -62.73
C ARG E 206 1.17 3.16 -61.48
N SER E 207 0.24 2.23 -61.65
CA SER E 207 -0.62 1.67 -60.58
C SER E 207 -0.86 0.20 -60.85
N LEU E 208 -0.89 -0.63 -59.82
CA LEU E 208 -1.47 -1.99 -59.84
C LEU E 208 -2.88 -1.94 -59.27
N ASP E 209 -3.15 -0.96 -58.45
CA ASP E 209 -4.45 -0.74 -57.77
C ASP E 209 -4.37 0.59 -57.04
N TRP E 210 -5.50 1.07 -56.50
CA TRP E 210 -5.62 2.41 -55.90
C TRP E 210 -4.63 2.54 -54.72
N TRP E 211 -4.24 1.44 -54.10
CA TRP E 211 -3.32 1.46 -52.91
C TRP E 211 -1.85 1.25 -53.33
N PHE E 212 -1.58 0.96 -54.61
CA PHE E 212 -0.24 0.58 -55.11
C PHE E 212 0.08 1.40 -56.37
N SER E 213 0.55 2.61 -56.11
CA SER E 213 1.08 3.59 -57.10
C SER E 213 2.58 3.81 -56.86
N TRP E 214 3.32 4.06 -57.93
CA TRP E 214 4.78 4.34 -57.88
C TRP E 214 5.20 5.18 -59.10
N ASP E 215 6.34 5.81 -59.00
CA ASP E 215 6.98 6.52 -60.13
C ASP E 215 8.49 6.30 -59.96
N THR E 216 9.32 7.01 -60.72
CA THR E 216 10.79 6.79 -60.74
C THR E 216 11.48 8.13 -60.54
N PRO E 217 11.28 8.82 -59.39
CA PRO E 217 11.78 10.17 -59.22
C PRO E 217 13.22 10.25 -58.69
N ALA E 218 13.85 9.13 -58.36
CA ALA E 218 15.24 9.12 -57.89
C ALA E 218 16.14 9.36 -59.09
N SER E 219 17.18 10.16 -58.94
CA SER E 219 18.22 10.37 -59.99
C SER E 219 18.93 9.04 -60.24
N ARG E 220 19.49 8.89 -61.45
CA ARG E 220 20.35 7.74 -61.80
C ARG E 220 21.50 7.69 -60.78
N ASP E 221 22.03 8.83 -60.33
CA ASP E 221 23.17 8.87 -59.37
C ASP E 221 22.73 8.25 -58.03
N ASP E 222 21.53 8.59 -57.52
CA ASP E 222 20.99 8.03 -56.26
C ASP E 222 20.89 6.51 -56.41
N VAL E 223 20.35 6.04 -57.52
CA VAL E 223 20.03 4.63 -57.75
C VAL E 223 21.34 3.85 -57.84
N GLU E 224 22.29 4.35 -58.64
CA GLU E 224 23.56 3.61 -58.90
C GLU E 224 24.40 3.58 -57.62
N GLU E 225 24.34 4.64 -56.81
CA GLU E 225 25.05 4.71 -55.52
C GLU E 225 24.48 3.64 -54.59
N ALA E 226 23.15 3.51 -54.48
CA ALA E 226 22.51 2.51 -53.60
C ALA E 226 22.92 1.13 -54.11
N ARG E 227 22.90 0.93 -55.42
CA ARG E 227 23.24 -0.38 -56.00
C ARG E 227 24.72 -0.72 -55.77
N ARG E 228 25.59 0.27 -55.86
CA ARG E 228 27.05 0.12 -55.64
C ARG E 228 27.29 -0.46 -54.24
N TYR E 229 26.56 -0.01 -53.21
CA TYR E 229 26.71 -0.58 -51.84
C TYR E 229 26.54 -2.10 -51.91
N LEU E 230 25.48 -2.56 -52.57
CA LEU E 230 25.14 -4.00 -52.66
C LEU E 230 26.18 -4.71 -53.55
N ARG E 231 26.63 -4.08 -54.64
CA ARG E 231 27.68 -4.68 -55.50
C ARG E 231 28.90 -4.96 -54.62
N ARG E 232 29.31 -3.98 -53.81
CA ARG E 232 30.51 -4.14 -52.94
C ARG E 232 30.27 -5.30 -51.97
N ALA E 233 29.09 -5.37 -51.39
CA ALA E 233 28.71 -6.44 -50.44
C ALA E 233 28.84 -7.78 -51.17
N ALA E 234 28.53 -7.84 -52.46
CA ALA E 234 28.51 -9.11 -53.19
C ALA E 234 29.89 -9.47 -53.76
N GLU E 235 30.85 -8.54 -53.79
CA GLU E 235 32.20 -8.68 -54.42
C GLU E 235 33.12 -9.47 -53.49
N LYS E 236 33.76 -10.51 -54.02
CA LYS E 236 34.94 -11.15 -53.39
C LYS E 236 36.03 -10.09 -53.25
N PRO E 237 36.62 -9.85 -52.06
CA PRO E 237 37.57 -8.74 -51.91
C PRO E 237 38.77 -8.91 -52.86
N ALA E 238 39.32 -7.79 -53.35
CA ALA E 238 40.42 -7.76 -54.35
C ALA E 238 41.71 -8.31 -53.70
N LYS E 239 42.03 -7.86 -52.47
CA LYS E 239 43.10 -8.49 -51.67
C LYS E 239 42.74 -8.40 -50.19
N LEU E 240 42.95 -9.51 -49.50
CA LEU E 240 42.65 -9.69 -48.06
C LEU E 240 43.66 -8.91 -47.24
N LEU E 241 43.17 -8.21 -46.23
CA LEU E 241 44.01 -7.41 -45.32
C LEU E 241 44.86 -8.32 -44.42
N TYR E 242 44.50 -9.60 -44.20
CA TYR E 242 45.29 -10.54 -43.35
C TYR E 242 46.71 -10.73 -43.91
N GLU E 243 46.89 -10.70 -45.24
CA GLU E 243 48.18 -11.05 -45.92
C GLU E 243 49.27 -10.02 -45.58
N GLU E 244 48.96 -8.71 -45.59
CA GLU E 244 49.88 -7.63 -45.13
C GLU E 244 49.87 -7.57 -43.60
N ALA E 245 48.74 -7.89 -42.98
CA ALA E 245 48.60 -8.11 -41.51
C ALA E 245 49.24 -9.44 -41.14
N PRO F 2 8.73 4.70 -24.77
CA PRO F 2 9.44 3.45 -25.15
C PRO F 2 8.55 2.19 -25.08
N GLY F 3 9.16 1.02 -25.24
CA GLY F 3 8.47 -0.29 -25.18
C GLY F 3 9.48 -1.39 -24.89
N SER F 4 9.01 -2.62 -24.71
CA SER F 4 9.85 -3.77 -24.30
C SER F 4 9.75 -4.89 -25.34
N ILE F 5 10.70 -5.83 -25.30
CA ILE F 5 10.87 -6.89 -26.35
C ILE F 5 11.36 -8.20 -25.72
N PRO F 6 11.18 -9.32 -26.45
CA PRO F 6 11.85 -10.57 -26.10
C PRO F 6 13.28 -10.38 -26.64
N LEU F 7 14.24 -11.20 -26.25
CA LEU F 7 15.65 -10.83 -26.50
C LEU F 7 16.37 -11.96 -27.20
N ILE F 8 17.46 -11.62 -27.87
CA ILE F 8 18.39 -12.62 -28.46
C ILE F 8 18.84 -13.55 -27.32
N GLY F 9 18.73 -14.85 -27.57
CA GLY F 9 19.15 -15.92 -26.67
C GLY F 9 18.01 -16.37 -25.75
N GLU F 10 16.90 -15.65 -25.70
CA GLU F 10 15.66 -16.13 -25.05
C GLU F 10 14.91 -17.08 -25.98
N ARG F 11 14.19 -18.01 -25.39
CA ARG F 11 13.21 -18.86 -26.09
C ARG F 11 12.14 -17.90 -26.64
N PHE F 12 11.74 -18.07 -27.89
CA PHE F 12 10.61 -17.28 -28.45
C PHE F 12 9.42 -17.51 -27.53
N PRO F 13 8.65 -16.48 -27.12
CA PRO F 13 7.56 -16.69 -26.17
C PRO F 13 6.49 -17.67 -26.66
N GLU F 14 6.09 -18.61 -25.80
CA GLU F 14 4.99 -19.57 -26.06
C GLU F 14 3.74 -18.78 -26.41
N MET F 15 3.12 -19.06 -27.53
CA MET F 15 1.84 -18.38 -27.82
C MET F 15 1.12 -19.26 -28.83
N GLU F 16 -0.20 -19.23 -28.78
CA GLU F 16 -1.06 -19.79 -29.84
C GLU F 16 -1.44 -18.61 -30.75
N VAL F 17 -1.25 -18.75 -32.04
CA VAL F 17 -1.59 -17.64 -32.96
C VAL F 17 -2.52 -18.22 -34.01
N THR F 18 -3.47 -17.41 -34.46
CA THR F 18 -4.37 -17.73 -35.59
C THR F 18 -3.68 -17.26 -36.88
N THR F 19 -3.44 -18.19 -37.80
CA THR F 19 -2.94 -17.92 -39.16
C THR F 19 -3.98 -18.32 -40.20
N ASP F 20 -3.76 -17.87 -41.44
CA ASP F 20 -4.66 -18.18 -42.58
C ASP F 20 -4.49 -19.64 -42.99
N HIS F 21 -3.57 -20.38 -42.36
CA HIS F 21 -3.40 -21.84 -42.47
C HIS F 21 -3.99 -22.59 -41.27
N GLY F 22 -4.50 -21.87 -40.26
CA GLY F 22 -4.99 -22.49 -39.02
C GLY F 22 -4.29 -21.94 -37.80
N VAL F 23 -4.61 -22.54 -36.66
CA VAL F 23 -4.11 -22.17 -35.31
C VAL F 23 -2.82 -22.94 -35.12
N ILE F 24 -1.75 -22.28 -34.70
CA ILE F 24 -0.51 -23.04 -34.37
C ILE F 24 0.08 -22.45 -33.11
N LYS F 25 0.95 -23.23 -32.48
CA LYS F 25 1.67 -22.84 -31.26
C LYS F 25 3.11 -22.52 -31.66
N LEU F 26 3.58 -21.36 -31.23
CA LEU F 26 4.95 -20.89 -31.50
C LEU F 26 5.71 -21.01 -30.19
N PRO F 27 7.00 -21.40 -30.19
CA PRO F 27 7.72 -21.86 -31.38
C PRO F 27 7.50 -23.34 -31.71
N ASP F 28 6.70 -24.03 -30.89
CA ASP F 28 6.60 -25.51 -30.80
C ASP F 28 6.40 -26.12 -32.19
N HIS F 29 5.47 -25.53 -32.95
CA HIS F 29 5.07 -25.98 -34.30
C HIS F 29 6.32 -26.21 -35.15
N TYR F 30 7.32 -25.33 -35.05
CA TYR F 30 8.55 -25.38 -35.88
C TYR F 30 9.60 -26.22 -35.16
N VAL F 31 9.76 -26.05 -33.86
CA VAL F 31 10.70 -26.87 -33.04
C VAL F 31 10.42 -28.36 -33.29
N SER F 32 9.15 -28.76 -33.21
CA SER F 32 8.73 -30.18 -33.34
C SER F 32 9.17 -30.71 -34.71
N GLN F 33 9.32 -29.84 -35.72
CA GLN F 33 9.76 -30.28 -37.07
C GLN F 33 11.27 -30.13 -37.26
N GLY F 34 12.04 -29.66 -36.26
CA GLY F 34 13.47 -29.35 -36.43
C GLY F 34 13.70 -28.19 -37.40
N LYS F 35 12.75 -27.26 -37.51
CA LYS F 35 12.86 -26.14 -38.49
C LYS F 35 13.12 -24.82 -37.76
N TRP F 36 13.97 -24.01 -38.36
CA TRP F 36 14.04 -22.57 -38.03
C TRP F 36 12.77 -21.91 -38.54
N PHE F 37 12.47 -20.72 -38.03
CA PHE F 37 11.42 -19.88 -38.63
C PHE F 37 11.83 -18.41 -38.57
N VAL F 38 11.43 -17.70 -39.63
CA VAL F 38 11.51 -16.22 -39.70
C VAL F 38 10.08 -15.74 -39.55
N LEU F 39 9.80 -15.13 -38.41
CA LEU F 39 8.56 -14.37 -38.18
C LEU F 39 8.85 -12.92 -38.54
N PHE F 40 8.01 -12.36 -39.40
CA PHE F 40 8.15 -10.98 -39.87
C PHE F 40 6.75 -10.38 -39.88
N SER F 41 6.71 -9.09 -39.62
CA SER F 41 5.47 -8.30 -39.47
C SER F 41 5.41 -7.27 -40.60
N HIS F 42 4.21 -6.80 -40.91
CA HIS F 42 3.95 -5.70 -41.87
C HIS F 42 2.72 -4.95 -41.38
N PRO F 43 2.62 -3.65 -41.66
CA PRO F 43 1.58 -2.84 -41.04
C PRO F 43 0.16 -3.32 -41.35
N ALA F 44 -0.13 -3.63 -42.62
CA ALA F 44 -1.49 -3.96 -43.07
C ALA F 44 -1.44 -4.60 -44.44
N ASP F 45 -2.44 -5.43 -44.69
CA ASP F 45 -2.68 -6.10 -45.99
C ASP F 45 -3.09 -5.00 -46.97
N PHE F 46 -2.93 -5.22 -48.27
CA PHE F 46 -3.25 -4.19 -49.30
C PHE F 46 -2.52 -2.89 -49.02
N THR F 47 -1.26 -3.00 -48.58
CA THR F 47 -0.25 -1.91 -48.60
C THR F 47 0.89 -2.30 -49.54
N PRO F 48 1.44 -1.29 -50.23
CA PRO F 48 2.36 -1.50 -51.34
C PRO F 48 3.76 -2.00 -50.93
N VAL F 49 4.42 -1.39 -49.96
CA VAL F 49 5.77 -1.90 -49.54
C VAL F 49 5.59 -3.32 -49.01
N SER F 50 4.56 -3.54 -48.21
CA SER F 50 4.28 -4.90 -47.63
C SER F 50 4.14 -5.88 -48.78
N THR F 51 3.40 -5.51 -49.84
CA THR F 51 3.16 -6.44 -50.97
C THR F 51 4.52 -6.79 -51.60
N THR F 52 5.37 -5.79 -51.85
CA THR F 52 6.69 -6.04 -52.48
C THR F 52 7.47 -6.99 -51.57
N GLU F 53 7.33 -6.86 -50.24
CA GLU F 53 8.09 -7.71 -49.30
C GLU F 53 7.56 -9.13 -49.37
N PHE F 54 6.23 -9.29 -49.42
CA PHE F 54 5.64 -10.64 -49.54
C PHE F 54 6.09 -11.31 -50.84
N VAL F 55 6.17 -10.57 -51.94
CA VAL F 55 6.60 -11.16 -53.24
C VAL F 55 8.10 -11.53 -53.16
N SER F 56 8.91 -10.69 -52.53
CA SER F 56 10.35 -10.96 -52.34
C SER F 56 10.55 -12.23 -51.53
N PHE F 57 9.84 -12.40 -50.43
CA PHE F 57 9.93 -13.63 -49.60
C PHE F 57 9.52 -14.87 -50.41
N ALA F 58 8.45 -14.76 -51.20
CA ALA F 58 7.84 -15.85 -52.02
C ALA F 58 8.84 -16.29 -53.11
N ARG F 59 9.48 -15.33 -53.76
CA ARG F 59 10.59 -15.60 -54.70
C ARG F 59 11.71 -16.36 -54.00
N ARG F 60 11.97 -16.10 -52.72
CA ARG F 60 13.12 -16.73 -51.99
C ARG F 60 12.66 -17.93 -51.16
N TYR F 61 11.39 -18.35 -51.33
CA TYR F 61 10.78 -19.39 -50.48
C TYR F 61 11.61 -20.69 -50.53
N GLU F 62 11.99 -21.12 -51.74
CA GLU F 62 12.76 -22.37 -51.92
C GLU F 62 14.15 -22.20 -51.31
N ASP F 63 14.75 -21.02 -51.41
CA ASP F 63 16.08 -20.77 -50.75
C ASP F 63 15.92 -20.97 -49.23
N PHE F 64 14.84 -20.46 -48.66
CA PHE F 64 14.54 -20.62 -47.22
C PHE F 64 14.31 -22.11 -46.89
N GLN F 65 13.42 -22.77 -47.63
CA GLN F 65 13.10 -24.22 -47.45
C GLN F 65 14.37 -25.08 -47.52
N ARG F 66 15.26 -24.83 -48.48
CA ARG F 66 16.57 -25.52 -48.65
C ARG F 66 17.40 -25.40 -47.36
N LEU F 67 17.24 -24.31 -46.60
CA LEU F 67 18.00 -24.09 -45.34
C LEU F 67 17.27 -24.74 -44.16
N GLY F 68 16.06 -25.28 -44.32
CA GLY F 68 15.29 -25.83 -43.20
C GLY F 68 14.64 -24.70 -42.40
N VAL F 69 14.26 -23.62 -43.09
CA VAL F 69 13.70 -22.37 -42.51
C VAL F 69 12.32 -22.13 -43.10
N ASP F 70 11.32 -22.00 -42.24
CA ASP F 70 9.94 -21.66 -42.63
C ASP F 70 9.73 -20.17 -42.40
N LEU F 71 8.78 -19.60 -43.11
CA LEU F 71 8.41 -18.17 -43.05
C LEU F 71 7.04 -18.07 -42.39
N ILE F 72 6.84 -17.08 -41.57
CA ILE F 72 5.48 -16.76 -41.08
C ILE F 72 5.35 -15.25 -40.95
N GLY F 73 4.32 -14.68 -41.58
CA GLY F 73 4.02 -13.24 -41.48
C GLY F 73 3.08 -12.89 -40.33
N LEU F 74 2.86 -11.61 -40.12
CA LEU F 74 2.05 -11.06 -39.00
C LEU F 74 1.59 -9.66 -39.42
N SER F 75 0.28 -9.41 -39.38
CA SER F 75 -0.30 -8.05 -39.27
C SER F 75 -1.53 -8.10 -38.37
N VAL F 76 -2.10 -6.94 -38.07
CA VAL F 76 -3.29 -6.81 -37.18
C VAL F 76 -4.57 -7.06 -38.00
N ASP F 77 -4.45 -7.33 -39.30
CA ASP F 77 -5.58 -7.75 -40.16
C ASP F 77 -6.06 -9.16 -39.81
N SER F 78 -7.29 -9.42 -40.21
CA SER F 78 -8.04 -10.68 -40.03
C SER F 78 -7.56 -11.72 -41.04
N VAL F 79 -7.85 -12.99 -40.78
CA VAL F 79 -7.62 -14.12 -41.72
C VAL F 79 -8.32 -13.82 -43.05
N CYS F 80 -9.58 -13.34 -43.04
CA CYS F 80 -10.35 -13.13 -44.29
C CYS F 80 -9.56 -12.14 -45.17
N SER F 81 -9.08 -11.03 -44.61
CA SER F 81 -8.25 -10.03 -45.33
C SER F 81 -6.95 -10.66 -45.84
N HIS F 82 -6.25 -11.46 -45.04
CA HIS F 82 -5.03 -12.17 -45.48
C HIS F 82 -5.33 -13.02 -46.72
N ILE F 83 -6.44 -13.77 -46.73
CA ILE F 83 -6.73 -14.69 -47.87
C ILE F 83 -7.07 -13.85 -49.11
N LYS F 84 -7.84 -12.77 -48.94
CA LYS F 84 -8.18 -11.84 -50.06
C LYS F 84 -6.91 -11.21 -50.61
N TRP F 85 -5.97 -10.85 -49.74
CA TRP F 85 -4.72 -10.18 -50.12
C TRP F 85 -3.86 -11.13 -50.94
N LYS F 86 -3.73 -12.37 -50.49
CA LYS F 86 -3.02 -13.43 -51.23
C LYS F 86 -3.71 -13.67 -52.57
N GLU F 87 -5.06 -13.64 -52.63
CA GLU F 87 -5.79 -13.82 -53.90
C GLU F 87 -5.35 -12.69 -54.84
N TRP F 88 -5.35 -11.46 -54.35
CA TRP F 88 -4.98 -10.26 -55.14
C TRP F 88 -3.58 -10.45 -55.73
N ILE F 89 -2.60 -10.81 -54.88
CA ILE F 89 -1.18 -10.90 -55.31
C ILE F 89 -1.07 -11.97 -56.39
N GLU F 90 -1.72 -13.12 -56.21
CA GLU F 90 -1.64 -14.24 -57.16
C GLU F 90 -2.26 -13.81 -58.49
N ARG F 91 -3.42 -13.16 -58.45
CA ARG F 91 -4.11 -12.71 -59.67
C ARG F 91 -3.33 -11.56 -60.33
N HIS F 92 -2.92 -10.53 -59.58
CA HIS F 92 -2.40 -9.28 -60.21
C HIS F 92 -0.88 -9.31 -60.39
N ILE F 93 -0.13 -10.12 -59.63
CA ILE F 93 1.35 -10.16 -59.75
C ILE F 93 1.76 -11.52 -60.31
N GLY F 94 0.87 -12.50 -60.23
CA GLY F 94 1.16 -13.85 -60.72
C GLY F 94 1.99 -14.61 -59.72
N VAL F 95 2.06 -14.16 -58.47
CA VAL F 95 2.91 -14.82 -57.45
C VAL F 95 2.01 -15.35 -56.33
N ARG F 96 2.19 -16.63 -56.02
CA ARG F 96 1.49 -17.34 -54.91
C ARG F 96 2.26 -17.15 -53.61
N ILE F 97 1.60 -16.69 -52.56
CA ILE F 97 2.23 -16.64 -51.21
C ILE F 97 1.98 -17.98 -50.54
N PRO F 98 2.98 -18.86 -50.38
CA PRO F 98 2.72 -20.22 -49.89
C PRO F 98 2.78 -20.37 -48.37
N PHE F 99 3.14 -19.31 -47.64
CA PHE F 99 3.48 -19.42 -46.21
C PHE F 99 2.38 -18.71 -45.45
N PRO F 100 2.17 -19.08 -44.18
CA PRO F 100 1.10 -18.48 -43.41
C PRO F 100 1.38 -17.05 -42.92
N ILE F 101 0.29 -16.34 -42.69
CA ILE F 101 0.28 -14.98 -42.10
C ILE F 101 -0.55 -15.07 -40.84
N ILE F 102 0.01 -14.63 -39.72
CA ILE F 102 -0.70 -14.50 -38.42
C ILE F 102 -1.70 -13.35 -38.55
N ALA F 103 -2.92 -13.56 -38.08
CA ALA F 103 -3.94 -12.50 -37.87
C ALA F 103 -3.86 -12.08 -36.41
N ASP F 104 -3.60 -10.81 -36.12
CA ASP F 104 -3.43 -10.30 -34.73
C ASP F 104 -4.31 -9.09 -34.46
N PRO F 105 -5.64 -9.12 -34.72
CA PRO F 105 -6.46 -7.92 -34.65
C PRO F 105 -6.50 -7.15 -33.30
N GLN F 106 -6.26 -7.75 -32.16
CA GLN F 106 -6.22 -6.90 -30.92
C GLN F 106 -4.76 -6.48 -30.62
N GLY F 107 -3.81 -6.82 -31.49
CA GLY F 107 -2.38 -6.48 -31.33
C GLY F 107 -1.72 -7.23 -30.20
N THR F 108 -2.25 -8.39 -29.79
CA THR F 108 -1.73 -9.18 -28.65
C THR F 108 -0.31 -9.68 -28.96
N VAL F 109 -0.12 -10.30 -30.11
CA VAL F 109 1.22 -10.79 -30.53
C VAL F 109 2.15 -9.59 -30.72
N ALA F 110 1.66 -8.54 -31.35
CA ALA F 110 2.45 -7.34 -31.68
C ALA F 110 3.03 -6.78 -30.39
N ARG F 111 2.17 -6.58 -29.38
CA ARG F 111 2.57 -6.03 -28.06
C ARG F 111 3.61 -6.97 -27.45
N ARG F 112 3.41 -8.29 -27.52
CA ARG F 112 4.35 -9.28 -26.97
C ARG F 112 5.74 -9.15 -27.64
N LEU F 113 5.81 -8.87 -28.94
CA LEU F 113 7.10 -8.89 -29.68
C LEU F 113 7.66 -7.49 -29.88
N GLY F 114 7.03 -6.49 -29.28
CA GLY F 114 7.49 -5.09 -29.37
C GLY F 114 7.42 -4.53 -30.78
N LEU F 115 6.35 -4.83 -31.53
CA LEU F 115 6.24 -4.51 -32.97
C LEU F 115 5.42 -3.25 -33.17
N LEU F 116 4.86 -2.70 -32.09
CA LEU F 116 4.19 -1.40 -32.17
C LEU F 116 5.19 -0.35 -31.70
N HIS F 117 5.69 0.43 -32.66
CA HIS F 117 6.64 1.53 -32.37
C HIS F 117 5.87 2.85 -32.44
N ALA F 118 6.55 3.95 -32.15
CA ALA F 118 5.94 5.30 -32.13
C ALA F 118 5.52 5.74 -33.54
N GLU F 119 5.99 5.09 -34.62
CA GLU F 119 5.53 5.47 -35.98
C GLU F 119 4.01 5.25 -36.13
N SER F 120 3.42 4.34 -35.38
CA SER F 120 1.96 4.06 -35.49
C SER F 120 1.48 3.32 -34.25
N ALA F 121 0.42 3.84 -33.64
CA ALA F 121 -0.26 3.24 -32.48
C ALA F 121 -0.99 1.95 -32.90
N THR F 122 -1.31 1.78 -34.19
CA THR F 122 -2.34 0.79 -34.63
C THR F 122 -1.74 -0.31 -35.51
N HIS F 123 -0.63 -0.07 -36.20
CA HIS F 123 -0.02 -1.06 -37.12
C HIS F 123 1.44 -1.30 -36.76
N THR F 124 1.85 -2.55 -36.89
CA THR F 124 3.23 -2.97 -36.60
C THR F 124 4.16 -2.38 -37.64
N VAL F 125 5.37 -2.10 -37.21
CA VAL F 125 6.51 -1.82 -38.13
C VAL F 125 6.90 -3.16 -38.77
N ARG F 126 8.09 -3.19 -39.36
CA ARG F 126 8.59 -4.28 -40.23
C ARG F 126 9.58 -5.03 -39.39
N GLY F 127 9.09 -5.74 -38.38
CA GLY F 127 9.94 -6.55 -37.49
C GLY F 127 10.31 -7.85 -38.14
N VAL F 128 11.45 -8.40 -37.74
CA VAL F 128 11.97 -9.70 -38.20
C VAL F 128 12.54 -10.42 -36.98
N PHE F 129 11.99 -11.59 -36.69
CA PHE F 129 12.52 -12.49 -35.64
C PHE F 129 13.05 -13.72 -36.33
N ILE F 130 14.32 -13.98 -36.13
CA ILE F 130 14.96 -15.22 -36.63
C ILE F 130 15.09 -16.19 -35.46
N VAL F 131 14.40 -17.32 -35.55
CA VAL F 131 14.26 -18.30 -34.42
C VAL F 131 14.83 -19.64 -34.88
N ASP F 132 15.74 -20.21 -34.10
CA ASP F 132 16.39 -21.48 -34.47
C ASP F 132 15.47 -22.67 -34.12
N ALA F 133 15.96 -23.87 -34.38
CA ALA F 133 15.19 -25.14 -34.29
C ALA F 133 15.08 -25.57 -32.83
N ARG F 134 15.72 -24.87 -31.90
CA ARG F 134 15.51 -25.06 -30.44
C ARG F 134 14.53 -24.01 -29.95
N GLY F 135 13.99 -23.17 -30.85
CA GLY F 135 13.02 -22.12 -30.51
C GLY F 135 13.65 -20.87 -29.89
N VAL F 136 14.96 -20.66 -30.07
CA VAL F 136 15.68 -19.52 -29.47
C VAL F 136 15.80 -18.39 -30.50
N ILE F 137 15.50 -17.17 -30.05
CA ILE F 137 15.65 -15.91 -30.84
C ILE F 137 17.14 -15.66 -31.12
N ARG F 138 17.52 -15.66 -32.39
CA ARG F 138 18.95 -15.57 -32.77
C ARG F 138 19.28 -14.14 -33.27
N THR F 139 18.30 -13.42 -33.81
CA THR F 139 18.48 -12.10 -34.47
C THR F 139 17.13 -11.40 -34.51
N MET F 140 17.15 -10.07 -34.34
CA MET F 140 15.92 -9.25 -34.40
C MET F 140 16.19 -7.98 -35.22
N LEU F 141 15.36 -7.71 -36.21
CA LEU F 141 15.50 -6.51 -37.06
C LEU F 141 14.19 -5.74 -36.95
N TYR F 142 14.27 -4.44 -36.83
CA TYR F 142 13.12 -3.50 -36.88
C TYR F 142 13.34 -2.46 -37.98
N TYR F 143 12.73 -2.72 -39.13
CA TYR F 143 12.63 -1.77 -40.25
C TYR F 143 11.36 -0.94 -40.05
N PRO F 144 11.33 0.30 -40.57
CA PRO F 144 10.19 1.21 -40.39
C PRO F 144 9.16 1.02 -41.51
N MET F 145 8.01 1.72 -41.39
CA MET F 145 6.92 1.69 -42.42
C MET F 145 7.45 2.01 -43.81
N GLU F 146 8.30 3.04 -43.92
CA GLU F 146 8.70 3.68 -45.20
C GLU F 146 9.78 2.85 -45.95
N LEU F 147 10.34 1.82 -45.32
CA LEU F 147 11.55 1.15 -45.91
C LEU F 147 11.32 -0.37 -45.93
N GLY F 148 11.22 -0.91 -47.13
CA GLY F 148 11.22 -2.35 -47.38
C GLY F 148 12.54 -2.99 -46.99
N ARG F 149 12.44 -4.22 -46.50
CA ARG F 149 13.57 -5.05 -46.08
C ARG F 149 14.35 -5.50 -47.32
N LEU F 150 15.62 -5.82 -47.08
CA LEU F 150 16.49 -6.55 -48.03
C LEU F 150 16.41 -8.03 -47.64
N VAL F 151 15.61 -8.81 -48.35
CA VAL F 151 15.32 -10.20 -47.91
C VAL F 151 16.57 -11.08 -48.08
N ASP F 152 17.47 -10.79 -49.01
CA ASP F 152 18.74 -11.56 -49.16
C ASP F 152 19.61 -11.43 -47.91
N GLU F 153 19.51 -10.37 -47.12
CA GLU F 153 20.29 -10.24 -45.86
C GLU F 153 19.67 -11.19 -44.81
N ILE F 154 18.36 -11.40 -44.86
CA ILE F 154 17.70 -12.38 -43.96
C ILE F 154 18.23 -13.78 -44.32
N LEU F 155 18.31 -14.11 -45.60
CA LEU F 155 18.92 -15.39 -46.04
C LEU F 155 20.39 -15.49 -45.59
N ARG F 156 21.18 -14.45 -45.81
CA ARG F 156 22.60 -14.41 -45.36
C ARG F 156 22.65 -14.71 -43.85
N ILE F 157 21.76 -14.12 -43.06
CA ILE F 157 21.83 -14.23 -41.58
C ILE F 157 21.58 -15.69 -41.21
N VAL F 158 20.55 -16.32 -41.77
CA VAL F 158 20.15 -17.69 -41.34
C VAL F 158 21.22 -18.64 -41.84
N LYS F 159 21.77 -18.38 -43.01
CA LYS F 159 22.80 -19.30 -43.55
C LYS F 159 24.08 -19.21 -42.69
N ALA F 160 24.47 -18.00 -42.28
CA ALA F 160 25.73 -17.79 -41.55
C ALA F 160 25.59 -18.34 -40.13
N LEU F 161 24.43 -18.12 -39.52
CA LEU F 161 24.10 -18.58 -38.14
C LEU F 161 24.14 -20.12 -38.17
N LYS F 162 23.51 -20.74 -39.16
CA LYS F 162 23.55 -22.22 -39.30
C LYS F 162 24.97 -22.70 -39.50
N LEU F 163 25.74 -22.06 -40.37
CA LEU F 163 27.17 -22.38 -40.57
C LEU F 163 27.95 -22.22 -39.26
N GLY F 164 27.76 -21.10 -38.56
CA GLY F 164 28.42 -20.89 -37.27
C GLY F 164 28.10 -22.01 -36.30
N ASP F 165 26.85 -22.46 -36.25
CA ASP F 165 26.35 -23.47 -35.29
C ASP F 165 26.99 -24.83 -35.61
N SER F 166 27.00 -25.28 -36.86
CA SER F 166 27.55 -26.59 -37.27
C SER F 166 29.08 -26.57 -37.25
N LEU F 167 29.75 -25.46 -37.56
CA LEU F 167 31.24 -25.48 -37.58
C LEU F 167 31.84 -24.90 -36.28
N LYS F 168 31.00 -24.48 -35.34
CA LYS F 168 31.48 -23.93 -34.04
C LYS F 168 32.37 -22.71 -34.32
N ARG F 169 31.84 -21.74 -35.07
CA ARG F 169 32.63 -20.56 -35.48
C ARG F 169 31.74 -19.32 -35.37
N ALA F 170 32.39 -18.17 -35.22
CA ALA F 170 31.77 -16.85 -35.28
C ALA F 170 32.01 -16.34 -36.71
N VAL F 171 31.15 -15.48 -37.20
CA VAL F 171 31.12 -15.11 -38.64
C VAL F 171 31.58 -13.67 -38.74
N PRO F 172 32.61 -13.37 -39.54
CA PRO F 172 33.14 -12.01 -39.63
C PRO F 172 32.14 -11.08 -40.31
N ALA F 173 32.31 -9.77 -40.10
CA ALA F 173 31.58 -8.72 -40.85
C ALA F 173 31.57 -9.05 -42.35
N ASP F 174 30.42 -8.91 -42.99
CA ASP F 174 30.31 -8.89 -44.48
C ASP F 174 30.60 -10.30 -45.05
N TRP F 175 30.58 -11.34 -44.23
CA TRP F 175 30.84 -12.74 -44.68
C TRP F 175 29.83 -13.09 -45.75
N PRO F 176 30.20 -13.80 -46.84
CA PRO F 176 31.53 -14.36 -47.04
C PRO F 176 32.59 -13.47 -47.70
N ASN F 177 32.41 -12.16 -47.68
CA ASN F 177 33.30 -11.22 -48.40
C ASN F 177 33.97 -10.30 -47.39
N ASN F 178 34.43 -10.85 -46.27
CA ASN F 178 35.11 -10.04 -45.24
C ASN F 178 36.44 -9.52 -45.79
N GLU F 179 36.77 -8.26 -45.52
CA GLU F 179 37.94 -7.61 -46.17
C GLU F 179 39.25 -8.09 -45.50
N ILE F 180 39.18 -8.68 -44.30
CA ILE F 180 40.39 -9.15 -43.58
C ILE F 180 40.61 -10.63 -43.90
N ILE F 181 39.60 -11.48 -43.76
CA ILE F 181 39.77 -12.97 -43.85
C ILE F 181 38.86 -13.58 -44.92
N GLY F 182 38.20 -12.77 -45.74
CA GLY F 182 37.41 -13.26 -46.88
C GLY F 182 36.26 -14.11 -46.43
N GLU F 183 36.30 -15.39 -46.78
CA GLU F 183 35.25 -16.37 -46.40
C GLU F 183 35.65 -17.09 -45.10
N GLY F 184 36.79 -16.73 -44.52
CA GLY F 184 37.24 -17.20 -43.20
C GLY F 184 36.16 -17.09 -42.13
N LEU F 185 36.16 -18.04 -41.19
CA LEU F 185 35.29 -18.08 -40.01
C LEU F 185 36.17 -18.04 -38.77
N ILE F 186 35.68 -17.38 -37.74
CA ILE F 186 36.51 -17.00 -36.57
C ILE F 186 36.36 -18.08 -35.51
N VAL F 187 37.49 -18.51 -34.94
CA VAL F 187 37.47 -19.40 -33.72
C VAL F 187 37.10 -18.53 -32.52
N PRO F 188 36.08 -18.90 -31.72
CA PRO F 188 35.73 -18.10 -30.55
C PRO F 188 36.99 -17.87 -29.72
N PRO F 189 37.24 -16.67 -29.20
CA PRO F 189 38.51 -16.39 -28.54
C PRO F 189 38.67 -17.09 -27.19
N PRO F 190 39.92 -17.30 -26.71
CA PRO F 190 40.15 -17.92 -25.41
C PRO F 190 39.49 -17.08 -24.31
N THR F 191 39.12 -17.72 -23.21
CA THR F 191 38.48 -17.14 -22.00
C THR F 191 39.49 -17.10 -20.85
N THR F 192 40.68 -17.68 -20.98
CA THR F 192 41.69 -17.69 -19.90
C THR F 192 43.06 -17.43 -20.47
N GLU F 193 43.98 -17.02 -19.60
CA GLU F 193 45.42 -16.92 -19.92
C GLU F 193 46.01 -18.24 -20.42
N ASP F 194 45.71 -19.36 -19.77
CA ASP F 194 46.23 -20.69 -20.20
C ASP F 194 45.69 -21.03 -21.60
N GLN F 195 44.39 -20.88 -21.86
CA GLN F 195 43.83 -21.13 -23.21
C GLN F 195 44.53 -20.25 -24.23
N ALA F 196 44.73 -18.96 -23.93
CA ALA F 196 45.41 -17.98 -24.80
C ALA F 196 46.80 -18.49 -25.17
N ARG F 197 47.63 -18.81 -24.17
CA ARG F 197 49.00 -19.33 -24.38
C ARG F 197 48.91 -20.63 -25.21
N ALA F 198 47.97 -21.51 -24.89
CA ALA F 198 47.86 -22.87 -25.47
C ALA F 198 47.38 -22.80 -26.93
N ARG F 199 46.77 -21.68 -27.33
CA ARG F 199 46.30 -21.48 -28.73
C ARG F 199 47.44 -20.94 -29.58
N MET F 200 48.13 -19.89 -29.12
CA MET F 200 49.34 -19.37 -29.80
C MET F 200 50.32 -20.54 -30.01
N GLU F 201 50.66 -21.28 -28.95
CA GLU F 201 51.65 -22.39 -28.98
C GLU F 201 51.26 -23.44 -30.04
N SER F 202 49.99 -23.84 -30.13
CA SER F 202 49.52 -25.06 -30.87
C SER F 202 49.71 -24.91 -32.39
N GLY F 203 49.78 -23.68 -32.91
CA GLY F 203 49.94 -23.39 -34.35
C GLY F 203 48.79 -23.92 -35.20
N GLN F 204 47.66 -24.30 -34.59
CA GLN F 204 46.50 -24.94 -35.26
C GLN F 204 45.82 -24.01 -36.28
N TYR F 205 45.79 -22.69 -36.05
CA TYR F 205 44.96 -21.74 -36.84
C TYR F 205 45.82 -20.60 -37.34
N ARG F 206 45.43 -19.95 -38.44
CA ARG F 206 45.90 -18.57 -38.79
C ARG F 206 45.48 -17.57 -37.70
N SER F 207 46.25 -16.52 -37.45
CA SER F 207 46.08 -15.68 -36.24
C SER F 207 46.58 -14.27 -36.47
N LEU F 208 45.93 -13.27 -35.86
CA LEU F 208 46.49 -11.91 -35.80
C LEU F 208 46.93 -11.61 -34.35
N ASP F 209 46.41 -12.39 -33.40
CA ASP F 209 46.70 -12.29 -31.95
C ASP F 209 46.00 -13.49 -31.32
N TRP F 210 46.22 -13.75 -30.02
CA TRP F 210 45.67 -14.93 -29.28
C TRP F 210 44.15 -14.87 -29.28
N TRP F 211 43.59 -13.68 -29.47
CA TRP F 211 42.12 -13.45 -29.45
C TRP F 211 41.51 -13.47 -30.86
N PHE F 212 42.32 -13.47 -31.92
CA PHE F 212 41.85 -13.35 -33.32
C PHE F 212 42.48 -14.50 -34.14
N SER F 213 41.83 -15.66 -34.09
CA SER F 213 42.18 -16.87 -34.87
C SER F 213 41.03 -17.19 -35.82
N TRP F 214 41.35 -17.76 -36.98
CA TRP F 214 40.32 -18.14 -37.98
C TRP F 214 40.86 -19.26 -38.88
N ASP F 215 39.96 -19.91 -39.61
CA ASP F 215 40.30 -20.96 -40.60
C ASP F 215 39.21 -20.81 -41.67
N THR F 216 39.20 -21.68 -42.67
CA THR F 216 38.24 -21.67 -43.79
C THR F 216 37.55 -23.03 -43.81
N PRO F 217 36.64 -23.36 -42.86
CA PRO F 217 36.07 -24.69 -42.80
C PRO F 217 34.77 -24.79 -43.62
N ALA F 218 34.20 -23.67 -44.10
CA ALA F 218 32.96 -23.70 -44.89
C ALA F 218 33.27 -24.38 -46.21
N SER F 219 32.38 -25.24 -46.73
CA SER F 219 32.46 -25.86 -48.07
C SER F 219 32.36 -24.78 -49.15
N ARG F 220 32.89 -25.03 -50.35
CA ARG F 220 32.69 -24.17 -51.54
C ARG F 220 31.18 -23.91 -51.73
N ASP F 221 30.32 -24.93 -51.62
CA ASP F 221 28.86 -24.75 -51.83
C ASP F 221 28.27 -23.83 -50.77
N ASP F 222 28.70 -23.96 -49.51
CA ASP F 222 28.22 -23.09 -48.41
C ASP F 222 28.50 -21.63 -48.79
N VAL F 223 29.73 -21.35 -49.23
CA VAL F 223 30.19 -19.98 -49.51
C VAL F 223 29.39 -19.43 -50.71
N GLU F 224 29.23 -20.27 -51.73
CA GLU F 224 28.64 -19.91 -53.05
C GLU F 224 27.17 -19.62 -52.79
N GLU F 225 26.54 -20.38 -51.90
CA GLU F 225 25.12 -20.18 -51.51
C GLU F 225 24.96 -18.77 -50.92
N ALA F 226 25.85 -18.36 -50.02
CA ALA F 226 25.80 -17.05 -49.35
C ALA F 226 26.09 -15.96 -50.39
N ARG F 227 27.11 -16.19 -51.24
CA ARG F 227 27.50 -15.23 -52.31
C ARG F 227 26.32 -15.00 -53.26
N ARG F 228 25.62 -16.08 -53.61
CA ARG F 228 24.44 -16.04 -54.50
C ARG F 228 23.37 -15.11 -53.93
N TYR F 229 23.06 -15.18 -52.64
CA TYR F 229 22.07 -14.26 -52.02
C TYR F 229 22.48 -12.79 -52.31
N LEU F 230 23.75 -12.47 -52.08
CA LEU F 230 24.26 -11.07 -52.16
C LEU F 230 24.30 -10.61 -53.64
N ARG F 231 24.68 -11.50 -54.54
CA ARG F 231 24.73 -11.24 -56.01
C ARG F 231 23.31 -10.95 -56.48
N ARG F 232 22.31 -11.70 -55.99
CA ARG F 232 20.89 -11.42 -56.31
C ARG F 232 20.52 -10.04 -55.77
N ALA F 233 20.91 -9.73 -54.54
CA ALA F 233 20.62 -8.40 -53.93
C ALA F 233 21.17 -7.29 -54.83
N ALA F 234 22.39 -7.44 -55.34
CA ALA F 234 23.11 -6.39 -56.12
C ALA F 234 22.55 -6.28 -57.55
N GLU F 235 22.04 -7.36 -58.13
CA GLU F 235 21.67 -7.43 -59.56
C GLU F 235 20.24 -6.88 -59.75
N LYS F 236 20.04 -5.97 -60.71
CA LYS F 236 18.66 -5.52 -61.09
C LYS F 236 17.99 -6.67 -61.83
N PRO F 237 16.80 -7.14 -61.39
CA PRO F 237 16.13 -8.27 -62.04
C PRO F 237 15.97 -8.05 -63.55
N ALA F 238 16.13 -9.12 -64.31
CA ALA F 238 16.12 -9.10 -65.79
C ALA F 238 14.75 -8.60 -66.28
N LYS F 239 13.65 -8.97 -65.63
CA LYS F 239 12.27 -8.51 -66.01
C LYS F 239 11.51 -8.11 -64.76
N LEU F 240 10.89 -6.93 -64.78
CA LEU F 240 10.10 -6.39 -63.65
C LEU F 240 8.68 -6.97 -63.73
N LEU F 241 8.14 -7.46 -62.60
CA LEU F 241 6.83 -8.15 -62.57
C LEU F 241 5.68 -7.21 -62.93
N TYR F 242 5.76 -5.89 -62.75
CA TYR F 242 4.66 -4.95 -63.14
C TYR F 242 4.41 -5.08 -64.65
N GLU F 243 5.46 -5.29 -65.46
CA GLU F 243 5.46 -5.31 -66.95
C GLU F 243 4.61 -6.48 -67.46
N GLU F 244 4.74 -7.65 -66.82
CA GLU F 244 4.21 -8.96 -67.28
C GLU F 244 2.70 -9.04 -66.99
N ALA F 245 2.21 -8.31 -65.96
CA ALA F 245 0.78 -8.16 -65.58
C ALA F 245 -0.02 -7.60 -66.75
N PRO G 2 -19.81 4.81 -18.38
CA PRO G 2 -19.67 4.57 -16.93
C PRO G 2 -20.60 3.51 -16.31
N GLY G 3 -20.73 2.33 -16.92
CA GLY G 3 -21.40 1.14 -16.34
C GLY G 3 -20.82 -0.18 -16.86
N SER G 4 -21.06 -1.29 -16.16
CA SER G 4 -20.55 -2.66 -16.45
C SER G 4 -21.70 -3.59 -16.84
N ILE G 5 -21.44 -4.69 -17.57
CA ILE G 5 -22.48 -5.66 -18.04
C ILE G 5 -21.94 -7.09 -18.05
N PRO G 6 -22.85 -8.09 -18.08
CA PRO G 6 -22.47 -9.45 -18.49
C PRO G 6 -22.44 -9.38 -20.02
N LEU G 7 -21.83 -10.37 -20.67
CA LEU G 7 -21.53 -10.29 -22.13
C LEU G 7 -22.17 -11.49 -22.83
N ILE G 8 -22.49 -11.33 -24.11
CA ILE G 8 -22.90 -12.44 -25.00
C ILE G 8 -21.82 -13.51 -24.91
N GLY G 9 -22.24 -14.77 -24.79
CA GLY G 9 -21.31 -15.91 -24.72
C GLY G 9 -20.92 -16.21 -23.30
N GLU G 10 -21.16 -15.29 -22.37
CA GLU G 10 -21.01 -15.57 -20.92
C GLU G 10 -22.22 -16.38 -20.42
N ARG G 11 -22.01 -17.23 -19.41
CA ARG G 11 -23.10 -17.87 -18.64
C ARG G 11 -23.86 -16.72 -17.94
N PHE G 12 -25.19 -16.74 -17.96
CA PHE G 12 -25.97 -15.77 -17.17
C PHE G 12 -25.46 -15.85 -15.73
N PRO G 13 -25.16 -14.75 -15.03
CA PRO G 13 -24.60 -14.85 -13.68
C PRO G 13 -25.51 -15.64 -12.73
N GLU G 14 -24.90 -16.52 -11.93
CA GLU G 14 -25.60 -17.29 -10.87
C GLU G 14 -26.22 -16.32 -9.88
N MET G 15 -27.53 -16.36 -9.66
CA MET G 15 -28.11 -15.51 -8.58
C MET G 15 -29.40 -16.15 -8.11
N GLU G 16 -29.75 -15.91 -6.85
CA GLU G 16 -31.09 -16.24 -6.32
C GLU G 16 -31.93 -14.98 -6.44
N VAL G 17 -33.14 -15.11 -6.98
CA VAL G 17 -34.06 -13.96 -7.15
C VAL G 17 -35.41 -14.33 -6.57
N THR G 18 -36.05 -13.34 -5.97
CA THR G 18 -37.45 -13.43 -5.46
C THR G 18 -38.37 -12.91 -6.55
N THR G 19 -39.34 -13.71 -6.97
CA THR G 19 -40.37 -13.31 -7.97
C THR G 19 -41.72 -13.34 -7.25
N ASP G 20 -42.77 -12.80 -7.87
CA ASP G 20 -44.15 -12.91 -7.39
C ASP G 20 -44.65 -14.37 -7.55
N HIS G 21 -43.87 -15.30 -8.07
CA HIS G 21 -44.21 -16.75 -8.10
C HIS G 21 -43.42 -17.50 -7.03
N GLY G 22 -42.38 -16.93 -6.47
CA GLY G 22 -41.55 -17.63 -5.48
C GLY G 22 -40.10 -17.29 -5.69
N VAL G 23 -39.22 -18.02 -5.00
CA VAL G 23 -37.75 -17.82 -5.07
C VAL G 23 -37.19 -18.78 -6.12
N ILE G 24 -36.32 -18.31 -7.01
CA ILE G 24 -35.67 -19.21 -8.01
C ILE G 24 -34.20 -18.86 -8.18
N LYS G 25 -33.44 -19.84 -8.66
CA LYS G 25 -32.02 -19.66 -8.98
C LYS G 25 -31.96 -19.45 -10.50
N LEU G 26 -31.28 -18.39 -10.95
CA LEU G 26 -30.97 -18.20 -12.39
C LEU G 26 -29.50 -18.51 -12.59
N PRO G 27 -29.15 -19.11 -13.76
CA PRO G 27 -30.14 -19.51 -14.77
C PRO G 27 -30.67 -20.93 -14.58
N ASP G 28 -30.23 -21.61 -13.51
CA ASP G 28 -30.50 -23.03 -13.18
C ASP G 28 -31.98 -23.41 -13.35
N HIS G 29 -32.91 -22.60 -12.87
CA HIS G 29 -34.36 -22.97 -12.83
C HIS G 29 -34.86 -23.25 -14.24
N TYR G 30 -34.30 -22.57 -15.24
CA TYR G 30 -34.66 -22.74 -16.68
C TYR G 30 -33.74 -23.78 -17.32
N VAL G 31 -32.45 -23.78 -17.01
CA VAL G 31 -31.49 -24.79 -17.56
C VAL G 31 -31.97 -26.21 -17.23
N SER G 32 -32.34 -26.44 -15.96
CA SER G 32 -32.95 -27.69 -15.42
C SER G 32 -34.07 -28.19 -16.32
N GLN G 33 -34.89 -27.30 -16.88
CA GLN G 33 -36.08 -27.64 -17.69
C GLN G 33 -35.73 -27.74 -19.19
N GLY G 34 -34.48 -27.50 -19.60
CA GLY G 34 -34.15 -27.41 -21.05
C GLY G 34 -34.83 -26.21 -21.72
N LYS G 35 -35.15 -25.18 -20.95
CA LYS G 35 -35.85 -23.97 -21.44
C LYS G 35 -34.85 -22.82 -21.60
N TRP G 36 -35.05 -22.05 -22.64
CA TRP G 36 -34.53 -20.67 -22.85
C TRP G 36 -35.34 -19.76 -21.94
N PHE G 37 -34.78 -18.64 -21.52
CA PHE G 37 -35.63 -17.57 -20.95
C PHE G 37 -35.26 -16.24 -21.57
N VAL G 38 -36.26 -15.38 -21.64
CA VAL G 38 -36.07 -13.94 -21.84
C VAL G 38 -36.29 -13.25 -20.50
N LEU G 39 -35.22 -12.66 -19.93
CA LEU G 39 -35.30 -11.75 -18.78
C LEU G 39 -35.44 -10.34 -19.34
N PHE G 40 -36.47 -9.63 -18.93
CA PHE G 40 -36.61 -8.22 -19.34
C PHE G 40 -36.96 -7.36 -18.13
N SER G 41 -36.62 -6.10 -18.21
CA SER G 41 -36.77 -5.18 -17.08
C SER G 41 -37.70 -4.06 -17.49
N HIS G 42 -38.31 -3.40 -16.50
CA HIS G 42 -39.07 -2.15 -16.73
C HIS G 42 -38.83 -1.27 -15.52
N PRO G 43 -38.96 0.07 -15.63
CA PRO G 43 -38.59 0.97 -14.55
C PRO G 43 -39.38 0.77 -13.24
N ALA G 44 -40.70 0.70 -13.32
CA ALA G 44 -41.58 0.54 -12.15
C ALA G 44 -42.94 0.01 -12.57
N ASP G 45 -43.57 -0.71 -11.66
CA ASP G 45 -44.99 -1.12 -11.72
C ASP G 45 -45.87 0.13 -11.85
N PHE G 46 -47.05 0.00 -12.42
CA PHE G 46 -48.00 1.15 -12.53
C PHE G 46 -47.37 2.30 -13.31
N THR G 47 -46.61 1.94 -14.34
CA THR G 47 -46.13 2.87 -15.39
C THR G 47 -46.69 2.39 -16.74
N PRO G 48 -47.07 3.36 -17.60
CA PRO G 48 -47.87 3.08 -18.79
C PRO G 48 -47.15 2.36 -19.95
N VAL G 49 -45.95 2.78 -20.33
CA VAL G 49 -45.20 2.01 -21.38
C VAL G 49 -45.00 0.60 -20.87
N SER G 50 -44.51 0.44 -19.64
CA SER G 50 -44.28 -0.89 -19.02
C SER G 50 -45.57 -1.72 -19.09
N THR G 51 -46.72 -1.11 -18.80
CA THR G 51 -48.00 -1.87 -18.87
C THR G 51 -48.21 -2.34 -20.32
N THR G 52 -48.04 -1.47 -21.31
CA THR G 52 -48.21 -1.90 -22.73
C THR G 52 -47.30 -3.09 -23.02
N GLU G 53 -46.09 -3.09 -22.46
CA GLU G 53 -45.10 -4.16 -22.79
C GLU G 53 -45.52 -5.46 -22.13
N PHE G 54 -46.02 -5.42 -20.90
CA PHE G 54 -46.50 -6.65 -20.24
C PHE G 54 -47.65 -7.26 -21.05
N VAL G 55 -48.54 -6.41 -21.51
CA VAL G 55 -49.73 -6.88 -22.29
C VAL G 55 -49.22 -7.45 -23.61
N SER G 56 -48.18 -6.85 -24.20
CA SER G 56 -47.59 -7.36 -25.46
C SER G 56 -46.93 -8.74 -25.23
N PHE G 57 -46.16 -8.89 -24.15
CA PHE G 57 -45.53 -10.20 -23.84
C PHE G 57 -46.63 -11.24 -23.58
N ALA G 58 -47.67 -10.88 -22.82
CA ALA G 58 -48.77 -11.82 -22.45
C ALA G 58 -49.47 -12.32 -23.71
N ARG G 59 -49.71 -11.45 -24.66
CA ARG G 59 -50.37 -11.82 -25.93
C ARG G 59 -49.47 -12.78 -26.70
N ARG G 60 -48.16 -12.72 -26.50
CA ARG G 60 -47.17 -13.53 -27.28
C ARG G 60 -46.71 -14.72 -26.47
N TYR G 61 -47.29 -14.90 -25.29
CA TYR G 61 -46.84 -15.91 -24.31
C TYR G 61 -46.80 -17.31 -24.93
N GLU G 62 -47.86 -17.69 -25.63
CA GLU G 62 -47.97 -19.04 -26.24
C GLU G 62 -46.94 -19.16 -27.37
N ASP G 63 -46.70 -18.07 -28.11
CA ASP G 63 -45.65 -18.01 -29.15
C ASP G 63 -44.29 -18.30 -28.51
N PHE G 64 -43.98 -17.66 -27.38
CA PHE G 64 -42.77 -17.99 -26.58
C PHE G 64 -42.82 -19.45 -26.13
N GLN G 65 -43.96 -19.90 -25.57
CA GLN G 65 -44.09 -21.28 -25.02
C GLN G 65 -43.78 -22.30 -26.13
N ARG G 66 -44.25 -22.09 -27.35
CA ARG G 66 -44.03 -23.00 -28.52
C ARG G 66 -42.53 -23.13 -28.83
N LEU G 67 -41.70 -22.13 -28.57
CA LEU G 67 -40.23 -22.18 -28.83
C LEU G 67 -39.53 -22.76 -27.61
N GLY G 68 -40.25 -23.18 -26.57
CA GLY G 68 -39.56 -23.59 -25.35
C GLY G 68 -38.84 -22.41 -24.71
N VAL G 69 -39.48 -21.24 -24.65
CA VAL G 69 -38.93 -20.01 -24.03
C VAL G 69 -39.87 -19.51 -22.95
N ASP G 70 -39.35 -19.43 -21.72
CA ASP G 70 -40.02 -18.79 -20.55
C ASP G 70 -39.73 -17.29 -20.55
N LEU G 71 -40.64 -16.54 -19.94
CA LEU G 71 -40.53 -15.09 -19.74
C LEU G 71 -40.34 -14.81 -18.25
N ILE G 72 -39.51 -13.85 -17.91
CA ILE G 72 -39.37 -13.37 -16.51
C ILE G 72 -39.10 -11.88 -16.57
N GLY G 73 -39.96 -11.09 -15.93
CA GLY G 73 -39.77 -9.65 -15.81
C GLY G 73 -38.87 -9.28 -14.64
N LEU G 74 -38.62 -7.99 -14.47
CA LEU G 74 -37.73 -7.45 -13.42
C LEU G 74 -38.02 -5.96 -13.26
N SER G 75 -38.29 -5.55 -12.02
CA SER G 75 -38.19 -4.12 -11.61
C SER G 75 -37.71 -4.04 -10.17
N VAL G 76 -37.49 -2.84 -9.67
CA VAL G 76 -37.02 -2.60 -8.28
C VAL G 76 -38.22 -2.55 -7.32
N ASP G 77 -39.46 -2.69 -7.79
CA ASP G 77 -40.65 -2.77 -6.89
C ASP G 77 -40.66 -4.11 -6.15
N SER G 78 -41.47 -4.16 -5.11
CA SER G 78 -41.68 -5.33 -4.22
C SER G 78 -42.65 -6.30 -4.88
N VAL G 79 -42.73 -7.53 -4.35
CA VAL G 79 -43.67 -8.57 -4.83
C VAL G 79 -45.12 -8.06 -4.70
N CYS G 80 -45.46 -7.37 -3.61
CA CYS G 80 -46.84 -6.91 -3.30
C CYS G 80 -47.31 -5.94 -4.40
N SER G 81 -46.44 -5.00 -4.83
CA SER G 81 -46.69 -4.10 -5.99
C SER G 81 -46.84 -4.91 -7.28
N HIS G 82 -46.04 -5.95 -7.51
CA HIS G 82 -46.18 -6.82 -8.69
C HIS G 82 -47.58 -7.46 -8.69
N ILE G 83 -47.99 -8.08 -7.57
CA ILE G 83 -49.31 -8.75 -7.55
C ILE G 83 -50.41 -7.72 -7.78
N LYS G 84 -50.31 -6.52 -7.19
CA LYS G 84 -51.41 -5.50 -7.29
C LYS G 84 -51.46 -4.97 -8.74
N TRP G 85 -50.30 -4.73 -9.34
CA TRP G 85 -50.20 -4.28 -10.74
C TRP G 85 -50.80 -5.32 -11.68
N LYS G 86 -50.45 -6.58 -11.51
CA LYS G 86 -51.06 -7.66 -12.33
C LYS G 86 -52.59 -7.68 -12.14
N GLU G 87 -53.06 -7.53 -10.91
CA GLU G 87 -54.52 -7.51 -10.62
C GLU G 87 -55.13 -6.38 -11.45
N TRP G 88 -54.53 -5.18 -11.37
CA TRP G 88 -54.98 -3.98 -12.10
C TRP G 88 -55.04 -4.26 -13.60
N ILE G 89 -54.03 -4.90 -14.17
CA ILE G 89 -54.00 -5.15 -15.64
C ILE G 89 -55.15 -6.11 -15.98
N GLU G 90 -55.35 -7.18 -15.21
CA GLU G 90 -56.43 -8.17 -15.45
C GLU G 90 -57.80 -7.49 -15.31
N ARG G 91 -57.98 -6.60 -14.33
CA ARG G 91 -59.28 -5.92 -14.09
C ARG G 91 -59.58 -4.88 -15.18
N HIS G 92 -58.59 -4.05 -15.55
CA HIS G 92 -58.81 -2.82 -16.35
C HIS G 92 -58.54 -3.08 -17.83
N ILE G 93 -57.72 -4.08 -18.18
CA ILE G 93 -57.34 -4.36 -19.59
C ILE G 93 -57.87 -5.74 -20.00
N GLY G 94 -58.20 -6.59 -19.03
CA GLY G 94 -58.76 -7.93 -19.27
C GLY G 94 -57.69 -8.89 -19.68
N VAL G 95 -56.44 -8.70 -19.26
CA VAL G 95 -55.30 -9.55 -19.68
C VAL G 95 -54.57 -10.08 -18.43
N ARG G 96 -54.48 -11.39 -18.29
CA ARG G 96 -53.71 -12.07 -17.22
C ARG G 96 -52.25 -12.08 -17.65
N ILE G 97 -51.38 -11.58 -16.80
CA ILE G 97 -49.91 -11.73 -16.98
C ILE G 97 -49.54 -13.07 -16.35
N PRO G 98 -49.21 -14.14 -17.11
CA PRO G 98 -49.01 -15.44 -16.49
C PRO G 98 -47.56 -15.66 -16.01
N PHE G 99 -46.60 -14.83 -16.40
CA PHE G 99 -45.16 -15.13 -16.17
C PHE G 99 -44.68 -14.37 -14.93
N PRO G 100 -43.62 -14.84 -14.25
CA PRO G 100 -43.16 -14.14 -13.06
C PRO G 100 -42.48 -12.79 -13.31
N ILE G 101 -42.51 -11.94 -12.30
CA ILE G 101 -41.72 -10.69 -12.25
C ILE G 101 -40.78 -10.78 -11.04
N ILE G 102 -39.48 -10.61 -11.27
CA ILE G 102 -38.51 -10.42 -10.18
C ILE G 102 -38.80 -9.08 -9.50
N ALA G 103 -38.82 -9.09 -8.17
CA ALA G 103 -38.78 -7.94 -7.25
C ALA G 103 -37.33 -7.66 -6.85
N ASP G 104 -36.77 -6.50 -7.15
CA ASP G 104 -35.32 -6.21 -6.91
C ASP G 104 -35.18 -4.91 -6.14
N PRO G 105 -35.84 -4.74 -4.98
CA PRO G 105 -35.82 -3.46 -4.25
C PRO G 105 -34.45 -2.84 -3.88
N GLN G 106 -33.41 -3.61 -3.68
CA GLN G 106 -32.13 -2.90 -3.35
C GLN G 106 -31.35 -2.67 -4.64
N GLY G 107 -31.89 -3.08 -5.79
CA GLY G 107 -31.20 -2.95 -7.10
C GLY G 107 -30.06 -3.94 -7.31
N THR G 108 -30.00 -5.03 -6.54
CA THR G 108 -28.89 -6.02 -6.57
C THR G 108 -28.77 -6.66 -7.96
N VAL G 109 -29.90 -7.19 -8.43
CA VAL G 109 -30.00 -7.79 -9.79
C VAL G 109 -29.72 -6.72 -10.85
N ALA G 110 -30.30 -5.52 -10.70
CA ALA G 110 -30.20 -4.41 -11.67
C ALA G 110 -28.72 -4.05 -11.90
N ARG G 111 -27.94 -3.92 -10.83
CA ARG G 111 -26.52 -3.50 -10.85
C ARG G 111 -25.70 -4.63 -11.51
N ARG G 112 -25.99 -5.87 -11.17
CA ARG G 112 -25.34 -7.08 -11.74
C ARG G 112 -25.55 -7.11 -13.26
N LEU G 113 -26.72 -6.72 -13.77
CA LEU G 113 -27.04 -6.84 -15.22
C LEU G 113 -26.86 -5.51 -15.97
N GLY G 114 -26.29 -4.48 -15.33
CA GLY G 114 -26.04 -3.17 -15.95
C GLY G 114 -27.33 -2.49 -16.39
N LEU G 115 -28.41 -2.67 -15.62
CA LEU G 115 -29.76 -2.21 -16.03
C LEU G 115 -30.04 -0.80 -15.51
N LEU G 116 -29.13 -0.24 -14.74
CA LEU G 116 -29.27 1.15 -14.24
C LEU G 116 -28.42 2.05 -15.14
N HIS G 117 -29.06 2.85 -16.01
CA HIS G 117 -28.34 3.74 -16.94
C HIS G 117 -28.46 5.17 -16.39
N ALA G 118 -27.87 6.14 -17.07
CA ALA G 118 -27.80 7.53 -16.59
C ALA G 118 -29.18 8.18 -16.66
N GLU G 119 -30.11 7.55 -17.38
CA GLU G 119 -31.49 8.05 -17.53
C GLU G 119 -32.23 8.03 -16.18
N SER G 120 -31.91 7.10 -15.27
CA SER G 120 -32.47 7.05 -13.90
C SER G 120 -31.47 6.34 -13.00
N ALA G 121 -31.11 6.95 -11.87
CA ALA G 121 -30.27 6.34 -10.82
C ALA G 121 -31.05 5.27 -10.04
N THR G 122 -32.39 5.28 -10.10
CA THR G 122 -33.22 4.46 -9.17
C THR G 122 -33.99 3.37 -9.89
N HIS G 123 -34.29 3.57 -11.17
CA HIS G 123 -35.16 2.66 -11.92
C HIS G 123 -34.44 2.16 -13.18
N THR G 124 -34.63 0.88 -13.42
CA THR G 124 -34.03 0.08 -14.51
C THR G 124 -34.54 0.65 -15.84
N VAL G 125 -33.69 0.72 -16.86
CA VAL G 125 -34.16 0.89 -18.25
C VAL G 125 -34.85 -0.40 -18.69
N ARG G 126 -35.13 -0.53 -19.98
CA ARG G 126 -35.89 -1.65 -20.55
C ARG G 126 -34.91 -2.63 -21.17
N GLY G 127 -34.25 -3.41 -20.33
CA GLY G 127 -33.27 -4.41 -20.78
C GLY G 127 -33.91 -5.71 -21.21
N VAL G 128 -33.20 -6.45 -22.05
CA VAL G 128 -33.60 -7.79 -22.55
C VAL G 128 -32.35 -8.65 -22.60
N PHE G 129 -32.35 -9.75 -21.84
CA PHE G 129 -31.35 -10.82 -21.85
C PHE G 129 -32.02 -12.07 -22.42
N ILE G 130 -31.50 -12.54 -23.56
CA ILE G 130 -31.98 -13.78 -24.19
C ILE G 130 -30.97 -14.86 -23.83
N VAL G 131 -31.42 -15.89 -23.11
CA VAL G 131 -30.51 -16.86 -22.45
C VAL G 131 -30.95 -18.22 -22.97
N ASP G 132 -30.03 -19.01 -23.52
CA ASP G 132 -30.35 -20.33 -24.10
C ASP G 132 -30.50 -21.35 -22.95
N ALA G 133 -30.88 -22.58 -23.30
CA ALA G 133 -31.06 -23.73 -22.38
C ALA G 133 -29.73 -24.15 -21.77
N ARG G 134 -28.59 -23.61 -22.20
CA ARG G 134 -27.30 -23.93 -21.52
C ARG G 134 -26.96 -22.82 -20.55
N GLY G 135 -27.84 -21.84 -20.41
CA GLY G 135 -27.65 -20.74 -19.45
C GLY G 135 -26.71 -19.66 -20.00
N VAL G 136 -26.55 -19.59 -21.33
CA VAL G 136 -25.61 -18.64 -21.99
C VAL G 136 -26.39 -17.44 -22.53
N ILE G 137 -25.93 -16.23 -22.20
CA ILE G 137 -26.47 -14.97 -22.79
C ILE G 137 -26.16 -14.97 -24.30
N ARG G 138 -27.21 -14.85 -25.11
CA ARG G 138 -27.13 -14.96 -26.59
C ARG G 138 -27.30 -13.59 -27.25
N THR G 139 -27.96 -12.65 -26.59
CA THR G 139 -28.36 -11.34 -27.16
C THR G 139 -28.77 -10.45 -25.99
N MET G 140 -28.52 -9.15 -26.09
CA MET G 140 -28.84 -8.13 -25.04
C MET G 140 -29.31 -6.86 -25.72
N LEU G 141 -30.47 -6.36 -25.31
CA LEU G 141 -31.06 -5.12 -25.85
C LEU G 141 -31.25 -4.18 -24.67
N TYR G 142 -30.92 -2.93 -24.86
CA TYR G 142 -31.17 -1.87 -23.86
C TYR G 142 -32.02 -0.79 -24.51
N TYR G 143 -33.33 -0.87 -24.29
CA TYR G 143 -34.27 0.19 -24.69
C TYR G 143 -34.38 1.20 -23.55
N PRO G 144 -34.71 2.46 -23.88
CA PRO G 144 -34.80 3.49 -22.88
C PRO G 144 -36.20 3.57 -22.24
N MET G 145 -36.32 4.45 -21.26
CA MET G 145 -37.60 4.71 -20.56
C MET G 145 -38.70 5.05 -21.57
N GLU G 146 -38.39 5.92 -22.53
CA GLU G 146 -39.41 6.63 -23.34
C GLU G 146 -39.93 5.77 -24.50
N LEU G 147 -39.44 4.54 -24.67
CA LEU G 147 -39.66 3.75 -25.93
C LEU G 147 -39.97 2.31 -25.56
N GLY G 148 -41.18 1.88 -25.85
CA GLY G 148 -41.53 0.45 -25.70
C GLY G 148 -40.80 -0.40 -26.69
N ARG G 149 -40.55 -1.63 -26.30
CA ARG G 149 -39.92 -2.64 -27.14
C ARG G 149 -40.89 -3.08 -28.23
N LEU G 150 -40.33 -3.67 -29.27
CA LEU G 150 -41.02 -4.43 -30.34
C LEU G 150 -40.91 -5.90 -30.02
N VAL G 151 -41.94 -6.47 -29.40
CA VAL G 151 -41.78 -7.82 -28.81
C VAL G 151 -41.68 -8.87 -29.92
N ASP G 152 -42.20 -8.60 -31.12
CA ASP G 152 -42.07 -9.55 -32.26
C ASP G 152 -40.60 -9.71 -32.67
N GLU G 153 -39.74 -8.71 -32.48
CA GLU G 153 -38.29 -8.82 -32.81
C GLU G 153 -37.63 -9.77 -31.80
N ILE G 154 -38.10 -9.77 -30.55
CA ILE G 154 -37.62 -10.71 -29.50
C ILE G 154 -37.99 -12.14 -29.93
N LEU G 155 -39.23 -12.39 -30.38
CA LEU G 155 -39.56 -13.73 -30.93
C LEU G 155 -38.64 -14.03 -32.12
N ARG G 156 -38.41 -13.08 -33.03
CA ARG G 156 -37.66 -13.40 -34.27
C ARG G 156 -36.24 -13.78 -33.85
N ILE G 157 -35.68 -13.02 -32.90
CA ILE G 157 -34.30 -13.28 -32.40
C ILE G 157 -34.27 -14.72 -31.88
N VAL G 158 -35.20 -15.10 -31.02
CA VAL G 158 -35.11 -16.46 -30.40
C VAL G 158 -35.31 -17.52 -31.48
N LYS G 159 -36.26 -17.31 -32.37
CA LYS G 159 -36.52 -18.31 -33.42
C LYS G 159 -35.25 -18.44 -34.29
N ALA G 160 -34.67 -17.31 -34.69
CA ALA G 160 -33.51 -17.29 -35.60
C ALA G 160 -32.33 -17.95 -34.88
N LEU G 161 -32.15 -17.68 -33.59
CA LEU G 161 -31.02 -18.24 -32.82
C LEU G 161 -31.16 -19.77 -32.78
N LYS G 162 -32.36 -20.27 -32.41
CA LYS G 162 -32.65 -21.72 -32.27
C LYS G 162 -32.45 -22.42 -33.61
N LEU G 163 -32.88 -21.82 -34.71
CA LEU G 163 -32.65 -22.34 -36.08
C LEU G 163 -31.14 -22.40 -36.38
N GLY G 164 -30.41 -21.31 -36.12
CA GLY G 164 -28.95 -21.30 -36.38
C GLY G 164 -28.26 -22.39 -35.60
N ASP G 165 -28.71 -22.61 -34.36
CA ASP G 165 -28.18 -23.65 -33.44
C ASP G 165 -28.48 -25.04 -34.05
N SER G 166 -29.72 -25.32 -34.45
CA SER G 166 -30.11 -26.69 -34.87
C SER G 166 -29.50 -26.98 -36.25
N LEU G 167 -29.51 -26.01 -37.17
CA LEU G 167 -29.04 -26.16 -38.59
C LEU G 167 -27.54 -25.82 -38.75
N LYS G 168 -26.84 -25.33 -37.72
CA LYS G 168 -25.40 -24.93 -37.76
C LYS G 168 -25.20 -23.87 -38.86
N ARG G 169 -26.00 -22.82 -38.79
CA ARG G 169 -26.00 -21.71 -39.77
C ARG G 169 -25.97 -20.38 -39.04
N ALA G 170 -25.48 -19.35 -39.70
CA ALA G 170 -25.62 -17.95 -39.26
C ALA G 170 -26.82 -17.38 -40.02
N VAL G 171 -27.45 -16.35 -39.48
CA VAL G 171 -28.74 -15.83 -40.01
C VAL G 171 -28.49 -14.46 -40.61
N PRO G 172 -28.91 -14.22 -41.87
CA PRO G 172 -28.63 -12.95 -42.53
C PRO G 172 -29.49 -11.84 -41.93
N ALA G 173 -29.07 -10.62 -42.21
CA ALA G 173 -29.86 -9.39 -41.93
C ALA G 173 -31.32 -9.62 -42.35
N ASP G 174 -32.26 -9.28 -41.47
CA ASP G 174 -33.71 -9.19 -41.81
C ASP G 174 -34.30 -10.56 -42.15
N TRP G 175 -33.63 -11.66 -41.81
CA TRP G 175 -34.18 -13.02 -42.04
C TRP G 175 -35.55 -13.12 -41.35
N PRO G 176 -36.56 -13.79 -41.95
CA PRO G 176 -36.41 -14.53 -43.20
C PRO G 176 -36.62 -13.79 -44.54
N ASN G 177 -36.51 -12.46 -44.56
CA ASN G 177 -36.77 -11.59 -45.75
C ASN G 177 -35.49 -10.84 -46.12
N ASN G 178 -34.36 -11.53 -46.10
CA ASN G 178 -33.08 -10.91 -46.49
C ASN G 178 -33.16 -10.55 -47.97
N GLU G 179 -32.77 -9.34 -48.34
CA GLU G 179 -32.86 -8.85 -49.74
C GLU G 179 -31.89 -9.60 -50.67
N ILE G 180 -30.88 -10.28 -50.13
CA ILE G 180 -29.84 -10.95 -50.96
C ILE G 180 -30.21 -12.43 -51.11
N ILE G 181 -30.53 -13.12 -50.00
CA ILE G 181 -30.75 -14.59 -50.06
C ILE G 181 -32.12 -14.97 -49.49
N GLY G 182 -33.02 -14.01 -49.25
CA GLY G 182 -34.38 -14.29 -48.74
C GLY G 182 -34.35 -15.08 -47.44
N GLU G 183 -34.83 -16.32 -47.46
CA GLU G 183 -34.89 -17.23 -46.27
C GLU G 183 -33.62 -18.07 -46.18
N GLY G 184 -32.65 -17.84 -47.06
CA GLY G 184 -31.40 -18.60 -46.98
C GLY G 184 -30.70 -18.38 -45.65
N LEU G 185 -29.96 -19.39 -45.23
CA LEU G 185 -29.09 -19.32 -44.04
C LEU G 185 -27.64 -19.51 -44.47
N ILE G 186 -26.74 -18.90 -43.73
CA ILE G 186 -25.32 -18.70 -44.11
C ILE G 186 -24.49 -19.82 -43.48
N VAL G 187 -23.64 -20.46 -44.30
CA VAL G 187 -22.61 -21.42 -43.84
C VAL G 187 -21.51 -20.59 -43.19
N PRO G 188 -21.07 -20.88 -41.94
CA PRO G 188 -20.02 -20.08 -41.33
C PRO G 188 -18.82 -20.15 -42.26
N PRO G 189 -18.12 -19.04 -42.50
CA PRO G 189 -17.10 -19.02 -43.56
C PRO G 189 -15.85 -19.86 -43.22
N PRO G 190 -15.05 -20.24 -44.24
CA PRO G 190 -13.81 -20.95 -43.98
C PRO G 190 -12.86 -20.09 -43.14
N THR G 191 -12.03 -20.78 -42.37
CA THR G 191 -11.06 -20.20 -41.44
C THR G 191 -9.66 -20.42 -42.01
N THR G 192 -9.49 -21.26 -43.06
CA THR G 192 -8.17 -21.48 -43.70
C THR G 192 -8.26 -21.36 -45.22
N GLU G 193 -7.12 -21.16 -45.87
CA GLU G 193 -7.00 -21.16 -47.34
C GLU G 193 -7.39 -22.53 -47.93
N ASP G 194 -6.96 -23.62 -47.31
CA ASP G 194 -7.30 -24.99 -47.77
C ASP G 194 -8.80 -25.19 -47.61
N GLN G 195 -9.38 -24.74 -46.50
CA GLN G 195 -10.85 -24.83 -46.27
C GLN G 195 -11.56 -23.98 -47.32
N ALA G 196 -11.05 -22.78 -47.62
CA ALA G 196 -11.64 -21.88 -48.64
C ALA G 196 -11.66 -22.57 -50.03
N ARG G 197 -10.53 -23.16 -50.43
CA ARG G 197 -10.40 -23.78 -51.77
C ARG G 197 -11.34 -25.01 -51.82
N ALA G 198 -11.40 -25.81 -50.76
CA ALA G 198 -12.24 -27.04 -50.66
C ALA G 198 -13.72 -26.67 -50.80
N ARG G 199 -14.18 -25.71 -49.99
CA ARG G 199 -15.56 -25.17 -50.07
C ARG G 199 -15.88 -24.83 -51.53
N MET G 200 -15.05 -23.98 -52.16
CA MET G 200 -15.34 -23.45 -53.52
C MET G 200 -15.41 -24.61 -54.54
N GLU G 201 -14.48 -25.58 -54.48
CA GLU G 201 -14.37 -26.65 -55.50
C GLU G 201 -15.22 -27.87 -55.08
N SER G 202 -16.09 -27.75 -54.07
CA SER G 202 -17.05 -28.82 -53.67
C SER G 202 -18.39 -28.60 -54.39
N GLY G 203 -18.72 -27.35 -54.73
CA GLY G 203 -19.98 -26.95 -55.39
C GLY G 203 -21.20 -27.30 -54.55
N GLN G 204 -21.00 -27.55 -53.26
CA GLN G 204 -22.05 -28.00 -52.30
C GLN G 204 -23.11 -26.89 -52.08
N TYR G 205 -22.73 -25.61 -52.18
CA TYR G 205 -23.60 -24.47 -51.80
C TYR G 205 -23.60 -23.39 -52.86
N ARG G 206 -24.69 -22.63 -52.96
CA ARG G 206 -24.74 -21.27 -53.55
C ARG G 206 -23.69 -20.43 -52.81
N SER G 207 -22.92 -19.65 -53.57
CA SER G 207 -21.76 -18.83 -53.13
C SER G 207 -21.73 -17.54 -53.91
N LEU G 208 -21.29 -16.47 -53.28
CA LEU G 208 -20.88 -15.22 -53.95
C LEU G 208 -19.35 -15.14 -53.92
N ASP G 209 -18.72 -15.85 -53.00
CA ASP G 209 -17.24 -15.90 -52.82
C ASP G 209 -16.98 -17.01 -51.82
N TRP G 210 -15.73 -17.41 -51.64
CA TRP G 210 -15.41 -18.55 -50.75
C TRP G 210 -15.91 -18.25 -49.34
N TRP G 211 -16.06 -16.97 -48.98
CA TRP G 211 -16.44 -16.54 -47.58
C TRP G 211 -17.96 -16.33 -47.45
N PHE G 212 -18.71 -16.46 -48.54
CA PHE G 212 -20.16 -16.17 -48.58
C PHE G 212 -20.86 -17.33 -49.28
N SER G 213 -21.16 -18.37 -48.52
CA SER G 213 -21.95 -19.54 -48.96
C SER G 213 -23.24 -19.65 -48.15
N TRP G 214 -24.29 -20.18 -48.78
CA TRP G 214 -25.63 -20.33 -48.13
C TRP G 214 -26.43 -21.47 -48.75
N ASP G 215 -27.47 -21.92 -48.04
CA ASP G 215 -28.47 -22.89 -48.54
C ASP G 215 -29.81 -22.49 -47.89
N THR G 216 -30.82 -23.33 -48.00
CA THR G 216 -32.20 -23.04 -47.57
C THR G 216 -32.65 -24.29 -46.83
N PRO G 217 -32.06 -24.57 -45.65
CA PRO G 217 -32.39 -25.79 -44.92
C PRO G 217 -33.50 -25.59 -43.89
N ALA G 218 -33.97 -24.36 -43.67
CA ALA G 218 -35.08 -24.07 -42.74
C ALA G 218 -36.35 -24.60 -43.39
N SER G 219 -37.16 -25.34 -42.64
CA SER G 219 -38.47 -25.90 -43.09
C SER G 219 -39.41 -24.75 -43.41
N ARG G 220 -40.45 -25.05 -44.18
CA ARG G 220 -41.49 -24.07 -44.55
C ARG G 220 -42.14 -23.54 -43.25
N ASP G 221 -42.41 -24.41 -42.28
CA ASP G 221 -43.05 -24.05 -40.97
C ASP G 221 -42.16 -23.05 -40.21
N ASP G 222 -40.86 -23.36 -40.06
CA ASP G 222 -39.86 -22.46 -39.44
C ASP G 222 -39.98 -21.06 -40.05
N VAL G 223 -39.90 -20.98 -41.37
CA VAL G 223 -39.91 -19.69 -42.10
C VAL G 223 -41.26 -19.02 -41.89
N GLU G 224 -42.36 -19.76 -42.03
CA GLU G 224 -43.72 -19.19 -41.86
C GLU G 224 -43.88 -18.71 -40.40
N GLU G 225 -43.39 -19.44 -39.41
CA GLU G 225 -43.51 -19.04 -37.97
C GLU G 225 -42.85 -17.66 -37.83
N ALA G 226 -41.64 -17.48 -38.37
CA ALA G 226 -40.85 -16.25 -38.23
C ALA G 226 -41.53 -15.11 -38.97
N ARG G 227 -42.11 -15.39 -40.14
CA ARG G 227 -42.77 -14.37 -40.98
C ARG G 227 -44.04 -13.86 -40.29
N ARG G 228 -44.74 -14.72 -39.55
CA ARG G 228 -45.98 -14.38 -38.80
C ARG G 228 -45.66 -13.35 -37.71
N TYR G 229 -44.54 -13.53 -37.01
CA TYR G 229 -44.07 -12.55 -35.99
C TYR G 229 -43.99 -11.17 -36.64
N LEU G 230 -43.42 -11.09 -37.84
CA LEU G 230 -43.16 -9.77 -38.47
C LEU G 230 -44.46 -9.19 -39.06
N ARG G 231 -45.29 -10.04 -39.68
CA ARG G 231 -46.62 -9.59 -40.17
C ARG G 231 -47.42 -9.00 -39.02
N ARG G 232 -47.45 -9.68 -37.86
CA ARG G 232 -48.18 -9.16 -36.66
C ARG G 232 -47.62 -7.77 -36.32
N ALA G 233 -46.30 -7.61 -36.27
CA ALA G 233 -45.69 -6.30 -35.95
C ALA G 233 -46.17 -5.26 -36.95
N ALA G 234 -46.25 -5.65 -38.22
CA ALA G 234 -46.58 -4.73 -39.35
C ALA G 234 -48.08 -4.34 -39.33
N GLU G 235 -48.98 -5.24 -38.90
CA GLU G 235 -50.46 -5.09 -39.03
C GLU G 235 -51.04 -4.32 -37.83
N LYS G 236 -51.89 -3.32 -38.06
CA LYS G 236 -52.72 -2.67 -37.00
C LYS G 236 -53.67 -3.72 -36.43
N PRO G 237 -53.78 -3.90 -35.09
CA PRO G 237 -54.64 -4.93 -34.51
C PRO G 237 -56.11 -4.60 -34.83
N ALA G 238 -56.98 -5.60 -35.02
CA ALA G 238 -58.40 -5.41 -35.42
C ALA G 238 -59.12 -4.59 -34.34
N LYS G 239 -58.98 -4.97 -33.07
CA LYS G 239 -59.57 -4.16 -31.95
C LYS G 239 -58.51 -3.83 -30.90
N LEU G 240 -58.46 -2.55 -30.52
CA LEU G 240 -57.65 -2.01 -29.41
C LEU G 240 -58.29 -2.43 -28.08
N LEU G 241 -57.50 -2.74 -27.06
CA LEU G 241 -57.99 -3.21 -25.74
C LEU G 241 -58.48 -2.04 -24.88
N TYR G 242 -58.22 -0.77 -25.25
CA TYR G 242 -58.74 0.38 -24.46
C TYR G 242 -60.25 0.55 -24.65
N GLU G 243 -60.90 -0.17 -25.58
CA GLU G 243 -62.38 -0.14 -25.81
C GLU G 243 -63.10 -0.53 -24.51
N GLU G 244 -63.06 -1.82 -24.15
CA GLU G 244 -63.69 -2.43 -22.94
C GLU G 244 -63.12 -1.80 -21.66
N ALA G 245 -61.89 -1.25 -21.76
CA ALA G 245 -61.10 -0.63 -20.67
C ALA G 245 -61.50 0.85 -20.54
N PRO H 2 -17.50 -10.35 -16.89
CA PRO H 2 -18.27 -9.19 -17.39
C PRO H 2 -17.41 -8.22 -18.23
N GLY H 3 -17.97 -7.11 -18.69
CA GLY H 3 -17.28 -6.03 -19.42
C GLY H 3 -17.96 -4.69 -19.19
N SER H 4 -17.34 -3.59 -19.64
CA SER H 4 -17.84 -2.21 -19.38
C SER H 4 -18.54 -1.65 -20.62
N ILE H 5 -19.45 -0.69 -20.43
CA ILE H 5 -20.19 0.03 -21.51
C ILE H 5 -20.39 1.49 -21.09
N PRO H 6 -20.71 2.37 -22.06
CA PRO H 6 -21.32 3.66 -21.74
C PRO H 6 -22.82 3.33 -21.68
N LEU H 7 -23.64 4.28 -21.24
CA LEU H 7 -25.02 3.98 -20.80
C LEU H 7 -25.98 4.94 -21.48
N ILE H 8 -27.23 4.53 -21.63
CA ILE H 8 -28.32 5.39 -22.18
C ILE H 8 -28.38 6.60 -21.27
N GLY H 9 -28.42 7.79 -21.88
CA GLY H 9 -28.52 9.08 -21.16
C GLY H 9 -27.17 9.71 -20.94
N GLU H 10 -26.08 8.97 -21.10
CA GLU H 10 -24.71 9.55 -21.13
C GLU H 10 -24.41 10.08 -22.52
N ARG H 11 -23.63 11.15 -22.56
CA ARG H 11 -22.94 11.65 -23.77
C ARG H 11 -22.12 10.52 -24.38
N PHE H 12 -22.23 10.29 -25.69
CA PHE H 12 -21.33 9.33 -26.38
C PHE H 12 -19.89 9.71 -26.03
N PRO H 13 -18.97 8.79 -25.70
CA PRO H 13 -17.64 9.19 -25.28
C PRO H 13 -16.92 10.00 -26.37
N GLU H 14 -16.31 11.11 -25.97
CA GLU H 14 -15.44 11.96 -26.83
C GLU H 14 -14.32 11.10 -27.43
N MET H 15 -14.19 11.02 -28.74
CA MET H 15 -13.10 10.18 -29.30
C MET H 15 -12.85 10.59 -30.74
N GLU H 16 -11.59 10.54 -31.13
CA GLU H 16 -11.20 10.69 -32.55
C GLU H 16 -11.14 9.27 -33.11
N VAL H 17 -11.81 9.04 -34.23
CA VAL H 17 -11.79 7.71 -34.90
C VAL H 17 -11.32 7.88 -36.33
N THR H 18 -10.65 6.87 -36.85
CA THR H 18 -10.26 6.83 -38.28
C THR H 18 -11.29 6.01 -39.03
N THR H 19 -11.84 6.62 -40.07
CA THR H 19 -12.79 5.97 -40.96
C THR H 19 -12.21 5.97 -42.38
N ASP H 20 -12.79 5.16 -43.25
CA ASP H 20 -12.47 5.08 -44.69
C ASP H 20 -12.90 6.38 -45.39
N HIS H 21 -13.48 7.36 -44.68
CA HIS H 21 -13.84 8.70 -45.22
C HIS H 21 -12.93 9.78 -44.61
N GLY H 22 -12.09 9.43 -43.65
CA GLY H 22 -11.25 10.41 -42.95
C GLY H 22 -11.41 10.28 -41.44
N VAL H 23 -10.68 11.12 -40.73
CA VAL H 23 -10.63 11.19 -39.25
C VAL H 23 -11.75 12.11 -38.83
N ILE H 24 -12.57 11.69 -37.88
CA ILE H 24 -13.68 12.53 -37.36
C ILE H 24 -13.71 12.42 -35.86
N LYS H 25 -14.20 13.47 -35.21
CA LYS H 25 -14.40 13.44 -33.75
C LYS H 25 -15.85 12.97 -33.51
N LEU H 26 -16.02 12.02 -32.61
CA LEU H 26 -17.38 11.60 -32.18
C LEU H 26 -17.57 12.16 -30.77
N PRO H 27 -18.81 12.61 -30.42
CA PRO H 27 -19.91 12.75 -31.37
C PRO H 27 -20.00 14.08 -32.15
N ASP H 28 -19.09 15.03 -31.85
CA ASP H 28 -19.06 16.44 -32.35
C ASP H 28 -19.36 16.54 -33.86
N HIS H 29 -18.80 15.64 -34.68
CA HIS H 29 -18.92 15.68 -36.16
C HIS H 29 -20.39 15.62 -36.59
N TYR H 30 -21.21 14.87 -35.85
CA TYR H 30 -22.67 14.80 -36.13
C TYR H 30 -23.41 15.87 -35.29
N VAL H 31 -23.04 16.09 -34.03
CA VAL H 31 -23.70 17.14 -33.18
C VAL H 31 -23.66 18.47 -33.94
N SER H 32 -22.49 18.86 -34.44
CA SER H 32 -22.30 20.14 -35.17
C SER H 32 -23.12 20.18 -36.47
N GLN H 33 -23.58 19.06 -37.05
CA GLN H 33 -24.50 19.09 -38.22
C GLN H 33 -25.97 19.01 -37.78
N GLY H 34 -26.27 19.02 -36.48
CA GLY H 34 -27.65 18.73 -35.99
C GLY H 34 -28.12 17.34 -36.42
N LYS H 35 -27.19 16.37 -36.56
CA LYS H 35 -27.56 14.98 -36.96
C LYS H 35 -27.50 14.01 -35.76
N TRP H 36 -28.49 13.13 -35.70
CA TRP H 36 -28.39 11.85 -34.95
C TRP H 36 -27.43 10.94 -35.73
N PHE H 37 -26.78 9.97 -35.08
CA PHE H 37 -26.09 8.88 -35.81
C PHE H 37 -26.36 7.53 -35.16
N VAL H 38 -26.34 6.52 -35.98
CA VAL H 38 -26.32 5.11 -35.54
C VAL H 38 -24.91 4.59 -35.82
N LEU H 39 -24.18 4.30 -34.75
CA LEU H 39 -22.89 3.60 -34.83
C LEU H 39 -23.20 2.13 -34.60
N PHE H 40 -22.79 1.29 -35.53
CA PHE H 40 -22.99 -0.16 -35.46
C PHE H 40 -21.66 -0.81 -35.80
N SER H 41 -21.45 -1.98 -35.21
CA SER H 41 -20.19 -2.75 -35.34
C SER H 41 -20.50 -4.06 -36.06
N HIS H 42 -19.47 -4.65 -36.68
CA HIS H 42 -19.52 -6.00 -37.26
C HIS H 42 -18.15 -6.61 -37.00
N PRO H 43 -18.05 -7.95 -36.93
CA PRO H 43 -16.82 -8.63 -36.53
C PRO H 43 -15.63 -8.40 -37.48
N ALA H 44 -15.84 -8.55 -38.76
CA ALA H 44 -14.76 -8.38 -39.77
C ALA H 44 -15.34 -8.15 -41.16
N ASP H 45 -14.57 -7.44 -41.96
CA ASP H 45 -14.79 -7.28 -43.42
C ASP H 45 -14.73 -8.66 -44.09
N PHE H 46 -15.42 -8.81 -45.21
CA PHE H 46 -15.48 -10.08 -45.98
C PHE H 46 -16.02 -11.18 -45.07
N THR H 47 -17.07 -10.87 -44.32
CA THR H 47 -17.90 -11.86 -43.58
C THR H 47 -19.32 -11.76 -44.13
N PRO H 48 -20.01 -12.92 -44.27
CA PRO H 48 -21.29 -12.96 -44.98
C PRO H 48 -22.45 -12.24 -44.26
N VAL H 49 -22.68 -12.52 -42.98
CA VAL H 49 -23.79 -11.82 -42.24
C VAL H 49 -23.53 -10.32 -42.27
N SER H 50 -22.29 -9.94 -41.95
CA SER H 50 -21.89 -8.52 -41.96
C SER H 50 -22.23 -7.90 -43.32
N THR H 51 -21.92 -8.62 -44.41
CA THR H 51 -22.16 -8.13 -45.79
C THR H 51 -23.66 -7.92 -45.95
N THR H 52 -24.50 -8.87 -45.52
CA THR H 52 -25.98 -8.72 -45.63
C THR H 52 -26.43 -7.47 -44.89
N GLU H 53 -25.81 -7.17 -43.76
CA GLU H 53 -26.26 -6.06 -42.90
C GLU H 53 -25.85 -4.74 -43.55
N PHE H 54 -24.63 -4.66 -44.10
CA PHE H 54 -24.18 -3.46 -44.84
C PHE H 54 -25.16 -3.18 -45.99
N VAL H 55 -25.56 -4.22 -46.72
CA VAL H 55 -26.47 -4.06 -47.89
C VAL H 55 -27.83 -3.63 -47.35
N SER H 56 -28.29 -4.21 -46.24
CA SER H 56 -29.59 -3.82 -45.63
C SER H 56 -29.55 -2.32 -45.29
N PHE H 57 -28.51 -1.88 -44.59
CA PHE H 57 -28.37 -0.46 -44.16
C PHE H 57 -28.33 0.47 -45.40
N ALA H 58 -27.65 0.04 -46.46
CA ALA H 58 -27.46 0.84 -47.69
C ALA H 58 -28.81 0.97 -48.40
N ARG H 59 -29.60 -0.08 -48.45
CA ARG H 59 -30.91 -0.01 -49.12
C ARG H 59 -31.81 0.95 -48.33
N ARG H 60 -31.59 1.12 -47.03
CA ARG H 60 -32.46 1.95 -46.16
C ARG H 60 -31.78 3.29 -45.93
N TYR H 61 -30.67 3.54 -46.62
CA TYR H 61 -29.88 4.77 -46.43
C TYR H 61 -30.77 6.03 -46.56
N GLU H 62 -31.65 6.09 -47.55
CA GLU H 62 -32.46 7.31 -47.77
C GLU H 62 -33.48 7.43 -46.62
N ASP H 63 -33.99 6.31 -46.12
CA ASP H 63 -34.91 6.29 -44.95
C ASP H 63 -34.22 6.94 -43.75
N PHE H 64 -32.94 6.63 -43.51
CA PHE H 64 -32.16 7.26 -42.40
C PHE H 64 -31.96 8.76 -42.65
N GLN H 65 -31.67 9.12 -43.91
CA GLN H 65 -31.41 10.53 -44.30
C GLN H 65 -32.68 11.35 -44.09
N ARG H 66 -33.86 10.81 -44.43
CA ARG H 66 -35.16 11.49 -44.21
C ARG H 66 -35.32 11.86 -42.74
N LEU H 67 -34.88 10.98 -41.82
CA LEU H 67 -35.02 11.17 -40.35
C LEU H 67 -33.90 12.06 -39.81
N GLY H 68 -32.96 12.51 -40.65
CA GLY H 68 -31.79 13.29 -40.23
C GLY H 68 -30.83 12.44 -39.41
N VAL H 69 -30.70 11.17 -39.77
CA VAL H 69 -29.78 10.20 -39.11
C VAL H 69 -28.66 9.83 -40.07
N ASP H 70 -27.42 9.92 -39.61
CA ASP H 70 -26.21 9.40 -40.31
C ASP H 70 -25.87 8.00 -39.78
N LEU H 71 -25.25 7.19 -40.62
CA LEU H 71 -24.78 5.82 -40.30
C LEU H 71 -23.27 5.82 -40.22
N ILE H 72 -22.70 5.06 -39.28
CA ILE H 72 -21.22 4.86 -39.18
C ILE H 72 -20.98 3.44 -38.65
N GLY H 73 -20.26 2.65 -39.45
CA GLY H 73 -19.90 1.27 -39.11
C GLY H 73 -18.63 1.23 -38.30
N LEU H 74 -18.22 0.04 -37.87
CA LEU H 74 -17.01 -0.18 -37.02
C LEU H 74 -16.63 -1.65 -37.12
N SER H 75 -15.37 -1.95 -37.48
CA SER H 75 -14.71 -3.23 -37.17
C SER H 75 -13.24 -2.99 -36.82
N VAL H 76 -12.56 -4.03 -36.36
CA VAL H 76 -11.12 -4.03 -36.03
C VAL H 76 -10.25 -4.08 -37.31
N ASP H 77 -10.83 -4.18 -38.49
CA ASP H 77 -10.10 -4.15 -39.78
C ASP H 77 -9.60 -2.73 -40.09
N SER H 78 -8.63 -2.66 -41.00
CA SER H 78 -7.98 -1.41 -41.49
C SER H 78 -8.88 -0.72 -42.52
N VAL H 79 -8.58 0.54 -42.79
CA VAL H 79 -9.23 1.35 -43.86
C VAL H 79 -9.11 0.61 -45.19
N CYS H 80 -7.90 0.12 -45.50
CA CYS H 80 -7.62 -0.49 -46.81
C CYS H 80 -8.63 -1.63 -47.02
N SER H 81 -8.80 -2.46 -46.01
CA SER H 81 -9.75 -3.60 -46.04
C SER H 81 -11.19 -3.06 -46.19
N HIS H 82 -11.55 -1.99 -45.48
CA HIS H 82 -12.89 -1.36 -45.62
C HIS H 82 -13.14 -0.99 -47.10
N ILE H 83 -12.18 -0.28 -47.72
CA ILE H 83 -12.34 0.15 -49.13
C ILE H 83 -12.40 -1.08 -50.05
N LYS H 84 -11.59 -2.12 -49.83
CA LYS H 84 -11.60 -3.31 -50.73
C LYS H 84 -12.93 -4.03 -50.57
N TRP H 85 -13.47 -4.08 -49.35
CA TRP H 85 -14.74 -4.76 -49.05
C TRP H 85 -15.88 -3.97 -49.68
N LYS H 86 -15.87 -2.66 -49.56
CA LYS H 86 -16.86 -1.80 -50.24
C LYS H 86 -16.82 -2.04 -51.75
N GLU H 87 -15.61 -2.08 -52.36
CA GLU H 87 -15.44 -2.33 -53.82
C GLU H 87 -16.12 -3.67 -54.16
N TRP H 88 -15.80 -4.72 -53.41
CA TRP H 88 -16.36 -6.08 -53.61
C TRP H 88 -17.90 -6.00 -53.60
N ILE H 89 -18.46 -5.33 -52.59
CA ILE H 89 -19.94 -5.25 -52.47
C ILE H 89 -20.53 -4.56 -53.73
N GLU H 90 -19.94 -3.45 -54.19
CA GLU H 90 -20.43 -2.70 -55.38
C GLU H 90 -20.36 -3.61 -56.61
N ARG H 91 -19.23 -4.28 -56.80
CA ARG H 91 -18.94 -5.13 -57.98
C ARG H 91 -19.80 -6.41 -57.99
N HIS H 92 -19.95 -7.11 -56.86
CA HIS H 92 -20.59 -8.45 -56.80
C HIS H 92 -22.08 -8.35 -56.48
N ILE H 93 -22.52 -7.37 -55.68
CA ILE H 93 -23.95 -7.26 -55.28
C ILE H 93 -24.64 -6.10 -56.00
N GLY H 94 -23.87 -5.13 -56.49
CA GLY H 94 -24.41 -3.97 -57.23
C GLY H 94 -24.89 -2.91 -56.27
N VAL H 95 -24.41 -2.91 -55.02
CA VAL H 95 -24.88 -1.95 -53.98
C VAL H 95 -23.66 -1.16 -53.52
N ARG H 96 -23.75 0.17 -53.59
CA ARG H 96 -22.72 1.11 -53.10
C ARG H 96 -23.00 1.34 -51.61
N ILE H 97 -21.97 1.26 -50.78
CA ILE H 97 -22.07 1.54 -49.33
C ILE H 97 -21.62 2.99 -49.13
N PRO H 98 -22.55 3.93 -48.87
CA PRO H 98 -22.22 5.36 -48.91
C PRO H 98 -21.67 5.91 -47.59
N PHE H 99 -21.79 5.16 -46.51
CA PHE H 99 -21.49 5.70 -45.16
C PHE H 99 -20.12 5.22 -44.73
N PRO H 100 -19.45 5.96 -43.82
CA PRO H 100 -18.12 5.62 -43.33
C PRO H 100 -18.13 4.35 -42.46
N ILE H 101 -16.96 3.70 -42.44
CA ILE H 101 -16.65 2.57 -41.52
C ILE H 101 -15.41 2.97 -40.71
N ILE H 102 -15.54 2.96 -39.39
CA ILE H 102 -14.40 3.13 -38.46
C ILE H 102 -13.47 1.91 -38.60
N ALA H 103 -12.17 2.17 -38.72
CA ALA H 103 -11.11 1.15 -38.62
C ALA H 103 -10.60 1.16 -37.18
N ASP H 104 -10.71 0.03 -36.48
CA ASP H 104 -10.35 -0.03 -35.03
C ASP H 104 -9.37 -1.15 -34.73
N PRO H 105 -8.21 -1.23 -35.44
CA PRO H 105 -7.26 -2.35 -35.29
C PRO H 105 -6.77 -2.68 -33.86
N GLN H 106 -6.62 -1.74 -32.96
CA GLN H 106 -6.17 -2.20 -31.61
C GLN H 106 -7.38 -2.52 -30.71
N GLY H 107 -8.63 -2.41 -31.18
CA GLY H 107 -9.88 -2.57 -30.39
C GLY H 107 -10.09 -1.42 -29.40
N THR H 108 -9.45 -0.28 -29.64
CA THR H 108 -9.48 0.89 -28.74
C THR H 108 -10.95 1.35 -28.62
N VAL H 109 -11.61 1.61 -29.75
CA VAL H 109 -13.03 2.02 -29.77
C VAL H 109 -13.86 0.83 -29.27
N ALA H 110 -13.53 -0.38 -29.69
CA ALA H 110 -14.30 -1.58 -29.32
C ALA H 110 -14.40 -1.68 -27.80
N ARG H 111 -13.29 -1.53 -27.07
CA ARG H 111 -13.22 -1.66 -25.59
C ARG H 111 -13.97 -0.48 -24.92
N ARG H 112 -13.88 0.72 -25.44
CA ARG H 112 -14.57 1.91 -24.89
C ARG H 112 -16.09 1.69 -24.95
N LEU H 113 -16.60 1.03 -26.00
CA LEU H 113 -18.06 0.85 -26.21
C LEU H 113 -18.55 -0.54 -25.80
N GLY H 114 -17.71 -1.38 -25.20
CA GLY H 114 -18.09 -2.73 -24.72
C GLY H 114 -18.54 -3.63 -25.86
N LEU H 115 -17.86 -3.59 -27.00
CA LEU H 115 -18.26 -4.35 -28.21
C LEU H 115 -17.49 -5.66 -28.29
N LEU H 116 -16.55 -5.90 -27.38
CA LEU H 116 -15.86 -7.22 -27.26
C LEU H 116 -16.55 -8.02 -26.17
N HIS H 117 -17.25 -9.08 -26.59
CA HIS H 117 -18.01 -9.97 -25.71
C HIS H 117 -17.25 -11.30 -25.67
N ALA H 118 -17.75 -12.26 -24.92
CA ALA H 118 -17.07 -13.53 -24.63
C ALA H 118 -17.10 -14.42 -25.87
N GLU H 119 -17.99 -14.16 -26.83
CA GLU H 119 -18.08 -14.92 -28.12
C GLU H 119 -16.78 -14.80 -28.92
N SER H 120 -16.01 -13.73 -28.77
CA SER H 120 -14.74 -13.52 -29.50
C SER H 120 -13.89 -12.49 -28.76
N ALA H 121 -12.64 -12.81 -28.43
CA ALA H 121 -11.71 -11.84 -27.81
C ALA H 121 -11.12 -10.94 -28.90
N THR H 122 -11.34 -11.24 -30.20
CA THR H 122 -10.65 -10.52 -31.32
C THR H 122 -11.63 -9.60 -32.07
N HIS H 123 -12.88 -10.00 -32.28
CA HIS H 123 -13.82 -9.31 -33.19
C HIS H 123 -15.02 -8.80 -32.40
N THR H 124 -15.52 -7.62 -32.74
CA THR H 124 -16.71 -7.04 -32.10
C THR H 124 -17.91 -7.90 -32.46
N VAL H 125 -18.84 -7.98 -31.53
CA VAL H 125 -20.23 -8.43 -31.81
C VAL H 125 -20.89 -7.33 -32.63
N ARG H 126 -22.21 -7.46 -32.80
CA ARG H 126 -23.02 -6.63 -33.70
C ARG H 126 -23.68 -5.58 -32.80
N GLY H 127 -22.90 -4.63 -32.33
CA GLY H 127 -23.38 -3.55 -31.45
C GLY H 127 -24.10 -2.48 -32.24
N VAL H 128 -25.05 -1.80 -31.60
CA VAL H 128 -25.79 -0.65 -32.18
C VAL H 128 -25.89 0.41 -31.08
N PHE H 129 -25.35 1.59 -31.33
CA PHE H 129 -25.47 2.79 -30.51
C PHE H 129 -26.27 3.83 -31.29
N ILE H 130 -27.44 4.18 -30.77
CA ILE H 130 -28.31 5.23 -31.34
C ILE H 130 -28.07 6.51 -30.54
N VAL H 131 -27.53 7.53 -31.22
CA VAL H 131 -27.02 8.78 -30.60
C VAL H 131 -27.80 9.93 -31.21
N ASP H 132 -28.34 10.82 -30.36
CA ASP H 132 -29.20 11.94 -30.78
C ASP H 132 -28.31 13.14 -31.16
N ALA H 133 -28.93 14.25 -31.57
CA ALA H 133 -28.23 15.42 -32.15
C ALA H 133 -27.58 16.23 -31.04
N ARG H 134 -27.76 15.87 -29.77
CA ARG H 134 -27.00 16.50 -28.65
C ARG H 134 -25.82 15.61 -28.28
N GLY H 135 -25.66 14.46 -28.94
CA GLY H 135 -24.57 13.51 -28.66
C GLY H 135 -24.90 12.56 -27.52
N VAL H 136 -26.18 12.38 -27.19
CA VAL H 136 -26.58 11.50 -26.06
C VAL H 136 -26.98 10.12 -26.59
N ILE H 137 -26.48 9.07 -25.93
CA ILE H 137 -26.81 7.64 -26.20
C ILE H 137 -28.26 7.41 -25.78
N ARG H 138 -29.08 6.93 -26.70
CA ARG H 138 -30.55 6.85 -26.53
C ARG H 138 -30.99 5.41 -26.45
N THR H 139 -30.21 4.51 -27.03
CA THR H 139 -30.55 3.07 -27.16
C THR H 139 -29.26 2.33 -27.51
N MET H 140 -29.11 1.14 -26.97
CA MET H 140 -27.97 0.25 -27.25
C MET H 140 -28.50 -1.15 -27.45
N LEU H 141 -28.06 -1.77 -28.54
CA LEU H 141 -28.39 -3.16 -28.91
C LEU H 141 -27.07 -3.92 -29.11
N TYR H 142 -27.03 -5.16 -28.61
CA TYR H 142 -25.90 -6.11 -28.79
C TYR H 142 -26.47 -7.38 -29.41
N TYR H 143 -26.37 -7.51 -30.72
CA TYR H 143 -26.66 -8.77 -31.45
C TYR H 143 -25.37 -9.57 -31.52
N PRO H 144 -25.49 -10.92 -31.62
CA PRO H 144 -24.31 -11.78 -31.66
C PRO H 144 -23.76 -12.01 -33.09
N MET H 145 -22.65 -12.74 -33.18
CA MET H 145 -21.99 -13.10 -34.47
C MET H 145 -23.01 -13.78 -35.39
N GLU H 146 -23.80 -14.70 -34.85
CA GLU H 146 -24.59 -15.70 -35.64
C GLU H 146 -25.92 -15.09 -36.15
N LEU H 147 -26.25 -13.85 -35.78
CA LEU H 147 -27.61 -13.33 -36.02
C LEU H 147 -27.51 -11.90 -36.56
N GLY H 148 -27.90 -11.71 -37.82
CA GLY H 148 -28.08 -10.37 -38.42
C GLY H 148 -29.19 -9.57 -37.74
N ARG H 149 -29.01 -8.27 -37.71
CA ARG H 149 -29.98 -7.29 -37.18
C ARG H 149 -31.16 -7.16 -38.16
N LEU H 150 -32.27 -6.72 -37.59
CA LEU H 150 -33.48 -6.26 -38.29
C LEU H 150 -33.37 -4.75 -38.41
N VAL H 151 -32.89 -4.24 -39.55
CA VAL H 151 -32.56 -2.81 -39.68
C VAL H 151 -33.84 -1.97 -39.60
N ASP H 152 -34.98 -2.49 -40.05
CA ASP H 152 -36.25 -1.71 -39.95
C ASP H 152 -36.57 -1.39 -38.48
N GLU H 153 -36.18 -2.26 -37.54
CA GLU H 153 -36.44 -1.97 -36.11
C GLU H 153 -35.55 -0.80 -35.71
N ILE H 154 -34.34 -0.70 -36.27
CA ILE H 154 -33.44 0.45 -35.96
C ILE H 154 -34.10 1.73 -36.47
N LEU H 155 -34.65 1.73 -37.68
CA LEU H 155 -35.43 2.88 -38.21
C LEU H 155 -36.61 3.18 -37.28
N ARG H 156 -37.37 2.16 -36.89
CA ARG H 156 -38.55 2.34 -35.98
C ARG H 156 -38.07 3.01 -34.68
N ILE H 157 -36.96 2.55 -34.10
CA ILE H 157 -36.44 3.15 -32.84
C ILE H 157 -36.17 4.64 -33.06
N VAL H 158 -35.36 4.99 -34.07
CA VAL H 158 -34.98 6.43 -34.23
C VAL H 158 -36.25 7.25 -34.48
N LYS H 159 -37.16 6.77 -35.31
CA LYS H 159 -38.38 7.51 -35.65
C LYS H 159 -39.21 7.74 -34.37
N ALA H 160 -39.41 6.70 -33.58
CA ALA H 160 -40.22 6.74 -32.34
C ALA H 160 -39.53 7.66 -31.32
N LEU H 161 -38.21 7.56 -31.17
CA LEU H 161 -37.44 8.43 -30.25
C LEU H 161 -37.65 9.89 -30.63
N LYS H 162 -37.46 10.28 -31.89
CA LYS H 162 -37.57 11.67 -32.38
C LYS H 162 -39.00 12.18 -32.20
N LEU H 163 -39.96 11.31 -32.47
CA LEU H 163 -41.40 11.59 -32.31
C LEU H 163 -41.69 11.85 -30.83
N GLY H 164 -41.21 10.97 -29.95
CA GLY H 164 -41.39 11.16 -28.49
C GLY H 164 -40.78 12.48 -28.06
N ASP H 165 -39.56 12.78 -28.49
CA ASP H 165 -38.89 14.07 -28.17
C ASP H 165 -39.72 15.23 -28.73
N SER H 166 -40.24 15.13 -29.97
CA SER H 166 -41.01 16.22 -30.63
C SER H 166 -42.27 16.54 -29.82
N LEU H 167 -43.00 15.52 -29.44
CA LEU H 167 -44.40 15.71 -28.95
C LEU H 167 -44.44 15.54 -27.43
N LYS H 168 -43.28 15.31 -26.81
CA LYS H 168 -43.13 15.19 -25.33
C LYS H 168 -44.01 14.02 -24.90
N ARG H 169 -43.79 12.88 -25.53
CA ARG H 169 -44.58 11.65 -25.29
C ARG H 169 -43.60 10.48 -25.18
N ALA H 170 -44.03 9.47 -24.45
CA ALA H 170 -43.44 8.12 -24.45
C ALA H 170 -44.21 7.27 -25.45
N VAL H 171 -43.55 6.24 -25.97
CA VAL H 171 -44.07 5.41 -27.07
C VAL H 171 -44.36 4.03 -26.53
N PRO H 172 -45.60 3.53 -26.74
CA PRO H 172 -46.00 2.22 -26.23
C PRO H 172 -45.36 1.09 -27.04
N ALA H 173 -45.37 -0.08 -26.43
CA ALA H 173 -44.87 -1.32 -27.05
C ALA H 173 -45.43 -1.42 -28.48
N ASP H 174 -44.60 -1.85 -29.43
CA ASP H 174 -45.08 -2.29 -30.78
C ASP H 174 -45.69 -1.11 -31.55
N TRP H 175 -45.42 0.12 -31.14
CA TRP H 175 -45.94 1.34 -31.80
C TRP H 175 -45.45 1.32 -33.25
N PRO H 176 -46.26 1.75 -34.25
CA PRO H 176 -47.60 2.30 -34.06
C PRO H 176 -48.77 1.32 -34.08
N ASN H 177 -48.51 0.05 -33.81
CA ASN H 177 -49.52 -1.04 -33.79
C ASN H 177 -49.64 -1.58 -32.35
N ASN H 178 -49.70 -0.69 -31.36
CA ASN H 178 -49.84 -1.13 -29.94
C ASN H 178 -51.23 -1.73 -29.71
N GLU H 179 -51.31 -2.85 -28.98
CA GLU H 179 -52.57 -3.64 -28.83
C GLU H 179 -53.59 -2.91 -27.93
N ILE H 180 -53.18 -1.93 -27.13
CA ILE H 180 -54.10 -1.21 -26.20
C ILE H 180 -54.55 0.10 -26.82
N ILE H 181 -53.62 0.93 -27.28
CA ILE H 181 -53.89 2.32 -27.74
C ILE H 181 -53.46 2.55 -29.21
N GLY H 182 -53.08 1.51 -29.94
CA GLY H 182 -52.76 1.60 -31.38
C GLY H 182 -51.58 2.52 -31.65
N GLU H 183 -51.85 3.63 -32.34
CA GLU H 183 -50.85 4.66 -32.70
C GLU H 183 -50.83 5.76 -31.65
N GLY H 184 -51.63 5.63 -30.59
CA GLY H 184 -51.58 6.55 -29.44
C GLY H 184 -50.19 6.63 -28.81
N LEU H 185 -49.86 7.81 -28.30
CA LEU H 185 -48.63 8.10 -27.56
C LEU H 185 -48.98 8.49 -26.12
N ILE H 186 -48.08 8.16 -25.21
CA ILE H 186 -48.33 8.16 -23.74
C ILE H 186 -47.82 9.46 -23.17
N VAL H 187 -48.67 10.11 -22.37
CA VAL H 187 -48.27 11.28 -21.55
C VAL H 187 -47.41 10.72 -20.41
N PRO H 188 -46.17 11.20 -20.20
CA PRO H 188 -45.39 10.77 -19.04
C PRO H 188 -46.21 10.92 -17.76
N PRO H 189 -46.20 9.90 -16.88
CA PRO H 189 -47.07 9.90 -15.72
C PRO H 189 -46.81 11.05 -14.75
N PRO H 190 -47.83 11.41 -13.93
CA PRO H 190 -47.61 12.35 -12.84
C PRO H 190 -46.53 11.78 -11.89
N THR H 191 -45.79 12.66 -11.22
CA THR H 191 -44.73 12.37 -10.22
C THR H 191 -45.18 12.76 -8.80
N THR H 192 -46.36 13.39 -8.63
CA THR H 192 -46.86 13.84 -7.31
C THR H 192 -48.35 13.58 -7.21
N GLU H 193 -48.87 13.47 -5.99
CA GLU H 193 -50.33 13.32 -5.76
C GLU H 193 -51.09 14.51 -6.37
N ASP H 194 -50.63 15.73 -6.14
CA ASP H 194 -51.27 16.95 -6.73
C ASP H 194 -51.35 16.85 -8.27
N GLN H 195 -50.27 16.50 -8.97
CA GLN H 195 -50.32 16.31 -10.45
C GLN H 195 -51.27 15.18 -10.81
N ALA H 196 -51.27 14.07 -10.06
CA ALA H 196 -52.16 12.94 -10.32
C ALA H 196 -53.62 13.42 -10.29
N ARG H 197 -54.01 14.14 -9.23
CA ARG H 197 -55.38 14.71 -9.09
C ARG H 197 -55.66 15.74 -10.19
N ALA H 198 -54.78 16.71 -10.44
CA ALA H 198 -54.93 17.78 -11.45
C ALA H 198 -55.13 17.17 -12.83
N ARG H 199 -54.42 16.07 -13.12
CA ARG H 199 -54.47 15.35 -14.41
C ARG H 199 -55.87 14.77 -14.62
N MET H 200 -56.37 14.03 -13.64
CA MET H 200 -57.65 13.28 -13.76
C MET H 200 -58.82 14.29 -13.88
N GLU H 201 -58.77 15.40 -13.14
CA GLU H 201 -59.86 16.42 -13.09
C GLU H 201 -59.90 17.27 -14.38
N SER H 202 -58.77 17.51 -15.06
CA SER H 202 -58.73 18.30 -16.32
C SER H 202 -59.54 17.59 -17.43
N GLY H 203 -59.66 16.26 -17.37
CA GLY H 203 -60.30 15.42 -18.42
C GLY H 203 -59.65 15.60 -19.78
N GLN H 204 -58.39 16.05 -19.80
CA GLN H 204 -57.64 16.53 -20.99
C GLN H 204 -57.29 15.35 -21.93
N TYR H 205 -57.10 14.14 -21.39
CA TYR H 205 -56.59 12.97 -22.15
C TYR H 205 -57.52 11.78 -21.94
N ARG H 206 -57.50 10.83 -22.86
CA ARG H 206 -57.96 9.45 -22.57
C ARG H 206 -57.05 8.92 -21.44
N SER H 207 -57.64 8.23 -20.48
CA SER H 207 -56.97 7.71 -19.26
C SER H 207 -57.49 6.32 -18.98
N LEU H 208 -56.63 5.39 -18.57
CA LEU H 208 -57.04 4.12 -17.93
C LEU H 208 -56.91 4.31 -16.42
N ASP H 209 -56.08 5.25 -15.96
CA ASP H 209 -55.84 5.56 -14.53
C ASP H 209 -54.99 6.80 -14.56
N TRP H 210 -54.75 7.42 -13.41
CA TRP H 210 -54.02 8.71 -13.32
C TRP H 210 -52.61 8.56 -13.87
N TRP H 211 -52.07 7.35 -13.94
CA TRP H 211 -50.67 7.07 -14.38
C TRP H 211 -50.63 6.62 -15.85
N PHE H 212 -51.78 6.36 -16.48
CA PHE H 212 -51.89 5.82 -17.86
C PHE H 212 -52.86 6.72 -18.65
N SER H 213 -52.33 7.83 -19.14
CA SER H 213 -52.98 8.81 -20.03
C SER H 213 -52.26 8.77 -21.39
N TRP H 214 -52.97 9.07 -22.46
CA TRP H 214 -52.48 9.01 -23.86
C TRP H 214 -53.37 9.85 -24.78
N ASP H 215 -52.84 10.26 -25.91
CA ASP H 215 -53.58 10.99 -26.97
C ASP H 215 -53.01 10.50 -28.31
N THR H 216 -53.39 11.14 -29.42
CA THR H 216 -53.02 10.68 -30.78
C THR H 216 -52.43 11.91 -31.48
N PRO H 217 -51.30 12.44 -30.98
CA PRO H 217 -50.75 13.66 -31.55
C PRO H 217 -49.88 13.39 -32.78
N ALA H 218 -49.58 12.14 -33.12
CA ALA H 218 -48.67 11.84 -34.26
C ALA H 218 -49.43 12.13 -35.57
N SER H 219 -48.78 12.79 -36.53
CA SER H 219 -49.29 12.97 -37.91
C SER H 219 -49.52 11.59 -38.53
N ARG H 220 -50.49 11.49 -39.43
CA ARG H 220 -50.75 10.26 -40.21
C ARG H 220 -49.45 9.86 -40.93
N ASP H 221 -48.66 10.84 -41.37
CA ASP H 221 -47.36 10.59 -42.06
C ASP H 221 -46.40 9.89 -41.09
N ASP H 222 -46.24 10.43 -39.88
CA ASP H 222 -45.37 9.83 -38.83
C ASP H 222 -45.77 8.37 -38.64
N VAL H 223 -47.06 8.12 -38.48
CA VAL H 223 -47.58 6.77 -38.17
C VAL H 223 -47.32 5.82 -39.34
N GLU H 224 -47.61 6.27 -40.56
CA GLU H 224 -47.59 5.35 -41.74
C GLU H 224 -46.12 5.08 -42.14
N GLU H 225 -45.23 6.06 -41.98
CA GLU H 225 -43.75 5.92 -42.20
C GLU H 225 -43.24 4.76 -41.32
N ALA H 226 -43.63 4.78 -40.05
CA ALA H 226 -43.21 3.81 -39.01
C ALA H 226 -43.78 2.43 -39.35
N ARG H 227 -45.04 2.37 -39.77
CA ARG H 227 -45.70 1.10 -40.17
C ARG H 227 -45.01 0.57 -41.42
N ARG H 228 -44.60 1.47 -42.31
CA ARG H 228 -43.92 1.11 -43.59
C ARG H 228 -42.63 0.36 -43.26
N TYR H 229 -41.85 0.81 -42.28
CA TYR H 229 -40.60 0.11 -41.86
C TYR H 229 -40.94 -1.35 -41.56
N LEU H 230 -42.00 -1.56 -40.77
CA LEU H 230 -42.37 -2.92 -40.30
C LEU H 230 -42.95 -3.73 -41.46
N ARG H 231 -43.75 -3.12 -42.32
CA ARG H 231 -44.30 -3.86 -43.48
C ARG H 231 -43.13 -4.31 -44.36
N ARG H 232 -42.11 -3.47 -44.53
CA ARG H 232 -40.93 -3.86 -45.34
C ARG H 232 -40.25 -5.03 -44.63
N ALA H 233 -40.10 -4.96 -43.30
CA ALA H 233 -39.47 -6.06 -42.53
C ALA H 233 -40.25 -7.35 -42.77
N ALA H 234 -41.58 -7.24 -42.88
CA ALA H 234 -42.50 -8.40 -42.96
C ALA H 234 -42.65 -8.94 -44.40
N GLU H 235 -42.37 -8.15 -45.44
CA GLU H 235 -42.58 -8.50 -46.87
C GLU H 235 -41.42 -9.35 -47.38
N LYS H 236 -41.76 -10.48 -47.99
CA LYS H 236 -40.76 -11.31 -48.72
C LYS H 236 -40.32 -10.47 -49.92
N PRO H 237 -39.00 -10.36 -50.22
CA PRO H 237 -38.53 -9.45 -51.26
C PRO H 237 -39.02 -9.89 -52.66
N ALA H 238 -39.38 -8.91 -53.50
CA ALA H 238 -39.80 -9.09 -54.91
C ALA H 238 -38.72 -9.86 -55.69
N LYS H 239 -37.44 -9.48 -55.51
CA LYS H 239 -36.26 -9.97 -56.26
C LYS H 239 -35.06 -10.17 -55.30
N LEU H 240 -34.51 -11.39 -55.22
CA LEU H 240 -33.29 -11.66 -54.40
C LEU H 240 -32.03 -11.22 -55.17
N LEU H 241 -31.18 -10.40 -54.54
CA LEU H 241 -30.01 -9.75 -55.19
C LEU H 241 -28.94 -10.78 -55.56
N TYR H 242 -28.93 -11.99 -55.00
CA TYR H 242 -27.94 -13.03 -55.38
C TYR H 242 -28.17 -13.42 -56.85
N GLU H 243 -29.43 -13.38 -57.31
CA GLU H 243 -29.86 -13.75 -58.69
C GLU H 243 -29.04 -12.96 -59.71
N GLU H 244 -28.79 -11.67 -59.44
CA GLU H 244 -28.24 -10.67 -60.40
C GLU H 244 -26.71 -10.57 -60.28
N ALA H 245 -26.05 -11.55 -59.64
CA ALA H 245 -24.58 -11.69 -59.57
C ALA H 245 -24.12 -12.65 -60.68
N PRO I 2 25.96 7.20 1.95
CA PRO I 2 25.19 6.66 0.82
C PRO I 2 25.91 5.58 -0.02
N GLY I 3 26.23 4.44 0.60
CA GLY I 3 26.63 3.18 -0.05
C GLY I 3 26.67 2.01 0.93
N SER I 4 26.21 0.82 0.50
CA SER I 4 26.14 -0.43 1.32
C SER I 4 27.49 -1.18 1.22
N ILE I 5 27.75 -2.10 2.16
CA ILE I 5 28.98 -2.95 2.18
C ILE I 5 28.68 -4.23 2.95
N PRO I 6 29.51 -5.28 2.80
CA PRO I 6 29.53 -6.39 3.76
C PRO I 6 30.46 -5.92 4.89
N LEU I 7 30.53 -6.68 5.99
CA LEU I 7 31.17 -6.18 7.23
C LEU I 7 32.15 -7.20 7.75
N ILE I 8 33.16 -6.73 8.49
CA ILE I 8 34.11 -7.57 9.26
C ILE I 8 33.30 -8.52 10.14
N GLY I 9 33.68 -9.81 10.18
CA GLY I 9 32.95 -10.87 10.89
C GLY I 9 31.86 -11.49 10.05
N GLU I 10 31.42 -10.87 8.96
CA GLU I 10 30.43 -11.48 8.04
C GLU I 10 31.18 -12.47 7.13
N ARG I 11 30.54 -13.57 6.78
CA ARG I 11 31.03 -14.44 5.68
C ARG I 11 31.08 -13.59 4.40
N PHE I 12 32.15 -13.73 3.63
CA PHE I 12 32.27 -13.09 2.30
C PHE I 12 31.06 -13.51 1.49
N PRO I 13 30.34 -12.61 0.82
CA PRO I 13 29.08 -13.01 0.18
C PRO I 13 29.29 -14.06 -0.92
N GLU I 14 28.46 -15.11 -0.95
CA GLU I 14 28.47 -16.15 -2.02
C GLU I 14 28.31 -15.49 -3.39
N MET I 15 29.23 -15.72 -4.31
CA MET I 15 29.08 -15.17 -5.67
C MET I 15 29.97 -15.99 -6.61
N GLU I 16 29.50 -16.16 -7.83
CA GLU I 16 30.29 -16.70 -8.95
C GLU I 16 30.90 -15.49 -9.65
N VAL I 17 32.19 -15.55 -9.92
CA VAL I 17 32.91 -14.43 -10.60
C VAL I 17 33.68 -15.04 -11.76
N THR I 18 33.79 -14.27 -12.83
CA THR I 18 34.60 -14.59 -14.02
C THR I 18 35.94 -13.89 -13.84
N THR I 19 37.03 -14.65 -13.93
CA THR I 19 38.40 -14.14 -13.84
C THR I 19 39.09 -14.50 -15.15
N ASP I 20 40.26 -13.94 -15.37
CA ASP I 20 41.12 -14.33 -16.53
C ASP I 20 41.76 -15.71 -16.29
N HIS I 21 41.49 -16.39 -15.18
CA HIS I 21 41.88 -17.83 -14.98
C HIS I 21 40.65 -18.74 -15.11
N GLY I 22 39.44 -18.21 -15.15
CA GLY I 22 38.23 -19.04 -15.24
C GLY I 22 37.16 -18.52 -14.30
N VAL I 23 36.06 -19.24 -14.24
CA VAL I 23 34.90 -18.97 -13.34
C VAL I 23 35.21 -19.66 -12.01
N ILE I 24 35.05 -18.95 -10.89
CA ILE I 24 35.17 -19.57 -9.55
C ILE I 24 34.02 -19.04 -8.71
N LYS I 25 33.70 -19.76 -7.64
CA LYS I 25 32.72 -19.35 -6.65
C LYS I 25 33.54 -18.74 -5.49
N LEU I 26 33.20 -17.56 -4.98
CA LEU I 26 33.82 -17.02 -3.74
C LEU I 26 32.80 -17.15 -2.63
N PRO I 27 33.22 -17.37 -1.37
CA PRO I 27 34.61 -17.59 -1.02
C PRO I 27 35.06 -19.05 -1.19
N ASP I 28 34.15 -19.88 -1.71
CA ASP I 28 34.22 -21.36 -1.61
C ASP I 28 35.52 -21.82 -2.24
N HIS I 29 35.90 -21.23 -3.39
CA HIS I 29 37.10 -21.64 -4.13
C HIS I 29 38.33 -21.65 -3.21
N TYR I 30 38.42 -20.71 -2.27
CA TYR I 30 39.63 -20.60 -1.41
C TYR I 30 39.42 -21.39 -0.10
N VAL I 31 38.22 -21.31 0.48
CA VAL I 31 37.81 -22.07 1.69
C VAL I 31 38.12 -23.56 1.48
N SER I 32 37.69 -24.12 0.34
CA SER I 32 38.00 -25.49 -0.15
C SER I 32 39.46 -25.84 0.05
N GLN I 33 40.38 -24.92 -0.29
CA GLN I 33 41.84 -25.16 -0.26
C GLN I 33 42.40 -24.76 1.12
N GLY I 34 41.56 -24.31 2.04
CA GLY I 34 42.04 -23.79 3.34
C GLY I 34 42.94 -22.56 3.17
N LYS I 35 42.74 -21.78 2.10
CA LYS I 35 43.52 -20.54 1.85
C LYS I 35 42.73 -19.31 2.29
N TRP I 36 43.42 -18.32 2.82
CA TRP I 36 42.95 -16.93 2.87
C TRP I 36 42.97 -16.35 1.45
N PHE I 37 42.21 -15.31 1.19
CA PHE I 37 42.48 -14.49 -0.01
C PHE I 37 42.39 -13.02 0.31
N VAL I 38 43.19 -12.23 -0.41
CA VAL I 38 43.04 -10.76 -0.50
C VAL I 38 42.43 -10.46 -1.85
N LEU I 39 41.19 -10.01 -1.82
CA LEU I 39 40.50 -9.48 -2.99
C LEU I 39 40.73 -7.97 -2.94
N PHE I 40 41.34 -7.42 -3.98
CA PHE I 40 41.56 -5.97 -4.12
C PHE I 40 41.05 -5.55 -5.51
N SER I 41 40.60 -4.29 -5.59
CA SER I 41 40.01 -3.69 -6.81
C SER I 41 40.92 -2.56 -7.29
N HIS I 42 40.83 -2.24 -8.58
CA HIS I 42 41.51 -1.09 -9.20
C HIS I 42 40.53 -0.52 -10.22
N PRO I 43 40.60 0.81 -10.49
CA PRO I 43 39.63 1.48 -11.36
C PRO I 43 39.55 0.88 -12.77
N ALA I 44 40.70 0.70 -13.40
CA ALA I 44 40.75 0.20 -14.80
C ALA I 44 42.12 -0.35 -15.12
N ASP I 45 42.13 -1.30 -16.03
CA ASP I 45 43.35 -1.79 -16.70
C ASP I 45 43.96 -0.63 -17.50
N PHE I 46 45.28 -0.69 -17.71
CA PHE I 46 46.02 0.36 -18.44
C PHE I 46 45.84 1.70 -17.75
N THR I 47 45.86 1.68 -16.41
CA THR I 47 46.02 2.88 -15.56
C THR I 47 47.32 2.73 -14.79
N PRO I 48 48.05 3.85 -14.63
CA PRO I 48 49.40 3.83 -14.07
C PRO I 48 49.52 3.46 -12.58
N VAL I 49 48.74 4.09 -11.69
CA VAL I 49 48.80 3.72 -10.25
C VAL I 49 48.44 2.24 -10.11
N SER I 50 47.38 1.79 -10.78
CA SER I 50 46.92 0.38 -10.77
C SER I 50 48.05 -0.54 -11.22
N THR I 51 48.73 -0.18 -12.31
CA THR I 51 49.93 -0.95 -12.81
C THR I 51 50.99 -1.04 -11.71
N THR I 52 51.29 0.04 -10.98
CA THR I 52 52.33 0.00 -9.93
C THR I 52 51.88 -0.96 -8.83
N GLU I 53 50.59 -1.02 -8.56
CA GLU I 53 50.06 -1.86 -7.46
C GLU I 53 50.17 -3.32 -7.88
N PHE I 54 49.82 -3.65 -9.12
CA PHE I 54 49.91 -5.05 -9.63
C PHE I 54 51.36 -5.50 -9.54
N VAL I 55 52.31 -4.64 -9.91
CA VAL I 55 53.74 -5.00 -9.85
C VAL I 55 54.13 -5.22 -8.38
N SER I 56 53.64 -4.39 -7.46
CA SER I 56 53.97 -4.51 -6.02
C SER I 56 53.44 -5.82 -5.43
N PHE I 57 52.19 -6.17 -5.76
CA PHE I 57 51.55 -7.45 -5.37
C PHE I 57 52.38 -8.61 -5.96
N ALA I 58 52.80 -8.52 -7.23
CA ALA I 58 53.55 -9.59 -7.92
C ALA I 58 54.88 -9.79 -7.20
N ARG I 59 55.56 -8.71 -6.80
CA ARG I 59 56.84 -8.80 -6.05
C ARG I 59 56.61 -9.59 -4.75
N ARG I 60 55.45 -9.40 -4.13
CA ARG I 60 55.14 -9.88 -2.77
C ARG I 60 54.38 -11.21 -2.83
N TYR I 61 54.23 -11.80 -4.01
CA TYR I 61 53.36 -12.98 -4.24
C TYR I 61 53.88 -14.17 -3.44
N GLU I 62 55.19 -14.39 -3.46
CA GLU I 62 55.89 -15.41 -2.63
C GLU I 62 55.62 -15.19 -1.15
N ASP I 63 55.71 -13.93 -0.69
CA ASP I 63 55.41 -13.60 0.73
C ASP I 63 53.97 -13.98 1.05
N PHE I 64 53.02 -13.64 0.19
CA PHE I 64 51.58 -13.96 0.41
C PHE I 64 51.37 -15.50 0.43
N GLN I 65 51.96 -16.21 -0.53
CA GLN I 65 51.84 -17.70 -0.66
C GLN I 65 52.35 -18.38 0.63
N ARG I 66 53.45 -17.90 1.21
CA ARG I 66 54.07 -18.49 2.42
C ARG I 66 53.11 -18.38 3.60
N LEU I 67 52.18 -17.41 3.59
CA LEU I 67 51.16 -17.25 4.65
C LEU I 67 49.88 -18.01 4.33
N GLY I 68 49.86 -18.75 3.22
CA GLY I 68 48.61 -19.41 2.82
C GLY I 68 47.59 -18.39 2.31
N VAL I 69 48.06 -17.32 1.66
CA VAL I 69 47.15 -16.25 1.16
C VAL I 69 47.22 -16.17 -0.35
N ASP I 70 46.09 -16.35 -1.00
CA ASP I 70 45.99 -16.17 -2.47
C ASP I 70 45.56 -14.73 -2.73
N LEU I 71 45.84 -14.23 -3.93
CA LEU I 71 45.53 -12.85 -4.36
C LEU I 71 44.51 -12.92 -5.48
N ILE I 72 43.53 -12.02 -5.47
CA ILE I 72 42.58 -11.92 -6.60
C ILE I 72 42.22 -10.43 -6.81
N GLY I 73 42.45 -9.94 -8.03
CA GLY I 73 42.11 -8.57 -8.45
C GLY I 73 40.69 -8.46 -8.97
N LEU I 74 40.26 -7.24 -9.27
CA LEU I 74 38.87 -6.89 -9.66
C LEU I 74 38.90 -5.51 -10.33
N SER I 75 38.41 -5.43 -11.55
CA SER I 75 38.00 -4.15 -12.18
C SER I 75 36.78 -4.41 -13.05
N VAL I 76 36.14 -3.35 -13.53
CA VAL I 76 34.93 -3.43 -14.39
C VAL I 76 35.38 -3.73 -15.82
N ASP I 77 36.66 -3.95 -16.07
CA ASP I 77 37.16 -4.31 -17.42
C ASP I 77 36.84 -5.78 -17.70
N SER I 78 36.87 -6.13 -18.98
CA SER I 78 36.67 -7.50 -19.54
C SER I 78 37.93 -8.37 -19.35
N VAL I 79 37.76 -9.69 -19.38
CA VAL I 79 38.86 -10.68 -19.32
C VAL I 79 39.91 -10.33 -20.38
N CYS I 80 39.48 -9.98 -21.59
CA CYS I 80 40.36 -9.73 -22.75
C CYS I 80 41.32 -8.59 -22.39
N SER I 81 40.79 -7.51 -21.81
CA SER I 81 41.60 -6.37 -21.36
C SER I 81 42.57 -6.84 -20.29
N HIS I 82 42.13 -7.70 -19.37
CA HIS I 82 43.00 -8.18 -18.27
C HIS I 82 44.21 -8.87 -18.91
N ILE I 83 43.97 -9.74 -19.90
CA ILE I 83 45.04 -10.54 -20.53
C ILE I 83 45.96 -9.59 -21.30
N LYS I 84 45.44 -8.62 -22.04
CA LYS I 84 46.29 -7.64 -22.78
C LYS I 84 47.12 -6.80 -21.81
N TRP I 85 46.55 -6.42 -20.67
CA TRP I 85 47.24 -5.59 -19.68
C TRP I 85 48.37 -6.42 -19.07
N LYS I 86 48.09 -7.66 -18.67
CA LYS I 86 49.15 -8.55 -18.11
C LYS I 86 50.25 -8.71 -19.14
N GLU I 87 49.88 -8.83 -20.43
CA GLU I 87 50.88 -8.97 -21.52
C GLU I 87 51.75 -7.71 -21.54
N TRP I 88 51.11 -6.56 -21.44
CA TRP I 88 51.78 -5.25 -21.46
C TRP I 88 52.77 -5.16 -20.30
N ILE I 89 52.35 -5.53 -19.08
CA ILE I 89 53.24 -5.50 -17.88
C ILE I 89 54.44 -6.46 -18.05
N GLU I 90 54.26 -7.66 -18.59
CA GLU I 90 55.37 -8.63 -18.78
C GLU I 90 56.36 -8.06 -19.80
N ARG I 91 55.85 -7.53 -20.90
CA ARG I 91 56.66 -7.05 -22.05
C ARG I 91 57.41 -5.77 -21.65
N HIS I 92 56.78 -4.81 -20.99
CA HIS I 92 57.34 -3.45 -20.77
C HIS I 92 57.99 -3.31 -19.39
N ILE I 93 57.57 -4.08 -18.38
CA ILE I 93 58.12 -3.95 -16.99
C ILE I 93 58.91 -5.23 -16.63
N GLY I 94 58.69 -6.33 -17.35
CA GLY I 94 59.42 -7.60 -17.16
C GLY I 94 58.90 -8.36 -15.96
N VAL I 95 57.65 -8.14 -15.59
CA VAL I 95 57.01 -8.71 -14.38
C VAL I 95 55.78 -9.51 -14.82
N ARG I 96 55.75 -10.78 -14.50
CA ARG I 96 54.58 -11.66 -14.75
C ARG I 96 53.63 -11.50 -13.54
N ILE I 97 52.36 -11.21 -13.79
CA ILE I 97 51.28 -11.21 -12.78
C ILE I 97 50.69 -12.61 -12.70
N PRO I 98 51.01 -13.38 -11.65
CA PRO I 98 50.61 -14.78 -11.59
C PRO I 98 49.18 -14.98 -11.09
N PHE I 99 48.53 -13.97 -10.51
CA PHE I 99 47.23 -14.19 -9.84
C PHE I 99 46.10 -13.72 -10.75
N PRO I 100 44.87 -14.20 -10.52
CA PRO I 100 43.75 -13.80 -11.35
C PRO I 100 43.18 -12.41 -11.04
N ILE I 101 42.47 -11.89 -12.04
CA ILE I 101 41.74 -10.62 -11.96
C ILE I 101 40.30 -10.94 -12.34
N ILE I 102 39.37 -10.61 -11.46
CA ILE I 102 37.91 -10.62 -11.76
C ILE I 102 37.61 -9.57 -12.83
N ALA I 103 36.80 -9.96 -13.81
CA ALA I 103 36.18 -9.05 -14.81
C ALA I 103 34.76 -8.80 -14.35
N ASP I 104 34.41 -7.55 -14.07
CA ASP I 104 33.09 -7.17 -13.49
C ASP I 104 32.45 -6.08 -14.35
N PRO I 105 32.29 -6.26 -15.69
CA PRO I 105 31.83 -5.18 -16.55
C PRO I 105 30.50 -4.53 -16.13
N GLN I 106 29.58 -5.22 -15.47
CA GLN I 106 28.30 -4.54 -15.16
C GLN I 106 28.36 -3.94 -13.74
N GLY I 107 29.49 -4.07 -13.05
CA GLY I 107 29.65 -3.61 -11.66
C GLY I 107 28.84 -4.41 -10.67
N THR I 108 28.44 -5.64 -11.00
CA THR I 108 27.68 -6.52 -10.07
C THR I 108 28.49 -6.73 -8.79
N VAL I 109 29.74 -7.17 -8.93
CA VAL I 109 30.59 -7.52 -7.75
C VAL I 109 30.90 -6.22 -7.02
N ALA I 110 31.21 -5.15 -7.76
CA ALA I 110 31.62 -3.84 -7.23
C ALA I 110 30.52 -3.33 -6.27
N ARG I 111 29.24 -3.39 -6.70
CA ARG I 111 28.10 -2.88 -5.91
C ARG I 111 27.86 -3.78 -4.69
N ARG I 112 28.01 -5.08 -4.83
CA ARG I 112 27.90 -5.99 -3.65
C ARG I 112 28.98 -5.65 -2.61
N LEU I 113 30.18 -5.24 -3.00
CA LEU I 113 31.31 -5.01 -2.03
C LEU I 113 31.48 -3.50 -1.73
N GLY I 114 30.56 -2.66 -2.21
CA GLY I 114 30.59 -1.20 -1.99
C GLY I 114 31.87 -0.58 -2.53
N LEU I 115 32.33 -1.04 -3.71
CA LEU I 115 33.60 -0.55 -4.30
C LEU I 115 33.37 0.65 -5.23
N LEU I 116 32.12 1.11 -5.37
CA LEU I 116 31.76 2.29 -6.19
C LEU I 116 31.50 3.45 -5.23
N HIS I 117 32.46 4.36 -5.11
CA HIS I 117 32.37 5.54 -4.21
C HIS I 117 32.03 6.78 -5.04
N ALA I 118 31.90 7.94 -4.39
CA ALA I 118 31.51 9.21 -5.05
C ALA I 118 32.59 9.62 -6.05
N GLU I 119 33.84 9.27 -5.80
CA GLU I 119 34.96 9.67 -6.69
C GLU I 119 34.76 9.20 -8.15
N SER I 120 33.98 8.16 -8.42
CA SER I 120 33.70 7.69 -9.80
C SER I 120 32.44 6.83 -9.81
N ALA I 121 31.47 7.16 -10.68
CA ALA I 121 30.23 6.38 -10.86
C ALA I 121 30.52 5.08 -11.64
N THR I 122 31.62 5.01 -12.39
CA THR I 122 31.86 3.95 -13.41
C THR I 122 32.98 3.01 -12.99
N HIS I 123 33.95 3.47 -12.17
CA HIS I 123 35.20 2.77 -11.83
C HIS I 123 35.33 2.63 -10.31
N THR I 124 35.77 1.45 -9.92
CA THR I 124 35.97 0.96 -8.56
C THR I 124 37.10 1.82 -7.94
N VAL I 125 37.00 2.14 -6.66
CA VAL I 125 38.18 2.61 -5.88
C VAL I 125 39.09 1.41 -5.60
N ARG I 126 40.10 1.63 -4.76
CA ARG I 126 41.18 0.69 -4.43
C ARG I 126 40.80 -0.02 -3.13
N GLY I 127 39.76 -0.86 -3.21
CA GLY I 127 39.26 -1.67 -2.10
C GLY I 127 40.20 -2.83 -1.79
N VAL I 128 40.19 -3.26 -0.54
CA VAL I 128 40.92 -4.47 -0.10
C VAL I 128 40.01 -5.20 0.87
N PHE I 129 39.66 -6.45 0.55
CA PHE I 129 38.98 -7.40 1.45
C PHE I 129 39.96 -8.49 1.80
N ILE I 130 40.24 -8.65 3.10
CA ILE I 130 41.10 -9.74 3.62
C ILE I 130 40.16 -10.79 4.20
N VAL I 131 40.14 -11.95 3.58
CA VAL I 131 39.17 -13.03 3.89
C VAL I 131 39.95 -14.24 4.38
N ASP I 132 39.58 -14.81 5.54
CA ASP I 132 40.31 -15.96 6.15
C ASP I 132 39.83 -17.28 5.51
N ALA I 133 40.40 -18.40 5.94
CA ALA I 133 40.16 -19.74 5.36
C ALA I 133 38.75 -20.23 5.75
N ARG I 134 38.05 -19.54 6.65
CA ARG I 134 36.60 -19.81 6.91
C ARG I 134 35.70 -18.97 5.99
N GLY I 135 36.29 -18.15 5.13
CA GLY I 135 35.54 -17.29 4.20
C GLY I 135 34.98 -16.09 4.93
N VAL I 136 35.56 -15.72 6.07
CA VAL I 136 35.05 -14.59 6.92
C VAL I 136 35.87 -13.33 6.60
N ILE I 137 35.21 -12.20 6.43
CA ILE I 137 35.91 -10.91 6.17
C ILE I 137 36.60 -10.46 7.45
N ARG I 138 37.91 -10.22 7.40
CA ARG I 138 38.72 -9.93 8.62
C ARG I 138 39.14 -8.45 8.68
N THR I 139 39.27 -7.79 7.52
CA THR I 139 39.71 -6.37 7.41
C THR I 139 39.23 -5.85 6.06
N MET I 140 38.92 -4.55 5.97
CA MET I 140 38.49 -3.88 4.72
C MET I 140 39.16 -2.51 4.65
N LEU I 141 39.82 -2.23 3.54
CA LEU I 141 40.49 -0.94 3.28
C LEU I 141 39.88 -0.36 2.01
N TYR I 142 39.64 0.93 2.01
CA TYR I 142 39.18 1.66 0.81
C TYR I 142 40.19 2.78 0.54
N TYR I 143 41.12 2.56 -0.38
CA TYR I 143 42.05 3.60 -0.85
C TYR I 143 41.39 4.28 -2.04
N PRO I 144 41.72 5.56 -2.30
CA PRO I 144 41.13 6.27 -3.42
C PRO I 144 41.90 6.09 -4.76
N MET I 145 41.35 6.68 -5.83
CA MET I 145 41.97 6.72 -7.18
C MET I 145 43.41 7.22 -7.10
N GLU I 146 43.64 8.30 -6.36
CA GLU I 146 44.86 9.13 -6.49
C GLU I 146 46.01 8.58 -5.65
N LEU I 147 45.76 7.53 -4.84
CA LEU I 147 46.73 7.01 -3.84
C LEU I 147 46.89 5.49 -3.96
N GLY I 148 48.06 5.03 -4.42
CA GLY I 148 48.53 3.63 -4.34
C GLY I 148 48.61 3.12 -2.90
N ARG I 149 48.24 1.87 -2.71
CA ARG I 149 48.29 1.13 -1.43
C ARG I 149 49.75 0.87 -1.04
N LEU I 150 49.97 0.62 0.25
CA LEU I 150 51.29 0.16 0.78
C LEU I 150 51.14 -1.35 0.98
N VAL I 151 51.65 -2.17 0.06
CA VAL I 151 51.26 -3.60 0.01
C VAL I 151 51.87 -4.32 1.21
N ASP I 152 52.99 -3.83 1.73
CA ASP I 152 53.63 -4.43 2.93
C ASP I 152 52.69 -4.34 4.15
N GLU I 153 51.79 -3.37 4.20
CA GLU I 153 50.82 -3.27 5.32
C GLU I 153 49.75 -4.36 5.18
N ILE I 154 49.41 -4.75 3.95
CA ILE I 154 48.44 -5.88 3.71
C ILE I 154 49.09 -7.17 4.20
N LEU I 155 50.38 -7.38 3.91
CA LEU I 155 51.14 -8.55 4.41
C LEU I 155 51.18 -8.50 5.93
N ARG I 156 51.49 -7.33 6.50
CA ARG I 156 51.56 -7.19 7.97
C ARG I 156 50.19 -7.52 8.58
N ILE I 157 49.08 -7.06 7.98
CA ILE I 157 47.72 -7.33 8.53
C ILE I 157 47.46 -8.84 8.53
N VAL I 158 47.70 -9.50 7.40
CA VAL I 158 47.48 -10.96 7.28
C VAL I 158 48.36 -11.71 8.28
N LYS I 159 49.65 -11.38 8.33
CA LYS I 159 50.60 -12.05 9.25
C LYS I 159 50.08 -11.91 10.69
N ALA I 160 49.72 -10.70 11.09
CA ALA I 160 49.31 -10.38 12.48
C ALA I 160 47.98 -11.09 12.80
N LEU I 161 47.04 -11.10 11.88
CA LEU I 161 45.72 -11.74 12.09
C LEU I 161 45.92 -13.25 12.32
N LYS I 162 46.72 -13.90 11.47
CA LYS I 162 47.03 -15.34 11.58
C LYS I 162 47.76 -15.65 12.89
N LEU I 163 48.70 -14.81 13.29
CA LEU I 163 49.42 -14.97 14.58
C LEU I 163 48.41 -14.85 15.73
N GLY I 164 47.54 -13.84 15.69
CA GLY I 164 46.52 -13.62 16.74
C GLY I 164 45.55 -14.80 16.80
N ASP I 165 45.12 -15.33 15.66
CA ASP I 165 44.20 -16.50 15.60
C ASP I 165 44.89 -17.72 16.23
N SER I 166 46.14 -18.00 15.86
CA SER I 166 46.83 -19.22 16.33
C SER I 166 47.25 -19.07 17.80
N LEU I 167 47.65 -17.87 18.26
CA LEU I 167 48.14 -17.70 19.66
C LEU I 167 46.98 -17.23 20.57
N LYS I 168 45.79 -16.93 20.06
CA LYS I 168 44.66 -16.42 20.87
C LYS I 168 45.14 -15.12 21.56
N ARG I 169 45.68 -14.21 20.77
CA ARG I 169 46.15 -12.91 21.26
C ARG I 169 45.59 -11.82 20.37
N ALA I 170 45.51 -10.62 20.92
CA ALA I 170 45.28 -9.40 20.14
C ALA I 170 46.65 -8.77 19.90
N VAL I 171 46.71 -7.89 18.90
CA VAL I 171 47.99 -7.35 18.34
C VAL I 171 47.98 -5.84 18.58
N PRO I 172 49.02 -5.33 19.28
CA PRO I 172 49.09 -3.90 19.59
C PRO I 172 49.36 -3.07 18.33
N ALA I 173 49.05 -1.78 18.44
CA ALA I 173 49.44 -0.75 17.44
C ALA I 173 50.88 -1.00 16.99
N ASP I 174 51.12 -0.97 15.68
CA ASP I 174 52.49 -0.88 15.10
C ASP I 174 53.28 -2.16 15.37
N TRP I 175 52.63 -3.24 15.78
CA TRP I 175 53.30 -4.56 15.96
C TRP I 175 54.03 -4.91 14.65
N PRO I 176 55.28 -5.45 14.68
CA PRO I 176 55.96 -5.87 15.90
C PRO I 176 56.86 -4.85 16.62
N ASN I 177 56.65 -3.56 16.36
CA ASN I 177 57.45 -2.45 16.93
C ASN I 177 56.54 -1.58 17.79
N ASN I 178 55.68 -2.19 18.60
CA ASN I 178 54.76 -1.40 19.45
C ASN I 178 55.64 -0.66 20.48
N GLU I 179 55.34 0.61 20.76
CA GLU I 179 56.18 1.48 21.62
C GLU I 179 56.09 1.00 23.08
N ILE I 180 54.95 0.44 23.50
CA ILE I 180 54.74 0.04 24.93
C ILE I 180 55.30 -1.36 25.15
N ILE I 181 54.97 -2.33 24.28
CA ILE I 181 55.26 -3.76 24.59
C ILE I 181 56.04 -4.42 23.45
N GLY I 182 56.56 -3.65 22.50
CA GLY I 182 57.45 -4.18 21.43
C GLY I 182 56.74 -5.23 20.61
N GLU I 183 57.27 -6.45 20.59
CA GLU I 183 56.74 -7.58 19.79
C GLU I 183 55.81 -8.40 20.70
N GLY I 184 55.53 -7.87 21.88
CA GLY I 184 54.47 -8.38 22.77
C GLY I 184 53.11 -8.48 22.09
N LEU I 185 52.32 -9.47 22.52
CA LEU I 185 50.94 -9.70 22.07
C LEU I 185 50.04 -9.62 23.29
N ILE I 186 48.81 -9.19 23.09
CA ILE I 186 47.90 -8.80 24.21
C ILE I 186 46.94 -9.95 24.53
N VAL I 187 46.78 -10.26 25.80
CA VAL I 187 45.76 -11.22 26.30
C VAL I 187 44.42 -10.51 26.22
N PRO I 188 43.36 -11.07 25.58
CA PRO I 188 42.06 -10.42 25.57
C PRO I 188 41.64 -10.11 27.00
N PRO I 189 41.06 -8.93 27.32
CA PRO I 189 40.78 -8.60 28.71
C PRO I 189 39.69 -9.45 29.36
N PRO I 190 39.69 -9.53 30.71
CA PRO I 190 38.60 -10.15 31.47
C PRO I 190 37.28 -9.47 31.12
N THR I 191 36.17 -10.21 31.18
CA THR I 191 34.77 -9.82 30.87
C THR I 191 33.94 -9.78 32.16
N THR I 192 34.51 -10.17 33.30
CA THR I 192 33.80 -10.17 34.61
C THR I 192 34.76 -9.77 35.73
N GLU I 193 34.19 -9.31 36.84
CA GLU I 193 34.94 -8.94 38.07
C GLU I 193 35.74 -10.14 38.58
N ASP I 194 35.15 -11.33 38.66
CA ASP I 194 35.86 -12.57 39.11
C ASP I 194 37.07 -12.78 38.19
N GLN I 195 36.88 -12.75 36.87
CA GLN I 195 37.96 -12.98 35.89
C GLN I 195 39.06 -11.93 36.10
N ALA I 196 38.69 -10.67 36.32
CA ALA I 196 39.62 -9.55 36.54
C ALA I 196 40.46 -9.80 37.81
N ARG I 197 39.81 -10.19 38.91
CA ARG I 197 40.48 -10.50 40.21
C ARG I 197 41.42 -11.70 39.98
N ALA I 198 40.93 -12.79 39.38
CA ALA I 198 41.67 -14.06 39.16
C ALA I 198 42.92 -13.82 38.31
N ARG I 199 42.81 -13.03 37.24
CA ARG I 199 43.95 -12.73 36.34
C ARG I 199 45.03 -11.98 37.12
N MET I 200 44.63 -10.97 37.91
CA MET I 200 45.57 -10.10 38.66
C MET I 200 46.30 -10.85 39.81
N GLU I 201 45.70 -11.86 40.42
CA GLU I 201 46.39 -12.55 41.56
C GLU I 201 47.03 -13.85 41.07
N SER I 202 47.01 -14.12 39.76
CA SER I 202 47.69 -15.29 39.15
C SER I 202 49.16 -14.98 38.91
N GLY I 203 49.51 -13.70 38.66
CA GLY I 203 50.87 -13.27 38.27
C GLY I 203 51.38 -13.98 37.01
N GLN I 204 50.51 -14.66 36.27
CA GLN I 204 50.80 -15.37 34.99
C GLN I 204 51.41 -14.38 33.95
N TYR I 205 50.86 -13.18 33.77
CA TYR I 205 51.18 -12.31 32.61
C TYR I 205 51.81 -11.01 33.10
N ARG I 206 52.68 -10.39 32.30
CA ARG I 206 53.02 -8.95 32.52
C ARG I 206 51.74 -8.13 32.31
N SER I 207 51.46 -7.19 33.21
CA SER I 207 50.20 -6.40 33.32
C SER I 207 50.55 -4.94 33.61
N LEU I 208 49.77 -4.02 33.05
CA LEU I 208 49.66 -2.60 33.46
C LEU I 208 48.41 -2.43 34.34
N ASP I 209 47.42 -3.30 34.18
CA ASP I 209 46.16 -3.29 34.95
C ASP I 209 45.45 -4.59 34.59
N TRP I 210 44.30 -4.87 35.19
CA TRP I 210 43.58 -6.15 35.01
C TRP I 210 43.15 -6.33 33.55
N TRP I 211 43.04 -5.24 32.80
CA TRP I 211 42.45 -5.25 31.43
C TRP I 211 43.58 -5.16 30.39
N PHE I 212 44.83 -5.13 30.84
CA PHE I 212 46.01 -4.88 29.97
C PHE I 212 47.13 -5.83 30.39
N SER I 213 47.05 -7.06 29.91
CA SER I 213 48.04 -8.14 30.14
C SER I 213 48.63 -8.54 28.79
N TRP I 214 49.92 -8.86 28.75
CA TRP I 214 50.56 -9.25 27.47
C TRP I 214 51.64 -10.28 27.74
N ASP I 215 52.08 -10.97 26.70
CA ASP I 215 53.28 -11.85 26.77
C ASP I 215 53.98 -11.75 25.42
N THR I 216 55.02 -12.56 25.21
CA THR I 216 55.84 -12.56 23.98
C THR I 216 55.86 -13.96 23.40
N PRO I 217 54.72 -14.52 22.95
CA PRO I 217 54.64 -15.91 22.52
C PRO I 217 54.90 -16.11 21.03
N ALA I 218 55.06 -15.03 20.24
CA ALA I 218 55.37 -15.14 18.80
C ALA I 218 56.81 -15.67 18.64
N SER I 219 57.04 -16.62 17.75
CA SER I 219 58.39 -17.11 17.37
C SER I 219 59.23 -15.94 16.84
N ARG I 220 60.55 -16.02 17.00
CA ARG I 220 61.52 -15.06 16.39
C ARG I 220 61.34 -15.07 14.87
N ASP I 221 61.04 -16.22 14.26
CA ASP I 221 60.81 -16.29 12.79
C ASP I 221 59.58 -15.45 12.43
N ASP I 222 58.52 -15.51 13.22
CA ASP I 222 57.23 -14.84 12.93
C ASP I 222 57.42 -13.33 13.10
N VAL I 223 58.11 -12.94 14.16
CA VAL I 223 58.44 -11.52 14.40
C VAL I 223 59.37 -11.01 13.29
N GLU I 224 60.40 -11.76 12.90
CA GLU I 224 61.37 -11.28 11.88
C GLU I 224 60.68 -11.19 10.51
N GLU I 225 59.75 -12.09 10.20
CA GLU I 225 59.01 -12.04 8.91
C GLU I 225 58.22 -10.72 8.85
N ALA I 226 57.49 -10.37 9.91
CA ALA I 226 56.67 -9.13 9.99
C ALA I 226 57.57 -7.90 9.85
N ARG I 227 58.72 -7.92 10.50
CA ARG I 227 59.71 -6.81 10.52
C ARG I 227 60.33 -6.66 9.12
N ARG I 228 60.56 -7.77 8.40
CA ARG I 228 61.10 -7.69 7.01
C ARG I 228 60.13 -6.89 6.13
N TYR I 229 58.81 -7.08 6.25
CA TYR I 229 57.78 -6.42 5.41
C TYR I 229 57.93 -4.91 5.58
N LEU I 230 58.02 -4.47 6.83
CA LEU I 230 58.13 -3.04 7.17
C LEU I 230 59.49 -2.49 6.71
N ARG I 231 60.58 -3.27 6.79
CA ARG I 231 61.90 -2.78 6.31
C ARG I 231 61.87 -2.53 4.81
N ARG I 232 61.27 -3.47 4.06
CA ARG I 232 61.07 -3.31 2.61
C ARG I 232 60.25 -2.05 2.35
N ALA I 233 59.12 -1.83 3.05
CA ALA I 233 58.28 -0.62 2.88
C ALA I 233 59.16 0.63 3.04
N ALA I 234 60.11 0.60 3.98
CA ALA I 234 60.92 1.75 4.41
C ALA I 234 62.18 1.97 3.53
N GLU I 235 62.69 0.96 2.84
CA GLU I 235 63.97 1.02 2.05
C GLU I 235 63.70 1.57 0.64
N LYS I 236 64.46 2.55 0.17
CA LYS I 236 64.33 2.99 -1.24
C LYS I 236 64.91 1.89 -2.12
N PRO I 237 64.27 1.49 -3.24
CA PRO I 237 64.61 0.21 -3.87
C PRO I 237 66.04 0.26 -4.42
N ALA I 238 66.67 -0.91 -4.60
CA ALA I 238 68.04 -1.04 -5.18
C ALA I 238 68.03 -0.52 -6.63
N LYS I 239 67.26 -1.18 -7.51
CA LYS I 239 67.04 -0.78 -8.93
C LYS I 239 65.58 -0.33 -9.10
N LEU I 240 65.36 0.72 -9.89
CA LEU I 240 64.02 1.09 -10.39
C LEU I 240 63.75 0.30 -11.70
N LEU I 241 62.56 -0.27 -11.86
CA LEU I 241 62.19 -1.13 -13.02
C LEU I 241 61.93 -0.29 -14.29
N TYR I 242 61.67 1.01 -14.19
CA TYR I 242 61.51 1.86 -15.41
C TYR I 242 62.84 1.94 -16.18
N GLU I 243 63.99 1.71 -15.51
CA GLU I 243 65.34 1.65 -16.13
C GLU I 243 65.56 0.29 -16.79
N GLU I 244 65.39 -0.81 -16.05
CA GLU I 244 65.40 -2.21 -16.56
C GLU I 244 64.74 -2.25 -17.96
N ALA I 245 63.64 -1.50 -18.14
CA ALA I 245 62.98 -1.17 -19.43
C ALA I 245 63.94 -0.36 -20.32
N PRO J 2 24.97 -7.29 5.95
CA PRO J 2 25.64 -6.06 5.46
C PRO J 2 25.33 -4.81 6.32
N GLY J 3 25.85 -3.64 5.92
CA GLY J 3 25.69 -2.32 6.58
C GLY J 3 26.06 -1.18 5.63
N SER J 4 25.71 0.06 5.96
CA SER J 4 25.90 1.25 5.07
C SER J 4 27.12 2.07 5.49
N ILE J 5 27.74 2.79 4.55
CA ILE J 5 28.91 3.68 4.81
C ILE J 5 28.77 4.97 4.01
N PRO J 6 29.42 6.06 4.45
CA PRO J 6 29.65 7.20 3.59
C PRO J 6 30.77 6.75 2.64
N LEU J 7 31.06 7.53 1.60
CA LEU J 7 31.96 7.02 0.54
C LEU J 7 33.04 8.05 0.26
N ILE J 8 34.18 7.55 -0.24
CA ILE J 8 35.29 8.40 -0.72
C ILE J 8 34.70 9.35 -1.75
N GLY J 9 35.03 10.64 -1.61
CA GLY J 9 34.57 11.74 -2.46
C GLY J 9 33.25 12.34 -1.98
N GLU J 10 32.55 11.73 -1.01
CA GLU J 10 31.34 12.36 -0.38
C GLU J 10 31.85 13.34 0.68
N ARG J 11 31.05 14.37 0.95
CA ARG J 11 31.27 15.28 2.09
C ARG J 11 31.09 14.43 3.35
N PHE J 12 31.98 14.54 4.34
CA PHE J 12 31.79 13.85 5.65
C PHE J 12 30.40 14.25 6.17
N PRO J 13 29.53 13.32 6.58
CA PRO J 13 28.16 13.68 6.98
C PRO J 13 28.16 14.77 8.06
N GLU J 14 27.35 15.80 7.85
CA GLU J 14 27.06 16.91 8.80
C GLU J 14 26.50 16.34 10.12
N MET J 15 27.17 16.57 11.24
CA MET J 15 26.65 16.04 12.55
C MET J 15 27.27 16.88 13.69
N GLU J 16 26.52 17.05 14.78
CA GLU J 16 27.06 17.58 16.06
C GLU J 16 27.52 16.38 16.88
N VAL J 17 28.70 16.42 17.46
CA VAL J 17 29.16 15.30 18.32
C VAL J 17 29.66 15.88 19.64
N THR J 18 29.45 15.12 20.70
CA THR J 18 29.90 15.43 22.07
C THR J 18 31.27 14.78 22.25
N THR J 19 32.30 15.57 22.49
CA THR J 19 33.67 15.09 22.75
C THR J 19 34.03 15.46 24.18
N ASP J 20 35.21 15.01 24.62
CA ASP J 20 35.72 15.30 25.97
C ASP J 20 36.37 16.69 25.96
N HIS J 21 36.36 17.41 24.83
CA HIS J 21 36.80 18.83 24.68
C HIS J 21 35.59 19.75 24.48
N GLY J 22 34.38 19.19 24.41
CA GLY J 22 33.16 19.98 24.15
C GLY J 22 32.43 19.48 22.93
N VAL J 23 31.35 20.17 22.58
CA VAL J 23 30.47 19.84 21.45
C VAL J 23 31.09 20.51 20.21
N ILE J 24 31.23 19.76 19.13
CA ILE J 24 31.64 20.34 17.82
C ILE J 24 30.73 19.81 16.72
N LYS J 25 30.66 20.57 15.64
CA LYS J 25 30.00 20.16 14.39
C LYS J 25 31.10 19.60 13.49
N LEU J 26 30.87 18.43 12.91
CA LEU J 26 31.77 17.87 11.88
C LEU J 26 31.07 17.99 10.53
N PRO J 27 31.81 18.25 9.43
CA PRO J 27 33.24 18.55 9.49
C PRO J 27 33.58 20.02 9.76
N ASP J 28 32.56 20.87 9.97
CA ASP J 28 32.73 22.36 9.93
C ASP J 28 33.85 22.78 10.87
N HIS J 29 33.86 22.21 12.08
CA HIS J 29 34.86 22.56 13.11
C HIS J 29 36.25 22.57 12.50
N TYR J 30 36.57 21.63 11.59
CA TYR J 30 37.95 21.52 11.00
C TYR J 30 38.05 22.29 9.67
N VAL J 31 37.01 22.26 8.83
CA VAL J 31 36.92 23.03 7.55
C VAL J 31 37.22 24.52 7.82
N SER J 32 36.55 25.11 8.80
CA SER J 32 36.69 26.55 9.13
C SER J 32 38.11 26.88 9.61
N GLN J 33 38.93 25.93 10.08
CA GLN J 33 40.35 26.22 10.44
C GLN J 33 41.28 25.87 9.27
N GLY J 34 40.75 25.47 8.11
CA GLY J 34 41.56 24.92 6.99
C GLY J 34 42.33 23.66 7.38
N LYS J 35 41.80 22.85 8.31
CA LYS J 35 42.51 21.65 8.79
C LYS J 35 41.86 20.38 8.21
N TRP J 36 42.70 19.43 7.83
CA TRP J 36 42.28 18.02 7.62
C TRP J 36 42.00 17.43 9.00
N PHE J 37 41.22 16.37 9.07
CA PHE J 37 41.22 15.56 10.29
C PHE J 37 41.16 14.07 9.96
N VAL J 38 41.66 13.30 10.91
CA VAL J 38 41.55 11.84 10.94
C VAL J 38 40.60 11.51 12.09
N LEU J 39 39.44 11.00 11.74
CA LEU J 39 38.49 10.42 12.70
C LEU J 39 38.73 8.91 12.75
N PHE J 40 38.98 8.41 13.94
CA PHE J 40 39.30 6.98 14.16
C PHE J 40 38.47 6.51 15.36
N SER J 41 38.08 5.23 15.34
CA SER J 41 37.18 4.61 16.33
C SER J 41 37.96 3.52 17.07
N HIS J 42 37.49 3.18 18.25
CA HIS J 42 38.01 2.06 19.05
C HIS J 42 36.82 1.47 19.80
N PRO J 43 36.85 0.17 20.12
CA PRO J 43 35.69 -0.50 20.71
C PRO J 43 35.24 0.09 22.03
N ALA J 44 36.18 0.30 22.94
CA ALA J 44 35.88 0.74 24.32
C ALA J 44 37.14 1.30 24.99
N ASP J 45 36.91 2.25 25.89
CA ASP J 45 37.95 2.77 26.81
C ASP J 45 38.38 1.62 27.71
N PHE J 46 39.59 1.74 28.26
CA PHE J 46 40.18 0.72 29.16
C PHE J 46 40.21 -0.64 28.46
N THR J 47 40.63 -0.62 27.19
CA THR J 47 40.94 -1.84 26.41
C THR J 47 42.35 -1.69 25.92
N PRO J 48 43.12 -2.79 25.94
CA PRO J 48 44.56 -2.73 25.72
C PRO J 48 44.99 -2.36 24.28
N VAL J 49 44.48 -3.00 23.23
CA VAL J 49 44.89 -2.58 21.85
C VAL J 49 44.55 -1.11 21.65
N SER J 50 43.33 -0.70 22.01
CA SER J 50 42.88 0.71 21.90
C SER J 50 43.92 1.63 22.60
N THR J 51 44.38 1.24 23.78
CA THR J 51 45.36 2.02 24.59
C THR J 51 46.66 2.13 23.80
N THR J 52 47.16 1.03 23.22
CA THR J 52 48.40 1.07 22.41
C THR J 52 48.19 2.06 21.26
N GLU J 53 47.01 2.11 20.67
CA GLU J 53 46.76 2.97 19.48
C GLU J 53 46.70 4.45 19.89
N PHE J 54 46.07 4.78 21.01
CA PHE J 54 46.05 6.18 21.52
C PHE J 54 47.49 6.65 21.77
N VAL J 55 48.32 5.80 22.33
CA VAL J 55 49.72 6.16 22.65
C VAL J 55 50.48 6.39 21.36
N SER J 56 50.24 5.57 20.35
CA SER J 56 50.90 5.69 19.02
C SER J 56 50.50 7.00 18.35
N PHE J 57 49.21 7.31 18.34
CA PHE J 57 48.66 8.58 17.79
C PHE J 57 49.29 9.78 18.53
N ALA J 58 49.38 9.72 19.87
CA ALA J 58 49.88 10.81 20.73
C ALA J 58 51.35 11.07 20.39
N ARG J 59 52.13 10.00 20.26
CA ARG J 59 53.55 10.04 19.84
C ARG J 59 53.71 10.68 18.47
N ARG J 60 52.78 10.43 17.55
CA ARG J 60 52.78 11.02 16.18
C ARG J 60 51.97 12.32 16.10
N TYR J 61 51.49 12.86 17.22
CA TYR J 61 50.61 14.05 17.22
C TYR J 61 51.27 15.23 16.48
N GLU J 62 52.55 15.50 16.78
CA GLU J 62 53.28 16.64 16.17
C GLU J 62 53.51 16.33 14.68
N ASP J 63 53.79 15.08 14.31
CA ASP J 63 53.83 14.73 12.86
C ASP J 63 52.52 15.12 12.17
N PHE J 64 51.37 14.86 12.78
CA PHE J 64 50.06 15.22 12.18
C PHE J 64 49.91 16.75 12.15
N GLN J 65 50.21 17.40 13.28
CA GLN J 65 50.08 18.88 13.44
C GLN J 65 50.86 19.59 12.31
N ARG J 66 52.07 19.13 12.01
CA ARG J 66 52.99 19.69 10.98
C ARG J 66 52.35 19.64 9.60
N LEU J 67 51.54 18.61 9.32
CA LEU J 67 50.77 18.47 8.05
C LEU J 67 49.48 19.29 8.08
N GLY J 68 49.07 19.89 9.20
CA GLY J 68 47.76 20.57 9.31
C GLY J 68 46.62 19.54 9.43
N VAL J 69 46.86 18.48 10.19
CA VAL J 69 45.87 17.39 10.41
C VAL J 69 45.56 17.31 11.89
N ASP J 70 44.28 17.35 12.21
CA ASP J 70 43.79 17.14 13.58
C ASP J 70 43.36 15.67 13.70
N LEU J 71 43.35 15.21 14.95
CA LEU J 71 42.96 13.84 15.35
C LEU J 71 41.69 13.91 16.21
N ILE J 72 40.78 12.98 15.99
CA ILE J 72 39.57 12.92 16.83
C ILE J 72 39.16 11.45 16.91
N GLY J 73 39.07 10.95 18.13
CA GLY J 73 38.66 9.56 18.43
C GLY J 73 37.15 9.43 18.56
N LEU J 74 36.68 8.20 18.72
CA LEU J 74 35.25 7.81 18.77
C LEU J 74 35.19 6.46 19.49
N SER J 75 34.40 6.38 20.55
CA SER J 75 33.91 5.10 21.10
C SER J 75 32.48 5.30 21.60
N VAL J 76 31.82 4.22 21.98
CA VAL J 76 30.42 4.26 22.52
C VAL J 76 30.49 4.64 24.02
N ASP J 77 31.67 4.83 24.58
CA ASP J 77 31.80 5.31 25.99
C ASP J 77 31.42 6.79 26.13
N SER J 78 31.07 7.14 27.36
CA SER J 78 30.73 8.49 27.83
C SER J 78 32.00 9.34 27.95
N VAL J 79 31.80 10.63 28.02
CA VAL J 79 32.88 11.63 28.23
C VAL J 79 33.61 11.33 29.53
N CYS J 80 32.89 11.01 30.61
CA CYS J 80 33.54 10.81 31.94
C CYS J 80 34.51 9.65 31.81
N SER J 81 34.09 8.58 31.13
CA SER J 81 34.95 7.42 30.85
C SER J 81 36.17 7.87 30.04
N HIS J 82 36.00 8.69 29.01
CA HIS J 82 37.10 9.16 28.15
C HIS J 82 38.13 9.88 29.04
N ILE J 83 37.66 10.69 30.00
CA ILE J 83 38.56 11.54 30.84
C ILE J 83 39.30 10.63 31.81
N LYS J 84 38.60 9.70 32.46
CA LYS J 84 39.21 8.74 33.42
C LYS J 84 40.24 7.88 32.69
N TRP J 85 39.98 7.52 31.42
CA TRP J 85 40.90 6.65 30.63
C TRP J 85 42.16 7.44 30.30
N LYS J 86 41.98 8.67 29.83
CA LYS J 86 43.13 9.55 29.56
C LYS J 86 43.94 9.77 30.83
N GLU J 87 43.30 9.98 31.98
CA GLU J 87 44.06 10.16 33.27
C GLU J 87 44.88 8.90 33.55
N TRP J 88 44.28 7.72 33.38
CA TRP J 88 44.96 6.41 33.54
C TRP J 88 46.19 6.34 32.62
N ILE J 89 46.04 6.65 31.34
CA ILE J 89 47.17 6.56 30.36
C ILE J 89 48.28 7.54 30.78
N GLU J 90 47.93 8.77 31.20
CA GLU J 90 48.91 9.78 31.69
C GLU J 90 49.66 9.23 32.91
N ARG J 91 48.95 8.74 33.93
CA ARG J 91 49.57 8.27 35.19
C ARG J 91 50.40 7.00 34.92
N HIS J 92 49.85 6.00 34.22
CA HIS J 92 50.44 4.64 34.15
C HIS J 92 51.42 4.51 32.97
N ILE J 93 51.24 5.25 31.88
CA ILE J 93 52.12 5.14 30.68
C ILE J 93 52.96 6.40 30.56
N GLY J 94 52.56 7.51 31.20
CA GLY J 94 53.32 8.78 31.21
C GLY J 94 53.15 9.54 29.91
N VAL J 95 52.08 9.26 29.16
CA VAL J 95 51.75 9.91 27.86
C VAL J 95 50.42 10.66 28.02
N ARG J 96 50.39 11.93 27.64
CA ARG J 96 49.15 12.73 27.63
C ARG J 96 48.53 12.57 26.25
N ILE J 97 47.24 12.28 26.21
CA ILE J 97 46.44 12.26 24.96
C ILE J 97 45.91 13.66 24.74
N PRO J 98 46.50 14.41 23.78
CA PRO J 98 46.10 15.80 23.56
C PRO J 98 44.81 16.02 22.75
N PHE J 99 44.29 15.02 22.04
CA PHE J 99 43.19 15.24 21.07
C PHE J 99 41.87 14.77 21.68
N PRO J 100 40.74 15.26 21.15
CA PRO J 100 39.43 14.84 21.63
C PRO J 100 38.99 13.43 21.20
N ILE J 101 38.19 12.82 22.06
CA ILE J 101 37.47 11.56 21.79
C ILE J 101 35.97 11.86 21.82
N ILE J 102 35.29 11.51 20.73
CA ILE J 102 33.81 11.55 20.65
C ILE J 102 33.28 10.48 21.58
N ALA J 103 32.21 10.82 22.30
CA ALA J 103 31.39 9.90 23.11
C ALA J 103 30.13 9.55 22.31
N ASP J 104 29.90 8.28 21.98
CA ASP J 104 28.79 7.85 21.09
C ASP J 104 27.95 6.77 21.76
N PRO J 105 27.35 7.04 22.94
CA PRO J 105 26.64 6.02 23.70
C PRO J 105 25.45 5.31 23.01
N GLN J 106 24.68 5.94 22.13
CA GLN J 106 23.59 5.15 21.46
C GLN J 106 24.06 4.64 20.09
N GLY J 107 25.36 4.67 19.82
CA GLY J 107 25.96 4.28 18.52
C GLY J 107 25.43 5.06 17.34
N THR J 108 24.97 6.30 17.54
CA THR J 108 24.35 7.15 16.49
C THR J 108 25.41 7.47 15.42
N VAL J 109 26.56 8.03 15.85
CA VAL J 109 27.68 8.35 14.94
C VAL J 109 28.18 7.04 14.31
N ALA J 110 28.34 5.98 15.12
CA ALA J 110 28.84 4.67 14.67
C ALA J 110 27.99 4.14 13.51
N ARG J 111 26.66 4.19 13.62
CA ARG J 111 25.77 3.63 12.57
C ARG J 111 25.89 4.49 11.30
N ARG J 112 26.01 5.80 11.44
CA ARG J 112 26.17 6.75 10.33
C ARG J 112 27.48 6.48 9.55
N LEU J 113 28.55 6.01 10.21
CA LEU J 113 29.89 5.83 9.58
C LEU J 113 30.18 4.35 9.31
N GLY J 114 29.19 3.49 9.57
CA GLY J 114 29.29 2.04 9.37
C GLY J 114 30.41 1.45 10.21
N LEU J 115 30.52 1.89 11.46
CA LEU J 115 31.61 1.47 12.36
C LEU J 115 31.13 0.28 13.20
N LEU J 116 29.85 -0.12 13.07
CA LEU J 116 29.35 -1.32 13.78
C LEU J 116 29.34 -2.49 12.79
N HIS J 117 30.30 -3.40 12.93
CA HIS J 117 30.44 -4.57 12.05
C HIS J 117 29.89 -5.78 12.79
N ALA J 118 30.06 -6.98 12.24
CA ALA J 118 29.42 -8.21 12.73
C ALA J 118 30.22 -8.76 13.92
N GLU J 119 31.50 -8.36 14.06
CA GLU J 119 32.35 -8.78 15.19
C GLU J 119 31.75 -8.34 16.53
N SER J 120 30.95 -7.28 16.55
CA SER J 120 30.34 -6.77 17.80
C SER J 120 29.09 -5.95 17.45
N ALA J 121 27.96 -6.32 18.03
CA ALA J 121 26.72 -5.52 17.98
C ALA J 121 26.87 -4.26 18.86
N THR J 122 27.82 -4.22 19.82
CA THR J 122 27.81 -3.17 20.87
C THR J 122 28.95 -2.16 20.72
N HIS J 123 30.08 -2.52 20.12
CA HIS J 123 31.29 -1.67 20.09
C HIS J 123 31.77 -1.50 18.65
N THR J 124 32.34 -0.33 18.36
CA THR J 124 32.84 -0.04 17.01
C THR J 124 34.07 -0.91 16.74
N VAL J 125 34.33 -1.17 15.47
CA VAL J 125 35.66 -1.67 15.03
C VAL J 125 36.64 -0.47 14.99
N ARG J 126 37.83 -0.69 14.43
CA ARG J 126 38.94 0.30 14.37
C ARG J 126 38.85 1.00 13.02
N GLY J 127 37.83 1.83 12.87
CA GLY J 127 37.60 2.64 11.67
C GLY J 127 38.56 3.81 11.58
N VAL J 128 38.85 4.24 10.36
CA VAL J 128 39.69 5.44 10.10
C VAL J 128 39.06 6.15 8.92
N PHE J 129 38.63 7.40 9.13
CA PHE J 129 38.18 8.37 8.11
C PHE J 129 39.20 9.49 7.99
N ILE J 130 39.78 9.61 6.81
CA ILE J 130 40.70 10.73 6.49
C ILE J 130 39.88 11.74 5.70
N VAL J 131 39.72 12.93 6.28
CA VAL J 131 38.82 14.00 5.76
C VAL J 131 39.69 15.22 5.46
N ASP J 132 39.56 15.78 4.27
CA ASP J 132 40.38 16.94 3.85
C ASP J 132 39.75 18.26 4.36
N ALA J 133 40.42 19.37 4.10
CA ALA J 133 40.08 20.73 4.57
C ALA J 133 38.77 21.20 3.91
N ARG J 134 38.29 20.51 2.87
CA ARG J 134 36.99 20.81 2.21
C ARG J 134 35.90 19.96 2.85
N GLY J 135 36.24 19.16 3.86
CA GLY J 135 35.34 18.21 4.52
C GLY J 135 35.02 16.99 3.67
N VAL J 136 35.87 16.62 2.71
CA VAL J 136 35.63 15.46 1.81
C VAL J 136 36.38 14.24 2.35
N ILE J 137 35.69 13.10 2.44
CA ILE J 137 36.27 11.78 2.82
C ILE J 137 37.24 11.36 1.71
N ARG J 138 38.51 11.12 2.06
CA ARG J 138 39.60 10.86 1.09
C ARG J 138 39.99 9.39 1.13
N THR J 139 39.76 8.71 2.27
CA THR J 139 40.22 7.31 2.53
C THR J 139 39.46 6.82 3.75
N MET J 140 39.14 5.52 3.74
CA MET J 140 38.42 4.86 4.84
C MET J 140 39.11 3.53 5.11
N LEU J 141 39.47 3.29 6.36
CA LEU J 141 40.08 1.99 6.76
C LEU J 141 39.16 1.36 7.81
N TYR J 142 38.97 0.05 7.70
CA TYR J 142 38.27 -0.71 8.77
C TYR J 142 39.18 -1.83 9.25
N TYR J 143 39.88 -1.59 10.38
CA TYR J 143 40.67 -2.64 11.07
C TYR J 143 39.71 -3.30 12.05
N PRO J 144 39.96 -4.57 12.45
CA PRO J 144 39.08 -5.26 13.37
C PRO J 144 39.51 -5.06 14.84
N MET J 145 38.76 -5.67 15.75
CA MET J 145 39.03 -5.69 17.20
C MET J 145 40.44 -6.17 17.50
N GLU J 146 40.85 -7.27 16.87
CA GLU J 146 42.02 -8.09 17.30
C GLU J 146 43.34 -7.52 16.74
N LEU J 147 43.31 -6.44 15.93
CA LEU J 147 44.49 -5.92 15.18
C LEU J 147 44.61 -4.40 15.35
N GLY J 148 45.68 -3.95 16.02
CA GLY J 148 46.07 -2.52 16.11
C GLY J 148 46.46 -1.98 14.75
N ARG J 149 46.16 -0.70 14.51
CA ARG J 149 46.56 0.04 13.30
C ARG J 149 48.08 0.23 13.25
N LEU J 150 48.58 0.45 12.04
CA LEU J 150 49.95 0.98 11.80
C LEU J 150 49.80 2.48 11.53
N VAL J 151 50.00 3.30 12.55
CA VAL J 151 49.64 4.74 12.48
C VAL J 151 50.56 5.45 11.47
N ASP J 152 51.78 4.97 11.27
CA ASP J 152 52.69 5.50 10.24
C ASP J 152 52.07 5.37 8.84
N GLU J 153 51.20 4.38 8.58
CA GLU J 153 50.55 4.27 7.27
C GLU J 153 49.48 5.37 7.18
N ILE J 154 48.84 5.73 8.29
CA ILE J 154 47.86 6.87 8.30
C ILE J 154 48.61 8.17 7.97
N LEU J 155 49.77 8.42 8.59
CA LEU J 155 50.64 9.58 8.23
C LEU J 155 51.03 9.52 6.74
N ARG J 156 51.51 8.38 6.26
CA ARG J 156 51.91 8.25 4.85
C ARG J 156 50.69 8.62 3.97
N ILE J 157 49.49 8.18 4.32
CA ILE J 157 48.29 8.43 3.49
C ILE J 157 48.07 9.95 3.41
N VAL J 158 47.99 10.64 4.54
CA VAL J 158 47.66 12.10 4.56
C VAL J 158 48.78 12.86 3.85
N LYS J 159 50.03 12.52 4.11
CA LYS J 159 51.17 13.19 3.45
C LYS J 159 51.03 13.08 1.92
N ALA J 160 50.82 11.88 1.40
CA ALA J 160 50.79 11.59 -0.05
C ALA J 160 49.51 12.16 -0.69
N LEU J 161 48.39 12.15 -0.01
CA LEU J 161 47.15 12.79 -0.53
C LEU J 161 47.41 14.30 -0.69
N LYS J 162 47.93 14.95 0.35
CA LYS J 162 48.23 16.41 0.34
C LYS J 162 49.22 16.73 -0.78
N LEU J 163 50.26 15.90 -0.94
CA LEU J 163 51.27 16.02 -2.01
C LEU J 163 50.61 15.89 -3.36
N GLY J 164 49.69 14.92 -3.51
CA GLY J 164 48.97 14.67 -4.76
C GLY J 164 48.09 15.86 -5.10
N ASP J 165 47.44 16.43 -4.10
CA ASP J 165 46.55 17.62 -4.29
C ASP J 165 47.42 18.82 -4.68
N SER J 166 48.54 19.05 -4.02
CA SER J 166 49.35 20.28 -4.22
C SER J 166 50.15 20.20 -5.53
N LEU J 167 50.55 19.02 -5.99
CA LEU J 167 51.31 18.86 -7.26
C LEU J 167 50.43 18.33 -8.39
N LYS J 168 49.13 18.11 -8.17
CA LYS J 168 48.22 17.59 -9.24
C LYS J 168 48.81 16.26 -9.79
N ARG J 169 49.14 15.33 -8.89
CA ARG J 169 49.69 14.02 -9.27
C ARG J 169 48.97 12.90 -8.52
N ALA J 170 49.04 11.71 -9.09
CA ALA J 170 48.63 10.46 -8.42
C ALA J 170 49.90 9.83 -7.85
N VAL J 171 49.75 8.98 -6.84
CA VAL J 171 50.90 8.47 -6.04
C VAL J 171 51.01 6.98 -6.27
N PRO J 172 52.18 6.47 -6.71
CA PRO J 172 52.31 5.07 -7.04
C PRO J 172 52.29 4.26 -5.75
N ALA J 173 52.06 2.96 -5.90
CA ALA J 173 52.16 1.95 -4.84
C ALA J 173 53.44 2.20 -4.04
N ASP J 174 53.36 2.19 -2.72
CA ASP J 174 54.54 2.00 -1.82
C ASP J 174 55.35 3.31 -1.80
N TRP J 175 54.81 4.39 -2.35
CA TRP J 175 55.51 5.68 -2.42
C TRP J 175 55.94 6.07 -1.01
N PRO J 176 57.14 6.64 -0.79
CA PRO J 176 58.05 7.04 -1.85
C PRO J 176 59.12 6.01 -2.26
N ASN J 177 58.84 4.73 -2.07
CA ASN J 177 59.79 3.63 -2.36
C ASN J 177 59.16 2.73 -3.41
N ASN J 178 58.57 3.31 -4.45
CA ASN J 178 57.87 2.53 -5.49
C ASN J 178 58.93 1.78 -6.28
N GLU J 179 58.72 0.52 -6.62
CA GLU J 179 59.77 -0.31 -7.26
C GLU J 179 59.99 0.11 -8.73
N ILE J 180 58.98 0.71 -9.38
CA ILE J 180 59.08 1.13 -10.81
C ILE J 180 59.69 2.53 -10.91
N ILE J 181 59.16 3.52 -10.20
CA ILE J 181 59.56 4.95 -10.39
C ILE J 181 60.07 5.58 -9.09
N GLY J 182 60.25 4.79 -8.02
CA GLY J 182 60.84 5.29 -6.76
C GLY J 182 59.96 6.34 -6.10
N GLU J 183 60.48 7.56 -5.95
CA GLU J 183 59.75 8.70 -5.32
C GLU J 183 59.04 9.52 -6.41
N GLY J 184 59.14 9.10 -7.66
CA GLY J 184 58.32 9.68 -8.75
C GLY J 184 56.82 9.70 -8.43
N LEU J 185 56.13 10.65 -9.05
CA LEU J 185 54.67 10.82 -8.98
C LEU J 185 54.08 10.79 -10.38
N ILE J 186 52.83 10.39 -10.47
CA ILE J 186 52.20 9.96 -11.75
C ILE J 186 51.32 11.08 -12.28
N VAL J 187 51.41 11.36 -13.57
CA VAL J 187 50.54 12.34 -14.26
C VAL J 187 49.22 11.66 -14.52
N PRO J 188 48.06 12.23 -14.14
CA PRO J 188 46.80 11.57 -14.47
C PRO J 188 46.80 11.22 -15.96
N PRO J 189 46.31 10.05 -16.37
CA PRO J 189 46.39 9.66 -17.78
C PRO J 189 45.46 10.47 -18.70
N PRO J 190 45.78 10.53 -20.01
CA PRO J 190 44.87 11.12 -20.99
C PRO J 190 43.51 10.42 -20.99
N THR J 191 42.47 11.17 -21.37
CA THR J 191 41.07 10.70 -21.43
C THR J 191 40.54 10.75 -22.88
N THR J 192 41.37 11.10 -23.88
CA THR J 192 40.96 11.15 -25.30
C THR J 192 42.13 10.70 -26.16
N GLU J 193 41.87 10.28 -27.40
CA GLU J 193 42.95 9.91 -28.36
C GLU J 193 43.83 11.13 -28.65
N ASP J 194 43.24 12.32 -28.78
CA ASP J 194 43.99 13.57 -29.06
C ASP J 194 44.90 13.85 -27.84
N GLN J 195 44.37 13.80 -26.61
CA GLN J 195 45.25 14.03 -25.44
C GLN J 195 46.37 12.99 -25.44
N ALA J 196 46.08 11.73 -25.75
CA ALA J 196 47.10 10.64 -25.73
C ALA J 196 48.20 10.95 -26.75
N ARG J 197 47.81 11.36 -27.96
CA ARG J 197 48.81 11.60 -29.04
C ARG J 197 49.66 12.81 -28.63
N ALA J 198 49.01 13.89 -28.17
CA ALA J 198 49.70 15.14 -27.81
C ALA J 198 50.74 14.83 -26.73
N ARG J 199 50.37 13.99 -25.75
CA ARG J 199 51.23 13.59 -24.61
C ARG J 199 52.42 12.79 -25.13
N MET J 200 52.20 11.89 -26.07
CA MET J 200 53.31 11.10 -26.65
C MET J 200 54.13 11.95 -27.63
N GLU J 201 53.64 13.11 -28.07
CA GLU J 201 54.37 13.95 -29.07
C GLU J 201 55.16 15.07 -28.36
N SER J 202 54.71 15.55 -27.19
CA SER J 202 55.59 16.31 -26.26
C SER J 202 56.55 15.28 -25.65
N GLY J 203 57.81 15.65 -25.41
CA GLY J 203 58.73 14.84 -24.60
C GLY J 203 58.74 15.33 -23.16
N GLN J 204 57.61 15.89 -22.70
CA GLN J 204 57.47 16.61 -21.41
C GLN J 204 57.78 15.67 -20.22
N TYR J 205 57.27 14.43 -20.24
CA TYR J 205 57.35 13.50 -19.09
C TYR J 205 58.10 12.23 -19.47
N ARG J 206 58.77 11.59 -18.50
CA ARG J 206 59.19 10.17 -18.62
C ARG J 206 57.94 9.31 -18.77
N SER J 207 57.94 8.31 -19.66
CA SER J 207 56.71 7.57 -20.09
C SER J 207 57.05 6.10 -20.28
N LEU J 208 56.13 5.19 -19.93
CA LEU J 208 56.21 3.76 -20.32
C LEU J 208 55.22 3.52 -21.46
N ASP J 209 54.22 4.39 -21.57
CA ASP J 209 53.17 4.37 -22.63
C ASP J 209 52.39 5.68 -22.47
N TRP J 210 51.45 5.97 -23.35
CA TRP J 210 50.71 7.25 -23.33
C TRP J 210 49.90 7.38 -22.03
N TRP J 211 49.62 6.27 -21.34
CA TRP J 211 48.76 6.29 -20.12
C TRP J 211 49.59 6.28 -18.83
N PHE J 212 50.91 6.14 -18.96
CA PHE J 212 51.85 5.96 -17.83
C PHE J 212 53.03 6.92 -18.03
N SER J 213 52.82 8.13 -17.56
CA SER J 213 53.79 9.25 -17.50
C SER J 213 54.02 9.60 -16.04
N TRP J 214 55.23 10.00 -15.67
CA TRP J 214 55.53 10.47 -14.30
C TRP J 214 56.68 11.47 -14.35
N ASP J 215 56.92 12.13 -13.23
CA ASP J 215 58.10 13.02 -13.02
C ASP J 215 58.43 12.96 -11.53
N THR J 216 59.32 13.84 -11.06
CA THR J 216 59.87 13.85 -9.69
C THR J 216 59.61 15.21 -9.07
N PRO J 217 58.35 15.65 -8.90
CA PRO J 217 58.06 17.01 -8.48
C PRO J 217 58.12 17.23 -6.96
N ALA J 218 58.17 16.17 -6.16
CA ALA J 218 58.18 16.30 -4.68
C ALA J 218 59.57 16.78 -4.24
N SER J 219 59.63 17.67 -3.24
CA SER J 219 60.92 18.12 -2.63
C SER J 219 61.61 16.96 -1.91
N ARG J 220 62.91 17.10 -1.68
CA ARG J 220 63.72 16.22 -0.81
C ARG J 220 63.04 16.18 0.56
N ASP J 221 62.59 17.34 1.05
CA ASP J 221 61.94 17.48 2.38
C ASP J 221 60.66 16.63 2.41
N ASP J 222 59.80 16.74 1.39
CA ASP J 222 58.52 16.00 1.28
C ASP J 222 58.81 14.50 1.33
N VAL J 223 59.74 14.06 0.48
CA VAL J 223 60.12 12.64 0.32
C VAL J 223 60.71 12.14 1.65
N GLU J 224 61.56 12.93 2.29
CA GLU J 224 62.24 12.48 3.53
C GLU J 224 61.21 12.38 4.67
N GLU J 225 60.22 13.27 4.70
CA GLU J 225 59.19 13.26 5.77
C GLU J 225 58.38 11.95 5.64
N ALA J 226 58.11 11.48 4.42
CA ALA J 226 57.33 10.22 4.19
C ALA J 226 58.20 9.03 4.55
N ARG J 227 59.48 9.07 4.16
CA ARG J 227 60.42 7.95 4.43
C ARG J 227 60.62 7.77 5.93
N ARG J 228 60.70 8.87 6.67
CA ARG J 228 60.82 8.86 8.15
C ARG J 228 59.65 8.10 8.80
N TYR J 229 58.40 8.29 8.33
CA TYR J 229 57.23 7.54 8.86
C TYR J 229 57.53 6.05 8.73
N LEU J 230 57.94 5.61 7.54
CA LEU J 230 58.10 4.15 7.27
C LEU J 230 59.31 3.63 8.05
N ARG J 231 60.36 4.44 8.17
CA ARG J 231 61.56 4.01 8.93
C ARG J 231 61.15 3.83 10.37
N ARG J 232 60.39 4.76 10.93
CA ARG J 232 59.87 4.63 12.31
C ARG J 232 59.07 3.31 12.42
N ALA J 233 58.18 3.03 11.47
CA ALA J 233 57.32 1.82 11.55
C ALA J 233 58.20 0.56 11.55
N ALA J 234 59.31 0.59 10.78
CA ALA J 234 60.20 -0.57 10.55
C ALA J 234 61.21 -0.81 11.69
N GLU J 235 61.47 0.12 12.60
CA GLU J 235 62.53 -0.10 13.63
C GLU J 235 61.93 -0.45 14.99
N LYS J 236 62.53 -1.48 15.59
CA LYS J 236 62.49 -1.94 17.00
C LYS J 236 62.63 -0.69 17.87
N PRO J 237 61.62 -0.26 18.67
CA PRO J 237 61.75 1.01 19.39
C PRO J 237 62.91 0.91 20.39
N ALA J 238 63.63 2.03 20.63
CA ALA J 238 64.81 2.17 21.53
C ALA J 238 64.47 1.68 22.96
N LYS J 239 63.50 2.34 23.61
CA LYS J 239 62.96 1.99 24.94
C LYS J 239 61.50 1.52 24.80
N LEU J 240 61.09 0.52 25.58
CA LEU J 240 59.65 0.14 25.71
C LEU J 240 59.02 0.93 26.85
N LEU J 241 57.85 1.55 26.63
CA LEU J 241 57.17 2.39 27.66
C LEU J 241 56.70 1.53 28.86
N TYR J 242 56.43 0.22 28.74
CA TYR J 242 56.04 -0.61 29.91
C TYR J 242 57.21 -0.68 30.90
N GLU J 243 58.46 -0.49 30.43
CA GLU J 243 59.72 -0.67 31.22
C GLU J 243 59.98 0.51 32.17
N GLU J 244 59.20 1.60 32.09
CA GLU J 244 59.21 2.74 33.07
C GLU J 244 57.76 3.15 33.39
N ALA J 245 56.86 2.15 33.53
CA ALA J 245 55.40 2.30 33.65
C ALA J 245 54.91 1.76 35.01
CAC FLC K . -7.64 -3.63 47.10
CA FLC K . -6.99 -2.82 46.02
CB FLC K . -8.07 -2.19 45.16
CBC FLC K . -8.25 -3.04 43.88
CG FLC K . -7.80 -0.71 44.98
CGC FLC K . -8.10 0.10 46.25
OA1 FLC K . -8.30 -3.00 47.96
OA2 FLC K . -7.59 -4.83 47.00
OB1 FLC K . -8.84 -4.08 44.14
OB2 FLC K . -7.82 -2.69 42.77
OG1 FLC K . -8.11 1.33 46.09
OG2 FLC K . -8.27 -0.47 47.41
OHB FLC K . -9.31 -2.16 45.84
C1 FL0 L . -23.05 12.73 37.48
C2 FL0 L . -22.11 13.31 36.46
C3 FL0 L . -22.92 13.48 35.22
C4 FL0 L . -23.93 14.40 35.21
C5 FL0 L . -24.75 14.43 34.10
C6 FL0 L . -24.52 13.55 33.03
C7 FL0 L . -23.51 12.60 33.07
C8 FL0 L . -22.73 12.54 34.21
O9 FL0 L . -20.90 13.44 36.62
CAC FLC M . 24.10 15.93 37.94
CA FLC M . 23.28 14.79 37.43
CB FLC M . 24.00 14.08 36.30
CBC FLC M . 22.93 13.45 35.41
CG FLC M . 25.00 13.01 36.81
CGC FLC M . 24.91 12.42 38.21
OA1 FLC M . 23.86 17.07 37.50
OA2 FLC M . 25.05 15.62 38.67
OB1 FLC M . 22.24 12.55 35.92
OB2 FLC M . 22.83 13.97 34.26
OG1 FLC M . 25.22 13.13 39.18
OG2 FLC M . 24.64 11.19 38.36
OHB FLC M . 24.63 15.04 35.46
C1 FL0 N . 36.36 -3.33 28.36
C2 FL0 N . 35.02 -3.91 27.95
C3 FL0 N . 35.25 -4.43 26.59
C4 FL0 N . 36.15 -5.46 26.45
C5 FL0 N . 36.41 -5.87 25.15
C6 FL0 N . 35.81 -5.21 24.08
C7 FL0 N . 34.93 -4.15 24.28
C8 FL0 N . 34.66 -3.74 25.56
O9 FL0 N . 33.96 -3.86 28.57
CAC FLC O . -46.32 -9.02 8.80
CA FLC O . -45.24 -8.00 8.81
CB FLC O . -44.76 -7.83 7.38
CBC FLC O . -43.36 -7.37 7.50
CG FLC O . -45.57 -6.75 6.64
CGC FLC O . -46.49 -5.80 7.43
OA1 FLC O . -47.42 -8.69 8.36
OA2 FLC O . -45.99 -10.15 9.11
OB1 FLC O . -43.24 -6.35 8.19
OB2 FLC O . -42.51 -8.16 6.97
OG1 FLC O . -47.46 -6.28 7.95
OG2 FLC O . -46.29 -4.55 7.40
OHB FLC O . -44.61 -9.09 6.69
C1 FL0 P . -44.56 7.08 -10.50
C2 FL0 P . -43.24 6.33 -10.44
C3 FL0 P . -42.31 6.20 -11.62
C4 FL0 P . -42.55 6.89 -12.80
C5 FL0 P . -41.70 6.74 -13.88
C6 FL0 P . -40.58 5.90 -13.79
C7 FL0 P . -40.33 5.20 -12.62
C8 FL0 P . -41.21 5.35 -11.54
O9 FL0 P . -42.97 5.79 -9.38
CAC FLC Q . -30.35 16.04 33.03
CA FLC Q . -29.94 14.83 32.24
CB FLC Q . -28.52 14.40 32.64
CBC FLC Q . -27.87 13.82 31.41
CG FLC Q . -28.52 13.37 33.78
CGC FLC Q . -29.84 12.66 34.16
OA1 FLC Q . -30.55 15.84 34.25
OA2 FLC Q . -30.31 17.17 32.48
OB1 FLC Q . -28.29 12.68 31.08
OB2 FLC Q . -26.99 14.57 30.86
OG1 FLC Q . -30.73 13.34 34.69
OG2 FLC Q . -29.94 11.41 34.00
OHB FLC Q . -27.69 15.53 32.95
C1 FL0 R . -16.08 -1.97 43.46
C2 FL0 R . -15.33 -1.37 42.31
C3 FL0 R . -13.84 -1.53 42.19
C4 FL0 R . -13.12 -2.30 43.11
C5 FL0 R . -11.75 -2.43 42.94
C6 FL0 R . -11.09 -1.80 41.89
C7 FL0 R . -11.83 -1.03 40.98
C8 FL0 R . -13.19 -0.89 41.14
O9 FL0 R . -15.95 -0.76 41.46
CAC FLC S . 33.13 -15.05 -31.13
CA FLC S . 32.15 -13.96 -30.80
CB FLC S . 32.54 -13.27 -29.49
CBC FLC S . 31.26 -12.82 -28.82
CG FLC S . 33.49 -12.07 -29.70
CGC FLC S . 33.70 -11.45 -31.09
OA1 FLC S . 32.88 -16.20 -30.73
OA2 FLC S . 34.19 -14.69 -31.65
OB1 FLC S . 30.56 -12.02 -29.48
OB2 FLC S . 31.04 -13.35 -27.69
OG1 FLC S . 33.34 -10.27 -31.32
OG2 FLC S . 34.35 -12.10 -31.92
OHB FLC S . 33.06 -14.21 -28.55
C1 FL0 T . 41.53 5.75 -19.76
C2 FL0 T . 40.53 5.14 -18.80
C3 FL0 T . 40.55 5.42 -17.32
C4 FL0 T . 41.45 6.33 -16.76
C5 FL0 T . 41.41 6.56 -15.40
C6 FL0 T . 40.48 5.90 -14.59
C7 FL0 T . 39.59 5.01 -15.14
C8 FL0 T . 39.61 4.76 -16.50
O9 FL0 T . 39.66 4.40 -19.25
CAC FLC U . 3.90 3.77 -47.47
CA FLC U . 4.20 2.87 -46.32
CB FLC U . 2.90 2.27 -45.79
CBC FLC U . 2.45 3.12 -44.59
CG FLC U . 3.09 0.79 -45.56
CGC FLC U . 3.23 -0.01 -46.86
OA1 FLC U . 4.01 4.98 -47.31
OA2 FLC U . 3.43 3.21 -48.48
OB1 FLC U . 1.76 4.09 -44.93
OB2 FLC U . 2.82 2.83 -43.43
OG1 FLC U . 3.34 0.57 -48.00
OG2 FLC U . 3.36 -1.23 -46.71
OHB FLC U . 1.87 2.32 -46.76
C1 FL0 V . -12.23 -14.97 -42.02
C2 FL0 V . -12.19 -14.03 -40.84
C3 FL0 V . -13.33 -13.94 -39.86
C4 FL0 V . -14.38 -14.82 -39.92
C5 FL0 V . -15.40 -14.72 -39.00
C6 FL0 V . -15.41 -13.73 -38.02
C7 FL0 V . -14.35 -12.83 -37.94
C8 FL0 V . -13.31 -12.94 -38.87
O9 FL0 V . -11.20 -13.34 -40.71
CAC FLC W . -43.02 7.56 -19.67
CA FLC W . -41.95 6.56 -19.40
CB FLC W . -41.80 6.30 -17.90
CBC FLC W . -40.42 5.74 -17.75
CG FLC W . -42.80 5.25 -17.39
CGC FLC W . -43.46 4.28 -18.37
OA1 FLC W . -44.18 7.14 -19.65
OA2 FLC W . -42.67 8.73 -19.81
OB1 FLC W . -39.62 6.39 -17.01
OB2 FLC W . -40.22 4.73 -18.46
OG1 FLC W . -44.39 4.70 -19.03
OG2 FLC W . -43.12 3.09 -18.40
OHB FLC W . -41.82 7.52 -17.17
C1 FL0 X . -45.69 -8.69 -0.47
C2 FL0 X . -44.42 -7.92 -0.20
C3 FL0 X . -43.84 -7.76 1.20
C4 FL0 X . -44.33 -8.45 2.30
C5 FL0 X . -43.79 -8.23 3.57
C6 FL0 X . -42.77 -7.31 3.73
C7 FL0 X . -42.28 -6.62 2.65
C8 FL0 X . -42.83 -6.84 1.39
O9 FL0 X . -43.90 -7.33 -1.15
CAC FLC Y . -21.02 -16.72 -39.33
CA FLC Y . -20.82 -15.51 -38.47
CB FLC Y . -19.41 -14.96 -38.72
CBC FLC Y . -18.50 -15.37 -37.53
CG FLC Y . -19.46 -13.48 -39.06
CGC FLC Y . -20.33 -13.07 -40.27
OA1 FLC Y . -21.04 -17.82 -38.75
OA2 FLC Y . -21.06 -16.53 -40.59
OB1 FLC Y . -18.57 -14.75 -36.47
OB2 FLC Y . -17.79 -16.35 -37.74
OG1 FLC Y . -20.56 -11.84 -40.36
OG2 FLC Y . -20.89 -13.94 -41.02
OHB FLC Y . -18.88 -15.63 -39.85
C1 FL0 Z . -5.07 1.80 -46.10
C2 FL0 Z . -4.66 1.24 -44.78
C3 FL0 Z . -3.25 1.38 -44.26
C4 FL0 Z . -2.32 2.16 -44.94
C5 FL0 Z . -1.04 2.29 -44.42
C6 FL0 Z . -0.69 1.63 -43.25
C7 FL0 Z . -1.62 0.86 -42.57
C8 FL0 Z . -2.91 0.72 -43.09
O9 FL0 Z . -5.49 0.61 -44.12
CAC FLC AA . 45.45 8.82 -11.70
CA FLC AA . 44.63 7.78 -11.02
CB FLC AA . 43.68 7.19 -12.06
CBC FLC AA . 42.35 6.92 -11.38
CG FLC AA . 44.25 5.91 -12.69
CGC FLC AA . 45.48 5.22 -12.08
OA1 FLC AA . 45.06 9.99 -11.61
OA2 FLC AA . 46.34 8.41 -12.43
OB1 FLC AA . 41.37 7.58 -11.80
OB2 FLC AA . 42.40 6.11 -10.43
OG1 FLC AA . 45.31 4.08 -11.58
OG2 FLC AA . 46.59 5.73 -12.20
OHB FLC AA . 43.41 8.18 -13.04
C1 FL0 BA . 37.46 -10.90 -24.86
C2 FL0 BA . 36.60 -11.04 -23.63
C3 FL0 BA . 35.27 -11.28 -24.25
C4 FL0 BA . 35.16 -12.33 -25.16
C5 FL0 BA . 33.95 -12.48 -25.80
C6 FL0 BA . 32.91 -11.60 -25.57
C7 FL0 BA . 33.05 -10.55 -24.68
C8 FL0 BA . 34.26 -10.37 -24.03
O9 FL0 BA . 36.89 -10.82 -22.46
CAC FLC CA . 41.48 -7.68 22.56
CA FLC CA . 40.68 -6.78 21.65
CB FLC CA . 39.49 -6.22 22.41
CBC FLC CA . 38.39 -5.90 21.40
CG FLC CA . 39.92 -4.97 23.20
CGC FLC CA . 41.26 -4.28 22.89
OA1 FLC CA . 42.18 -7.13 23.41
OA2 FLC CA . 41.33 -8.91 22.44
OB1 FLC CA . 37.32 -6.58 21.56
OB2 FLC CA . 38.65 -5.05 20.52
OG1 FLC CA . 41.23 -3.14 22.40
OG2 FLC CA . 42.36 -4.81 23.24
OHB FLC CA . 38.91 -7.22 23.24
C1 FL0 DA . 30.21 11.02 32.62
C2 FL0 DA . 29.56 11.74 31.48
C3 FL0 DA . 28.19 12.09 31.89
C4 FL0 DA . 27.13 11.30 31.45
C5 FL0 DA . 25.83 11.59 31.86
C6 FL0 DA . 25.65 12.65 32.76
C7 FL0 DA . 26.74 13.44 33.18
C8 FL0 DA . 28.03 13.14 32.78
O9 FL0 DA . 30.07 11.93 30.40
#